data_6KIU
#
_entry.id   6KIU
#
_cell.length_a   1.00
_cell.length_b   1.00
_cell.length_c   1.00
_cell.angle_alpha   90.00
_cell.angle_beta   90.00
_cell.angle_gamma   90.00
#
_symmetry.space_group_name_H-M   'P 1'
#
loop_
_entity.id
_entity.type
_entity.pdbx_description
1 polymer 'Histone H3'
2 polymer 'Histone H4'
3 polymer 'Histone H2A'
4 polymer 'Histone H2B 1.1'
5 polymer 'DNA (145-MER)'
6 polymer 'DNA (145-MER)'
7 polymer 'Histone-lysine N-methyltransferase 2A'
8 polymer 'Retinoblastoma-binding protein 5'
9 polymer 'WD repeat-containing protein 5'
10 polymer 'Set1/Ash2 histone methyltransferase complex subunit ASH2'
11 polymer Ubiquitin
12 non-polymer S-ADENOSYL-L-HOMOCYSTEINE
13 non-polymer 'ZINC ION'
14 non-polymer LYSINE
15 non-polymer GLUTAMINE
#
loop_
_entity_poly.entity_id
_entity_poly.type
_entity_poly.pdbx_seq_one_letter_code
_entity_poly.pdbx_strand_id
1 'polypeptide(L)'
;ARTKQTARKSTGGKAPRKQLATKAARKSAPATGGVKKPHRYRPGTVALREIRRYQKSTELLIRKLPFQRLVREIAQDFKT
DLRFQSSAVMALQEASEAYLVALFEDTNLCAIHAKRVTIMPKDIQLARRIRGERA
;
A,E
2 'polypeptide(L)'
;SGRGKGGKGLGKGGAKRHRKVLRDNIQGITKPAIRRLARRGGVKRISGLIYEETRGVLKVFLENVIRDAVTYTEHAKRKT
VTAMDVVYALKRQGRTLYGFGG
;
B,F
3 'polypeptide(L)'
;SGRGKQGGKTRAKAKTRSSRAGLQFPVGRVHRLLRKGNYAERVGAGAPVYLAAVLEYLTAEILELAGNAARDNKKTRIIP
RHLQLAVRNDEELNKLLGRVTIAQGGVLPNIQSVLLPKKTESSKSAKSK
;
C,G
4 'polypeptide(L)'
;AKSAPAPKKGSKKAVTKTQKKDGKKRRKTRKESYAIYVYKVLKQVHPDTGISSKAMSIMNSFVNDVFERIAGEASRLAHY
NKRSTITSREIQTAVRLLLPGELAKHAVSEGTKAVTCYTSAK
;
D,H
5 'polydeoxyribonucleotide'
;(DT)(DC)(DG)(DA)(DG)(DA)(DA)(DT)(DC)(DC)(DC)(DG)(DG)(DT)(DG)(DC)(DC)(DG)(DA)(DG)
(DG)(DC)(DC)(DG)(DC)(DT)(DC)(DA)(DA)(DT)(DT)(DG)(DG)(DT)(DC)(DG)(DT)(DA)(DG)(DA)
(DC)(DA)(DG)(DC)(DT)(DC)(DT)(DA)(DG)(DC)(DA)(DC)(DC)(DG)(DC)(DT)(DT)(DA)(DA)(DA)
(DC)(DG)(DC)(DA)(DC)(DG)(DT)(DA)(DC)(DG)(DC)(DG)(DC)(DT)(DG)(DT)(DC)(DC)(DC)(DC)
(DC)(DG)(DC)(DG)(DT)(DT)(DT)(DT)(DA)(DA)(DC)(DC)(DG)(DC)(DC)(DA)(DA)(DG)(DG)(DG)
(DG)(DA)(DT)(DT)(DA)(DC)(DT)(DC)(DC)(DC)(DT)(DA)(DG)(DT)(DC)(DT)(DC)(DC)(DA)(DG)
(DG)(DC)(DA)(DC)(DG)(DT)(DG)(DT)(DC)(DA)(DG)(DA)(DT)(DA)(DT)(DA)(DT)(DA)(DC)(DA)
(DT)(DC)(DC)(DG)(DA)
;
I
6 'polydeoxyribonucleotide'
;(DT)(DC)(DG)(DG)(DA)(DT)(DG)(DT)(DA)(DT)(DA)(DT)(DA)(DT)(DC)(DT)(DG)(DA)(DC)(DA)
(DC)(DG)(DT)(DG)(DC)(DC)(DT)(DG)(DG)(DA)(DG)(DA)(DC)(DT)(DA)(DG)(DG)(DG)(DA)(DG)
(DT)(DA)(DA)(DT)(DC)(DC)(DC)(DC)(DT)(DT)(DG)(DG)(DC)(DG)(DG)(DT)(DT)(DA)(DA)(DA)
(DA)(DC)(DG)(DC)(DG)(DG)(DG)(DG)(DG)(DA)(DC)(DA)(DG)(DC)(DG)(DC)(DG)(DT)(DA)(DC)
(DG)(DT)(DG)(DC)(DG)(DT)(DT)(DT)(DA)(DA)(DG)(DC)(DG)(DG)(DT)(DG)(DC)(DT)(DA)(DG)
(DA)(DG)(DC)(DT)(DG)(DT)(DC)(DT)(DA)(DC)(DG)(DA)(DC)(DC)(DA)(DA)(DT)(DT)(DG)(DA)
(DG)(DC)(DG)(DG)(DC)(DC)(DT)(DC)(DG)(DG)(DC)(DA)(DC)(DC)(DG)(DG)(DG)(DA)(DT)(DT)
(DC)(DT)(DC)(DG)(DA)
;
J
7 'polypeptide(L)'
;NEPPLNPHGSARAEVHLRKSAFDMFNFLASKHRQPPEYNPNDEEEEEVQLKSARRATSMDLPMPMRFRHLKKTSKEAVGV
YRSPIHGRGLFCKRNIDAGEMVIEYAGNVIRSIQTDKREKYYDSKGIGCYMFRIDDSEVVDATMHGNAARFINHSCEPNC
YSRVINIDGQKHIVIFAMRKIYRGEELTYDYKFPIEDASNKLPCNCGAKKCRKFLN
;
K
8 'polypeptide(L)'
;MNLELLESFGQNYPEEADGTLDCISMALTCTFNRWGTLLAVGCNDGRIVIWDFLTRGIAKIISAHIHPVCSLCWSRDGHK
LVSASTDNIVSQWDVLSGDCDQRFRFPSPILKVQYHPRDQNKVLVCPMKSAPVMLTLSDSKHVVLPVDDDSDLNVVASFD
RRGEYIYTGNAKGKILVLKTDSQDLVASFRVTTGTSNTTAIKSIEFARKGSCFLINTADRIIRVYDGREILTCGRDGEPE
PMQKLQDLVNRTPWKKCCFSGDGEYIVAGSARQHALYIWEKSIGNLVKILHGTRGELLLDVAWHPVRPIIASISSGVVSI
WAQNQVENWSAFAPDFKELDENVEYEERESEFDIEDEDKSEPEQTGADAAEDEEVDVTSVDPIAAFCSSDEELEDSKALL
YLPIAPEVEDPEENPYGPPPDAVQTSLMDEGASSEKKRQSSADGSQPPKKKPKTTNIELQGVPNDEVHPLLGVKGDGKSK
KKQAGRPKGSKGKEKDSPFKPKLYKGDRGLPLEGSAKGKVQAELSQPLTAGGAISELL
;
N
9 'polypeptide(L)'
;MATEEKKPETEAARAQPTPSSSATQSKPTPVKPNYALKFTLAGHTKAVSSVKFSPNGEWLASSSADKLIKIWGAYDGKFE
KTISGHKLGISDVAWSSDSNLLVSASDDKTLKIWDVSSGKCLKTLKGHSNYVFCCNFNPQSNLIVSGSFDESVRIWDVKT
GKCLKTLPAHSDPVSAVHFNRDGSLIVSSSYDGLCRIWDTASGQCLKTLIDDDNPPVSFVKFSPNGKYILAATLDNTLKL
WDYSKGKCLKTYTGHKNEKYCIFANFSVTGGKWIVSGSEDNLVYIWNLQTKEIVQKLQGHTDVVISTACHPTENIIASAA
LENDKTIKLWKSDC
;
R
10 'polypeptide(L)'
;MDTQAGSVDEENGRQLGEVELQCGICTKWFTADTFGIDTSSCLPFMTNYSFHCNVCHHSGNTYFLRKQANLKEMCLSALA
NLTWQSRTQDEHPKTMFSKDKDIIPFIDKYWECMTTRQRPGKMTWPNNIVKTMSKERDVFLVKEHPDPGSKDPEEDYPKF
GLLDQDLSNIGPAYDNQKQSSAVSTSGNLNGGIAAGSSGKGRGAKRKQQDGGTTGTTKKARSDPLFSAQRLPPHGYPLEH
PFNKDGYRYILAEPDPHAPDPEKLELDCWAGKPIPGDLYRACLYERVLLALHDRAPQLKISDDRLTVVGEKGYSMVRASH
GVRKGAWYFEITVDEMPPDTAARLGWSQPLGNLQAPLGYDKFSYSWRSKKGTKFHQSIGKHYSSGYGQGDVLGFYINLPE
DTETAKSLPDTYKDKALIKFKSYLYFEEKDFVDKAEKSLKQTPHSEIIFYKNGVNQGVAYKDIFEGVYFPAISLYKSCTV
SINFGPCFKYPPKDLTYRPMSDMGWGAVVEHTLADVLYHVETEVDGRRSPPWEP
;
T
11 'polypeptide(L)' MQIFVKTLTGKTITLEVEPSDTIENVKAKIQDKEGIPPDQQRLIFAGKQLEDGRTLSDYNIQKESTLHLVLRLRGC O
#
# COMPACT_ATOMS: atom_id res chain seq x y z
N PRO A 38 63.05 -22.44 0.35
CA PRO A 38 63.20 -23.90 0.40
C PRO A 38 62.26 -24.55 1.41
N HIS A 39 62.37 -24.14 2.67
CA HIS A 39 61.52 -24.70 3.71
C HIS A 39 60.10 -24.19 3.57
N ARG A 40 59.16 -25.12 3.43
CA ARG A 40 57.74 -24.81 3.45
C ARG A 40 57.02 -25.86 4.27
N TYR A 41 56.00 -25.43 5.00
CA TYR A 41 55.18 -26.37 5.75
C TYR A 41 54.15 -27.02 4.85
N ARG A 42 53.78 -28.24 5.21
CA ARG A 42 52.71 -28.94 4.53
C ARG A 42 51.40 -28.24 4.86
N PRO A 43 50.50 -28.05 3.87
CA PRO A 43 49.32 -27.21 4.08
C PRO A 43 48.32 -27.81 5.07
N GLY A 44 48.08 -27.07 6.15
CA GLY A 44 47.25 -27.51 7.25
C GLY A 44 47.89 -27.22 8.59
N THR A 45 49.22 -27.17 8.59
CA THR A 45 49.98 -27.05 9.83
C THR A 45 49.84 -25.65 10.42
N VAL A 46 50.00 -24.62 9.58
CA VAL A 46 49.86 -23.25 10.05
C VAL A 46 48.41 -22.96 10.41
N ALA A 47 47.47 -23.63 9.74
CA ALA A 47 46.05 -23.51 10.09
C ALA A 47 45.78 -24.05 11.49
N LEU A 48 46.33 -25.21 11.81
CA LEU A 48 46.11 -25.77 13.15
C LEU A 48 46.77 -24.93 14.24
N ARG A 49 47.97 -24.41 13.99
CA ARG A 49 48.57 -23.64 15.06
C ARG A 49 47.97 -22.24 15.18
N GLU A 50 47.38 -21.70 14.11
CA GLU A 50 46.59 -20.48 14.28
C GLU A 50 45.29 -20.73 15.01
N ILE A 51 44.70 -21.92 14.86
CA ILE A 51 43.53 -22.29 15.67
C ILE A 51 43.87 -22.28 17.14
N ARG A 52 45.00 -22.88 17.51
CA ARG A 52 45.42 -22.87 18.91
C ARG A 52 45.75 -21.47 19.41
N ARG A 53 46.41 -20.67 18.56
CA ARG A 53 46.82 -19.33 18.96
C ARG A 53 45.64 -18.40 19.18
N TYR A 54 44.61 -18.50 18.34
CA TYR A 54 43.46 -17.62 18.53
C TYR A 54 42.43 -18.17 19.51
N GLN A 55 42.45 -19.46 19.82
CA GLN A 55 41.63 -19.91 20.94
C GLN A 55 42.31 -19.70 22.29
N LYS A 56 43.60 -19.35 22.32
CA LYS A 56 44.22 -19.08 23.61
C LYS A 56 43.97 -17.65 24.10
N SER A 57 43.85 -16.68 23.20
CA SER A 57 43.79 -15.28 23.59
C SER A 57 42.36 -14.79 23.73
N THR A 58 42.21 -13.58 24.28
CA THR A 58 40.94 -12.88 24.39
C THR A 58 41.15 -11.44 23.94
N GLU A 59 40.80 -11.13 22.70
CA GLU A 59 40.94 -9.78 22.19
C GLU A 59 39.89 -9.56 21.12
N LEU A 60 39.83 -8.34 20.61
CA LEU A 60 38.92 -8.04 19.51
C LEU A 60 39.62 -8.36 18.19
N LEU A 61 38.91 -9.05 17.32
CA LEU A 61 39.48 -9.59 16.09
C LEU A 61 39.05 -8.81 14.86
N ILE A 62 38.40 -7.68 15.05
CA ILE A 62 38.02 -6.76 13.98
C ILE A 62 38.63 -5.40 14.30
N ARG A 63 39.14 -4.72 13.29
CA ARG A 63 39.59 -3.34 13.45
C ARG A 63 38.41 -2.44 13.81
N LYS A 64 38.66 -1.42 14.61
CA LYS A 64 37.54 -0.74 15.25
C LYS A 64 37.14 0.59 14.61
N LEU A 65 38.02 1.28 13.89
CA LEU A 65 37.52 2.37 13.08
C LEU A 65 36.63 1.95 11.90
N PRO A 66 36.93 0.89 11.13
CA PRO A 66 35.94 0.45 10.13
C PRO A 66 34.63 -0.05 10.74
N PHE A 67 34.68 -0.67 11.92
CA PHE A 67 33.44 -1.11 12.55
C PHE A 67 32.62 0.06 13.03
N GLN A 68 33.28 1.10 13.54
CA GLN A 68 32.56 2.30 13.96
C GLN A 68 31.90 3.00 12.78
N ARG A 69 32.60 3.06 11.64
CA ARG A 69 31.98 3.63 10.44
C ARG A 69 30.80 2.81 9.96
N LEU A 70 30.88 1.48 10.05
CA LEU A 70 29.75 0.63 9.68
C LEU A 70 28.54 0.86 10.57
N VAL A 71 28.76 0.99 11.88
CA VAL A 71 27.67 1.22 12.83
C VAL A 71 26.98 2.55 12.55
N ARG A 72 27.77 3.62 12.35
CA ARG A 72 27.19 4.93 12.11
C ARG A 72 26.45 4.99 10.78
N GLU A 73 26.97 4.30 9.76
CA GLU A 73 26.29 4.28 8.47
C GLU A 73 24.95 3.56 8.54
N ILE A 74 24.90 2.34 9.10
CA ILE A 74 23.62 1.66 9.12
C ILE A 74 22.73 2.09 10.28
N ALA A 75 23.18 3.04 11.10
CA ALA A 75 22.28 3.74 11.99
C ALA A 75 21.76 5.04 11.39
N GLN A 76 22.38 5.53 10.32
CA GLN A 76 21.95 6.78 9.70
C GLN A 76 20.58 6.68 9.04
N ASP A 77 20.10 5.47 8.74
CA ASP A 77 18.81 5.29 8.08
C ASP A 77 17.66 5.10 9.05
N PHE A 78 17.86 5.44 10.32
CA PHE A 78 16.82 5.36 11.34
C PHE A 78 16.55 6.69 12.02
N LYS A 79 17.55 7.55 12.13
CA LYS A 79 17.44 8.85 12.76
C LYS A 79 18.65 9.65 12.33
N THR A 80 18.43 10.82 11.74
CA THR A 80 19.56 11.62 11.26
C THR A 80 20.22 12.33 12.43
N ASP A 81 21.56 12.37 12.38
CA ASP A 81 22.44 13.03 13.35
C ASP A 81 22.25 12.44 14.76
N LEU A 82 22.61 11.18 14.87
CA LEU A 82 22.81 10.56 16.18
C LEU A 82 24.24 10.77 16.64
N ARG A 83 24.48 10.40 17.89
CA ARG A 83 25.72 10.77 18.55
C ARG A 83 26.07 9.65 19.54
N PHE A 84 26.86 8.69 19.08
CA PHE A 84 27.16 7.52 19.89
C PHE A 84 28.17 7.84 20.98
N GLN A 85 28.16 7.04 22.04
CA GLN A 85 29.23 7.03 23.00
C GLN A 85 30.35 6.11 22.51
N SER A 86 31.31 5.80 23.36
CA SER A 86 32.36 4.86 23.01
C SER A 86 32.08 3.46 23.54
N SER A 87 31.51 3.36 24.73
CA SER A 87 31.14 2.06 25.29
C SER A 87 29.97 1.44 24.56
N ALA A 88 29.14 2.25 23.90
CA ALA A 88 28.08 1.68 23.06
C ALA A 88 28.66 0.93 21.86
N VAL A 89 29.64 1.52 21.19
CA VAL A 89 30.28 0.86 20.06
C VAL A 89 31.10 -0.35 20.53
N MET A 90 31.71 -0.27 21.72
CA MET A 90 32.42 -1.44 22.24
C MET A 90 31.48 -2.58 22.59
N ALA A 91 30.30 -2.26 23.12
CA ALA A 91 29.31 -3.30 23.43
C ALA A 91 28.79 -3.96 22.16
N LEU A 92 28.54 -3.16 21.12
CA LEU A 92 28.09 -3.74 19.85
C LEU A 92 29.15 -4.62 19.22
N GLN A 93 30.42 -4.27 19.37
CA GLN A 93 31.48 -5.07 18.78
C GLN A 93 31.66 -6.40 19.52
N GLU A 94 31.56 -6.37 20.85
CA GLU A 94 31.57 -7.60 21.65
C GLU A 94 30.45 -8.56 21.24
N ALA A 95 29.22 -8.03 21.15
CA ALA A 95 28.07 -8.87 20.82
C ALA A 95 28.16 -9.46 19.41
N SER A 96 28.64 -8.67 18.45
CA SER A 96 28.74 -9.14 17.07
C SER A 96 29.80 -10.23 16.92
N GLU A 97 30.95 -10.03 17.57
CA GLU A 97 32.02 -11.05 17.53
C GLU A 97 31.57 -12.36 18.13
N ALA A 98 30.86 -12.32 19.27
CA ALA A 98 30.39 -13.55 19.90
C ALA A 98 29.37 -14.29 19.04
N TYR A 99 28.48 -13.54 18.38
CA TYR A 99 27.49 -14.15 17.50
C TYR A 99 28.14 -14.88 16.33
N LEU A 100 29.14 -14.25 15.69
CA LEU A 100 29.77 -14.87 14.53
C LEU A 100 30.61 -16.09 14.92
N VAL A 101 31.25 -16.09 16.09
CA VAL A 101 32.02 -17.25 16.51
C VAL A 101 31.10 -18.46 16.77
N ALA A 102 29.94 -18.24 17.41
CA ALA A 102 29.05 -19.37 17.64
C ALA A 102 28.43 -19.91 16.35
N LEU A 103 28.17 -19.01 15.39
CA LEU A 103 27.65 -19.45 14.09
C LEU A 103 28.68 -20.29 13.34
N PHE A 104 29.97 -19.94 13.44
CA PHE A 104 30.99 -20.74 12.77
C PHE A 104 31.21 -22.09 13.43
N GLU A 105 31.01 -22.21 14.74
CA GLU A 105 31.08 -23.53 15.37
C GLU A 105 29.98 -24.48 14.85
N ASP A 106 28.75 -23.97 14.77
CA ASP A 106 27.67 -24.83 14.27
C ASP A 106 27.80 -25.15 12.79
N THR A 107 28.34 -24.19 12.01
CA THR A 107 28.62 -24.43 10.60
C THR A 107 29.66 -25.53 10.42
N ASN A 108 30.70 -25.53 11.27
CA ASN A 108 31.73 -26.57 11.19
C ASN A 108 31.15 -27.95 11.50
N LEU A 109 30.22 -28.03 12.44
CA LEU A 109 29.59 -29.33 12.71
C LEU A 109 28.76 -29.83 11.54
N CYS A 110 28.06 -28.91 10.85
CA CYS A 110 27.32 -29.31 9.64
C CYS A 110 28.25 -29.83 8.54
N ALA A 111 29.38 -29.14 8.32
CA ALA A 111 30.31 -29.58 7.28
C ALA A 111 30.98 -30.90 7.61
N ILE A 112 31.23 -31.18 8.89
CA ILE A 112 31.76 -32.50 9.26
C ILE A 112 30.70 -33.57 9.08
N HIS A 113 29.43 -33.24 9.34
CA HIS A 113 28.34 -34.21 9.11
C HIS A 113 28.21 -34.58 7.65
N ALA A 114 28.49 -33.66 6.73
CA ALA A 114 28.43 -34.00 5.32
C ALA A 114 29.67 -34.71 4.80
N LYS A 115 30.57 -35.17 5.69
CA LYS A 115 31.81 -35.86 5.36
C LYS A 115 32.71 -35.03 4.44
N ARG A 116 32.97 -33.80 4.86
CA ARG A 116 33.90 -32.89 4.22
C ARG A 116 34.78 -32.25 5.28
N VAL A 117 35.64 -31.35 4.82
CA VAL A 117 36.44 -30.50 5.69
C VAL A 117 36.20 -29.03 5.39
N THR A 118 36.08 -28.68 4.12
CA THR A 118 35.89 -27.30 3.71
C THR A 118 34.47 -26.85 3.98
N ILE A 119 34.34 -25.65 4.55
CA ILE A 119 33.05 -25.06 4.84
C ILE A 119 32.53 -24.28 3.64
N MET A 120 31.28 -24.53 3.27
CA MET A 120 30.57 -23.96 2.14
C MET A 120 29.35 -23.19 2.66
N PRO A 121 28.79 -22.25 1.88
CA PRO A 121 27.71 -21.42 2.43
C PRO A 121 26.38 -22.14 2.66
N LYS A 122 26.14 -23.29 2.04
CA LYS A 122 24.92 -24.02 2.34
C LYS A 122 24.95 -24.63 3.73
N ASP A 123 26.13 -24.80 4.32
CA ASP A 123 26.25 -25.18 5.72
C ASP A 123 25.75 -24.07 6.63
N ILE A 124 26.09 -22.81 6.30
CA ILE A 124 25.59 -21.66 7.04
C ILE A 124 24.09 -21.58 6.95
N GLN A 125 23.54 -21.83 5.76
CA GLN A 125 22.09 -21.80 5.58
C GLN A 125 21.39 -22.88 6.38
N LEU A 126 21.96 -24.09 6.41
CA LEU A 126 21.37 -25.17 7.20
C LEU A 126 21.41 -24.86 8.70
N ALA A 127 22.50 -24.28 9.17
CA ALA A 127 22.62 -23.93 10.58
C ALA A 127 21.62 -22.86 10.98
N ARG A 128 21.49 -21.81 10.17
CA ARG A 128 20.56 -20.75 10.51
C ARG A 128 19.11 -21.13 10.29
N ARG A 129 18.83 -22.20 9.55
CA ARG A 129 17.44 -22.59 9.43
C ARG A 129 17.02 -23.62 10.47
N ILE A 130 17.94 -24.49 10.91
CA ILE A 130 17.60 -25.39 12.01
C ILE A 130 17.47 -24.61 13.31
N ARG A 131 18.31 -23.60 13.51
CA ARG A 131 18.33 -22.84 14.75
C ARG A 131 17.04 -22.05 14.96
N GLY A 132 16.43 -21.55 13.89
CA GLY A 132 15.17 -20.86 14.01
C GLY A 132 15.27 -19.39 13.65
N GLU A 133 16.18 -19.06 12.74
CA GLU A 133 16.41 -17.69 12.33
C GLU A 133 15.96 -17.40 10.90
N ARG A 134 15.89 -18.41 10.05
CA ARG A 134 15.47 -18.24 8.66
C ARG A 134 14.88 -19.53 8.11
N LEU B 22 26.75 7.17 1.57
CA LEU B 22 27.77 6.19 1.94
C LEU B 22 27.40 4.82 1.40
N ARG B 23 28.34 4.19 0.70
CA ARG B 23 28.12 2.90 0.06
C ARG B 23 29.02 1.80 0.59
N ASP B 24 30.23 2.13 1.03
CA ASP B 24 31.20 1.19 1.55
C ASP B 24 30.87 0.82 2.99
N ASN B 25 31.89 0.33 3.70
CA ASN B 25 31.99 0.01 5.12
C ASN B 25 31.40 -1.35 5.43
N ILE B 26 30.71 -2.00 4.50
CA ILE B 26 30.53 -3.44 4.59
C ILE B 26 31.72 -4.13 3.95
N GLN B 27 32.47 -3.42 3.11
CA GLN B 27 33.73 -3.88 2.56
C GLN B 27 34.87 -3.70 3.56
N GLY B 28 34.67 -2.85 4.58
CA GLY B 28 35.68 -2.63 5.59
C GLY B 28 35.89 -3.80 6.53
N ILE B 29 34.95 -4.73 6.58
CA ILE B 29 35.15 -5.99 7.28
C ILE B 29 35.95 -6.88 6.35
N THR B 30 37.26 -6.89 6.50
CA THR B 30 38.14 -7.40 5.47
C THR B 30 38.18 -8.93 5.50
N LYS B 31 39.12 -9.48 4.79
CA LYS B 31 39.21 -10.92 4.63
C LYS B 31 40.56 -11.47 5.11
N PRO B 32 41.20 -10.89 6.13
CA PRO B 32 41.78 -11.74 7.17
C PRO B 32 40.98 -11.75 8.45
N ALA B 33 39.99 -10.86 8.58
CA ALA B 33 39.25 -10.78 9.84
C ALA B 33 38.24 -11.90 9.97
N ILE B 34 37.52 -12.20 8.88
CA ILE B 34 36.62 -13.35 8.82
C ILE B 34 37.40 -14.63 9.02
N ARG B 35 38.65 -14.67 8.54
CA ARG B 35 39.51 -15.83 8.74
C ARG B 35 39.86 -16.02 10.21
N ARG B 36 40.15 -14.94 10.92
CA ARG B 36 40.46 -15.04 12.35
C ARG B 36 39.25 -15.43 13.17
N LEU B 37 38.06 -14.94 12.80
CA LEU B 37 36.85 -15.37 13.49
C LEU B 37 36.56 -16.84 13.23
N ALA B 38 36.81 -17.30 12.01
CA ALA B 38 36.60 -18.71 11.69
C ALA B 38 37.60 -19.59 12.40
N ARG B 39 38.81 -19.11 12.67
CA ARG B 39 39.76 -19.96 13.37
C ARG B 39 39.56 -19.97 14.88
N ARG B 40 39.05 -18.88 15.46
CA ARG B 40 38.57 -18.97 16.84
C ARG B 40 37.37 -19.90 16.93
N GLY B 41 36.54 -19.95 15.89
CA GLY B 41 35.48 -20.95 15.84
C GLY B 41 35.96 -22.37 15.68
N GLY B 42 37.16 -22.58 15.14
CA GLY B 42 37.74 -23.90 15.03
C GLY B 42 37.73 -24.52 13.66
N VAL B 43 37.95 -23.71 12.62
CA VAL B 43 37.74 -24.10 11.22
C VAL B 43 39.08 -24.18 10.52
N LYS B 44 39.30 -25.27 9.79
CA LYS B 44 40.59 -25.55 9.17
C LYS B 44 40.69 -25.08 7.72
N ARG B 45 39.62 -25.16 6.94
CA ARG B 45 39.72 -24.89 5.51
C ARG B 45 38.43 -24.22 5.04
N ILE B 46 38.55 -23.06 4.40
CA ILE B 46 37.43 -22.15 4.14
C ILE B 46 37.29 -21.96 2.62
N SER B 47 36.05 -21.89 2.14
CA SER B 47 35.79 -21.66 0.71
C SER B 47 35.96 -20.18 0.36
N GLY B 48 35.45 -19.77 -0.80
CA GLY B 48 35.60 -18.39 -1.21
C GLY B 48 34.32 -17.59 -1.38
N LEU B 49 33.20 -18.13 -0.93
CA LEU B 49 31.91 -17.46 -0.95
C LEU B 49 31.41 -17.12 0.45
N ILE B 50 32.04 -17.73 1.46
CA ILE B 50 31.82 -17.49 2.88
C ILE B 50 31.94 -16.02 3.23
N TYR B 51 32.78 -15.29 2.51
CA TYR B 51 33.05 -13.88 2.78
C TYR B 51 31.81 -13.01 2.57
N GLU B 52 31.19 -13.14 1.39
CA GLU B 52 29.98 -12.36 1.13
C GLU B 52 28.79 -12.87 1.95
N GLU B 53 28.70 -14.18 2.15
CA GLU B 53 27.63 -14.72 3.01
C GLU B 53 27.72 -14.19 4.44
N THR B 54 28.94 -14.11 4.98
CA THR B 54 29.16 -13.63 6.33
C THR B 54 28.87 -12.14 6.44
N ARG B 55 29.20 -11.36 5.41
CA ARG B 55 28.88 -9.94 5.43
C ARG B 55 27.37 -9.70 5.45
N GLY B 56 26.61 -10.52 4.72
CA GLY B 56 25.17 -10.40 4.77
C GLY B 56 24.59 -10.74 6.14
N VAL B 57 25.09 -11.82 6.76
CA VAL B 57 24.65 -12.24 8.10
C VAL B 57 24.89 -11.14 9.13
N LEU B 58 26.09 -10.55 9.11
CA LEU B 58 26.44 -9.52 10.08
C LEU B 58 25.60 -8.26 9.89
N LYS B 59 25.31 -7.89 8.64
CA LYS B 59 24.51 -6.68 8.43
C LYS B 59 23.08 -6.86 8.92
N VAL B 60 22.50 -8.06 8.74
CA VAL B 60 21.14 -8.30 9.23
C VAL B 60 21.08 -8.25 10.76
N PHE B 61 22.04 -8.88 11.44
CA PHE B 61 22.06 -8.88 12.91
C PHE B 61 22.22 -7.46 13.46
N LEU B 62 23.15 -6.69 12.89
CA LEU B 62 23.36 -5.33 13.36
C LEU B 62 22.17 -4.42 13.11
N GLU B 63 21.43 -4.61 12.01
CA GLU B 63 20.23 -3.80 11.79
C GLU B 63 19.17 -4.07 12.83
N ASN B 64 18.94 -5.35 13.17
CA ASN B 64 17.93 -5.67 14.18
C ASN B 64 18.30 -5.14 15.56
N VAL B 65 19.58 -5.03 15.89
CA VAL B 65 19.91 -4.49 17.22
C VAL B 65 19.85 -2.95 17.23
N ILE B 66 20.40 -2.31 16.19
CA ILE B 66 20.42 -0.84 16.10
C ILE B 66 19.02 -0.25 16.11
N ARG B 67 18.06 -0.94 15.50
CA ARG B 67 16.69 -0.41 15.44
C ARG B 67 16.05 -0.29 16.83
N ASP B 68 16.19 -1.32 17.66
CA ASP B 68 15.66 -1.27 19.02
C ASP B 68 16.42 -0.30 19.92
N ALA B 69 17.75 -0.18 19.73
CA ALA B 69 18.50 0.80 20.52
C ALA B 69 18.05 2.23 20.22
N VAL B 70 17.78 2.52 18.96
CA VAL B 70 17.33 3.86 18.59
C VAL B 70 15.91 4.10 19.07
N THR B 71 15.07 3.06 19.12
CA THR B 71 13.73 3.19 19.69
C THR B 71 13.76 3.56 21.18
N TYR B 72 14.61 2.89 21.98
CA TYR B 72 14.74 3.26 23.40
C TYR B 72 15.28 4.68 23.56
N THR B 73 16.21 5.08 22.70
CA THR B 73 16.77 6.43 22.78
C THR B 73 15.73 7.50 22.45
N GLU B 74 14.90 7.26 21.43
CA GLU B 74 13.84 8.21 21.10
C GLU B 74 12.78 8.29 22.18
N HIS B 75 12.47 7.17 22.84
CA HIS B 75 11.49 7.24 23.91
C HIS B 75 12.03 7.98 25.12
N ALA B 76 13.33 7.87 25.40
CA ALA B 76 13.89 8.60 26.53
C ALA B 76 14.05 10.08 26.28
N LYS B 77 13.77 10.54 25.05
CA LYS B 77 13.90 11.93 24.60
C LYS B 77 15.35 12.40 24.74
N ARG B 78 16.25 11.67 24.08
CA ARG B 78 17.65 12.05 24.04
C ARG B 78 18.15 12.11 22.60
N LYS B 79 19.45 12.31 22.45
CA LYS B 79 20.11 12.31 21.15
C LYS B 79 21.35 11.45 21.12
N THR B 80 21.75 10.85 22.24
CA THR B 80 22.89 9.96 22.30
C THR B 80 22.44 8.54 22.61
N VAL B 81 23.12 7.58 22.00
CA VAL B 81 22.87 6.17 22.25
C VAL B 81 23.86 5.73 23.32
N THR B 82 23.37 5.43 24.52
CA THR B 82 24.22 5.03 25.62
C THR B 82 24.45 3.53 25.57
N ALA B 83 25.24 3.02 26.52
CA ALA B 83 25.51 1.59 26.54
C ALA B 83 24.33 0.79 27.04
N MET B 84 23.51 1.39 27.90
CA MET B 84 22.39 0.67 28.49
C MET B 84 21.29 0.43 27.48
N ASP B 85 21.17 1.28 26.47
CA ASP B 85 20.17 1.05 25.43
C ASP B 85 20.56 -0.15 24.58
N VAL B 86 21.85 -0.33 24.33
CA VAL B 86 22.36 -1.49 23.63
C VAL B 86 22.15 -2.75 24.46
N VAL B 87 22.38 -2.65 25.77
CA VAL B 87 22.18 -3.80 26.67
C VAL B 87 20.72 -4.20 26.72
N TYR B 88 19.81 -3.22 26.74
CA TYR B 88 18.38 -3.52 26.78
C TYR B 88 17.89 -4.10 25.47
N ALA B 89 18.42 -3.62 24.34
CA ALA B 89 18.08 -4.18 23.04
C ALA B 89 18.50 -5.63 22.93
N LEU B 90 19.75 -5.93 23.33
CA LEU B 90 20.24 -7.31 23.28
C LEU B 90 19.48 -8.21 24.22
N LYS B 91 19.08 -7.70 25.39
CA LYS B 91 18.27 -8.46 26.33
C LYS B 91 16.90 -8.79 25.77
N ARG B 92 16.33 -7.88 24.97
CA ARG B 92 15.09 -8.22 24.24
C ARG B 92 15.31 -9.28 23.18
N GLN B 93 16.48 -9.29 22.53
CA GLN B 93 16.71 -10.29 21.49
C GLN B 93 16.78 -11.70 22.05
N GLY B 94 17.03 -11.86 23.34
CA GLY B 94 17.32 -13.13 23.93
C GLY B 94 18.80 -13.39 24.11
N ARG B 95 19.61 -12.34 24.28
CA ARG B 95 21.07 -12.45 24.33
C ARG B 95 21.54 -11.51 25.43
N THR B 96 21.76 -12.03 26.63
CA THR B 96 22.18 -11.20 27.74
C THR B 96 23.68 -10.92 27.60
N LEU B 97 24.12 -9.77 28.12
CA LEU B 97 25.50 -9.33 28.00
C LEU B 97 25.97 -8.75 29.32
N TYR B 98 26.90 -9.42 29.98
CA TYR B 98 27.41 -8.95 31.27
C TYR B 98 28.67 -8.13 31.07
N GLY B 99 28.81 -7.06 31.86
CA GLY B 99 30.03 -6.31 31.89
C GLY B 99 29.93 -4.85 31.52
N PHE B 100 28.77 -4.35 31.12
CA PHE B 100 28.63 -2.97 30.69
C PHE B 100 27.56 -2.21 31.45
N GLY B 101 26.85 -2.85 32.36
CA GLY B 101 25.80 -2.20 33.12
C GLY B 101 26.34 -1.57 34.38
N ARG C 11 -26.09 11.91 37.29
CA ARG C 11 -27.54 12.05 37.18
C ARG C 11 -27.98 12.07 35.71
N ALA C 12 -27.01 12.08 34.80
CA ALA C 12 -27.30 12.11 33.38
C ALA C 12 -27.46 10.67 32.87
N LYS C 13 -27.50 10.52 31.54
CA LYS C 13 -27.55 9.20 30.93
C LYS C 13 -26.13 8.64 30.82
N ALA C 14 -25.96 7.39 31.23
CA ALA C 14 -24.65 6.77 31.23
C ALA C 14 -24.28 6.32 29.83
N LYS C 15 -23.09 6.75 29.37
CA LYS C 15 -22.53 6.32 28.10
C LYS C 15 -21.18 5.68 28.39
N THR C 16 -21.05 4.39 28.05
CA THR C 16 -19.81 3.67 28.30
C THR C 16 -18.68 4.24 27.45
N ARG C 17 -17.45 4.07 27.94
CA ARG C 17 -16.30 4.66 27.28
C ARG C 17 -15.95 4.00 25.96
N SER C 18 -16.48 2.80 25.70
CA SER C 18 -16.29 2.20 24.39
C SER C 18 -17.08 2.92 23.32
N SER C 19 -18.31 3.32 23.64
CA SER C 19 -19.16 4.02 22.67
C SER C 19 -18.63 5.41 22.37
N ARG C 20 -18.01 6.05 23.36
CA ARG C 20 -17.48 7.39 23.22
C ARG C 20 -16.24 7.42 22.32
N ALA C 21 -15.55 6.29 22.18
CA ALA C 21 -14.40 6.18 21.29
C ALA C 21 -14.69 5.43 20.01
N GLY C 22 -15.80 4.71 19.93
CA GLY C 22 -16.17 4.03 18.71
C GLY C 22 -15.57 2.65 18.58
N LEU C 23 -15.46 1.94 19.69
CA LEU C 23 -14.82 0.63 19.74
C LEU C 23 -15.85 -0.45 19.99
N GLN C 24 -15.37 -1.68 20.05
CA GLN C 24 -16.17 -2.82 20.44
C GLN C 24 -15.65 -3.53 21.68
N PHE C 25 -14.32 -3.54 21.91
CA PHE C 25 -13.79 -4.09 23.15
C PHE C 25 -14.06 -3.15 24.32
N PRO C 26 -14.16 -3.68 25.55
CA PRO C 26 -14.43 -2.80 26.69
C PRO C 26 -13.21 -2.00 27.11
N VAL C 27 -13.46 -0.82 27.65
CA VAL C 27 -12.40 0.08 28.07
C VAL C 27 -12.33 0.04 29.60
N GLY C 28 -13.47 -0.15 30.24
CA GLY C 28 -13.50 -0.20 31.70
C GLY C 28 -12.84 -1.46 32.23
N ARG C 29 -13.02 -2.58 31.54
CA ARG C 29 -12.41 -3.81 31.98
C ARG C 29 -10.90 -3.79 31.79
N VAL C 30 -10.43 -3.20 30.69
CA VAL C 30 -8.99 -3.07 30.45
C VAL C 30 -8.37 -2.13 31.46
N HIS C 31 -9.08 -1.07 31.84
CA HIS C 31 -8.56 -0.15 32.85
C HIS C 31 -8.49 -0.80 34.22
N ARG C 32 -9.48 -1.64 34.56
CA ARG C 32 -9.41 -2.38 35.81
C ARG C 32 -8.27 -3.39 35.80
N LEU C 33 -8.08 -4.12 34.70
CA LEU C 33 -7.02 -5.11 34.65
C LEU C 33 -5.64 -4.50 34.59
N LEU C 34 -5.52 -3.23 34.19
CA LEU C 34 -4.25 -2.55 34.37
C LEU C 34 -4.07 -2.07 35.79
N ARG C 35 -5.14 -1.65 36.48
CA ARG C 35 -4.97 -1.19 37.85
C ARG C 35 -4.70 -2.34 38.81
N LYS C 36 -5.24 -3.51 38.54
CA LYS C 36 -5.17 -4.65 39.46
C LYS C 36 -4.20 -5.71 38.98
N GLY C 37 -3.09 -5.29 38.37
CA GLY C 37 -2.22 -6.25 37.74
C GLY C 37 -0.76 -6.07 38.06
N ASN C 38 -0.45 -5.09 38.91
CA ASN C 38 0.90 -4.79 39.38
C ASN C 38 1.83 -4.43 38.23
N TYR C 39 1.49 -3.38 37.51
CA TYR C 39 2.34 -2.88 36.44
C TYR C 39 3.01 -1.57 36.79
N ALA C 40 2.26 -0.60 37.27
CA ALA C 40 2.83 0.63 37.79
C ALA C 40 1.90 1.15 38.87
N GLU C 41 2.25 2.31 39.42
CA GLU C 41 1.41 2.87 40.47
C GLU C 41 0.18 3.56 39.88
N ARG C 42 0.40 4.37 38.85
CA ARG C 42 -0.61 5.26 38.31
C ARG C 42 -0.84 4.92 36.85
N VAL C 43 -2.09 4.95 36.42
CA VAL C 43 -2.47 4.56 35.06
C VAL C 43 -3.20 5.72 34.42
N GLY C 44 -2.70 6.20 33.29
CA GLY C 44 -3.24 7.37 32.63
C GLY C 44 -4.64 7.16 32.05
N ALA C 45 -5.13 8.20 31.40
CA ALA C 45 -6.49 8.18 30.91
C ALA C 45 -6.62 7.54 29.54
N GLY C 46 -5.69 7.81 28.62
CA GLY C 46 -5.80 7.32 27.27
C GLY C 46 -5.19 5.98 27.00
N ALA C 47 -4.49 5.40 27.99
CA ALA C 47 -3.82 4.11 27.83
C ALA C 47 -4.77 2.94 27.60
N PRO C 48 -5.89 2.75 28.32
CA PRO C 48 -6.79 1.65 27.95
C PRO C 48 -7.53 1.87 26.64
N VAL C 49 -7.73 3.11 26.22
CA VAL C 49 -8.37 3.35 24.92
C VAL C 49 -7.43 2.95 23.79
N TYR C 50 -6.16 3.32 23.91
CA TYR C 50 -5.13 2.91 22.95
C TYR C 50 -5.00 1.39 22.90
N LEU C 51 -4.99 0.75 24.07
CA LEU C 51 -4.74 -0.69 24.09
C LEU C 51 -5.95 -1.48 23.61
N ALA C 52 -7.18 -1.02 23.88
CA ALA C 52 -8.34 -1.71 23.34
C ALA C 52 -8.46 -1.54 21.84
N ALA C 53 -8.03 -0.39 21.30
CA ALA C 53 -7.98 -0.22 19.85
C ALA C 53 -7.01 -1.20 19.21
N VAL C 54 -5.83 -1.39 19.82
CA VAL C 54 -4.83 -2.30 19.25
C VAL C 54 -5.31 -3.75 19.29
N LEU C 55 -5.94 -4.15 20.40
CA LEU C 55 -6.44 -5.53 20.51
C LEU C 55 -7.57 -5.81 19.53
N GLU C 56 -8.45 -4.82 19.30
CA GLU C 56 -9.51 -5.00 18.31
C GLU C 56 -8.95 -5.10 16.90
N TYR C 57 -7.91 -4.33 16.58
CA TYR C 57 -7.30 -4.42 15.26
C TYR C 57 -6.70 -5.79 14.99
N LEU C 58 -5.98 -6.35 15.98
CA LEU C 58 -5.37 -7.67 15.74
C LEU C 58 -6.42 -8.78 15.66
N THR C 59 -7.50 -8.67 16.45
CA THR C 59 -8.56 -9.67 16.38
C THR C 59 -9.28 -9.65 15.03
N ALA C 60 -9.57 -8.46 14.50
CA ALA C 60 -10.21 -8.39 13.19
C ALA C 60 -9.28 -8.88 12.09
N GLU C 61 -7.99 -8.59 12.22
CA GLU C 61 -7.01 -9.00 11.22
C GLU C 61 -6.87 -10.52 11.14
N ILE C 62 -6.99 -11.21 12.26
CA ILE C 62 -6.92 -12.67 12.15
C ILE C 62 -8.28 -13.30 11.75
N LEU C 63 -9.41 -12.72 12.17
CA LEU C 63 -10.70 -13.32 11.84
C LEU C 63 -11.07 -13.14 10.37
N GLU C 64 -10.56 -12.10 9.72
CA GLU C 64 -10.73 -11.94 8.27
C GLU C 64 -10.20 -13.15 7.50
N LEU C 65 -8.94 -13.51 7.72
CA LEU C 65 -8.31 -14.62 7.02
C LEU C 65 -8.91 -15.96 7.43
N ALA C 66 -9.30 -16.12 8.70
CA ALA C 66 -9.90 -17.39 9.10
C ALA C 66 -11.27 -17.59 8.46
N GLY C 67 -12.07 -16.52 8.36
CA GLY C 67 -13.34 -16.64 7.67
C GLY C 67 -13.20 -16.90 6.18
N ASN C 68 -12.14 -16.35 5.56
CA ASN C 68 -11.90 -16.65 4.15
C ASN C 68 -11.54 -18.12 3.93
N ALA C 69 -10.68 -18.69 4.78
CA ALA C 69 -10.34 -20.11 4.64
C ALA C 69 -11.55 -21.00 4.90
N ALA C 70 -12.39 -20.62 5.87
CA ALA C 70 -13.59 -21.39 6.16
C ALA C 70 -14.58 -21.34 5.01
N ARG C 71 -14.62 -20.22 4.28
CA ARG C 71 -15.48 -20.17 3.09
C ARG C 71 -14.91 -21.03 1.97
N ASP C 72 -13.58 -21.07 1.84
CA ASP C 72 -12.97 -21.86 0.78
C ASP C 72 -13.04 -23.36 1.01
N ASN C 73 -13.24 -23.81 2.25
CA ASN C 73 -13.41 -25.23 2.50
C ASN C 73 -14.86 -25.69 2.46
N LYS C 74 -15.77 -24.86 1.91
CA LYS C 74 -17.22 -25.12 1.84
C LYS C 74 -17.82 -25.39 3.22
N LYS C 75 -17.54 -24.50 4.16
CA LYS C 75 -18.04 -24.61 5.51
C LYS C 75 -18.72 -23.31 5.89
N THR C 76 -19.41 -23.33 7.02
CA THR C 76 -20.03 -22.14 7.59
C THR C 76 -19.32 -21.68 8.86
N ARG C 77 -18.99 -22.60 9.75
CA ARG C 77 -18.35 -22.26 11.00
C ARG C 77 -16.83 -22.26 10.86
N ILE C 78 -16.15 -21.90 11.94
CA ILE C 78 -14.70 -21.83 11.99
C ILE C 78 -14.23 -22.83 13.04
N ILE C 79 -13.30 -23.69 12.65
CA ILE C 79 -12.73 -24.71 13.53
C ILE C 79 -11.25 -24.37 13.66
N PRO C 80 -10.44 -25.00 14.53
CA PRO C 80 -9.03 -24.58 14.65
C PRO C 80 -8.15 -24.80 13.42
N ARG C 81 -8.57 -25.61 12.46
CA ARG C 81 -7.77 -25.80 11.24
C ARG C 81 -7.69 -24.52 10.43
N HIS C 82 -8.77 -23.73 10.42
CA HIS C 82 -8.77 -22.52 9.63
C HIS C 82 -7.94 -21.43 10.28
N LEU C 83 -7.90 -21.39 11.61
CA LEU C 83 -6.99 -20.51 12.32
C LEU C 83 -5.54 -20.88 12.06
N GLN C 84 -5.25 -22.18 12.02
CA GLN C 84 -3.91 -22.65 11.70
C GLN C 84 -3.46 -22.21 10.31
N LEU C 85 -4.32 -22.42 9.31
CA LEU C 85 -3.97 -22.02 7.94
C LEU C 85 -3.83 -20.51 7.81
N ALA C 86 -4.72 -19.75 8.46
CA ALA C 86 -4.68 -18.29 8.40
C ALA C 86 -3.42 -17.73 9.04
N VAL C 87 -3.00 -18.26 10.19
CA VAL C 87 -1.80 -17.74 10.83
C VAL C 87 -0.56 -18.16 10.06
N ARG C 88 -0.47 -19.42 9.65
CA ARG C 88 0.77 -19.90 9.05
C ARG C 88 0.96 -19.45 7.61
N ASN C 89 -0.08 -18.99 6.92
CA ASN C 89 0.14 -18.46 5.59
C ASN C 89 0.57 -17.00 5.56
N ASP C 90 0.15 -16.18 6.54
CA ASP C 90 0.60 -14.80 6.57
C ASP C 90 2.03 -14.72 7.07
N GLU C 91 2.76 -13.70 6.63
CA GLU C 91 4.16 -13.62 7.01
C GLU C 91 4.35 -13.02 8.40
N GLU C 92 3.61 -11.97 8.73
CA GLU C 92 3.85 -11.25 9.97
C GLU C 92 3.09 -11.83 11.15
N LEU C 93 1.92 -12.43 10.92
CA LEU C 93 1.28 -13.20 11.97
C LEU C 93 2.11 -14.43 12.32
N ASN C 94 2.84 -14.99 11.36
CA ASN C 94 3.71 -16.13 11.63
C ASN C 94 4.91 -15.71 12.46
N LYS C 95 5.41 -14.49 12.26
CA LYS C 95 6.52 -14.02 13.08
C LYS C 95 6.05 -13.64 14.48
N LEU C 96 4.81 -13.17 14.61
CA LEU C 96 4.28 -12.89 15.94
C LEU C 96 4.01 -14.17 16.70
N LEU C 97 3.29 -15.11 16.09
CA LEU C 97 2.96 -16.38 16.75
C LEU C 97 3.90 -17.48 16.28
N GLY C 98 5.17 -17.32 16.58
CA GLY C 98 6.17 -18.25 16.07
C GLY C 98 6.42 -19.43 16.96
N ARG C 99 6.53 -19.18 18.26
CA ARG C 99 6.68 -20.23 19.27
C ARG C 99 5.34 -20.57 19.92
N VAL C 100 4.29 -20.82 19.15
CA VAL C 100 2.98 -21.08 19.70
C VAL C 100 2.41 -22.33 19.05
N THR C 101 1.93 -23.26 19.86
CA THR C 101 1.23 -24.45 19.40
C THR C 101 -0.28 -24.23 19.51
N ILE C 102 -0.99 -24.35 18.40
CA ILE C 102 -2.44 -24.28 18.38
C ILE C 102 -2.98 -25.70 18.39
N ALA C 103 -3.81 -26.01 19.37
CA ALA C 103 -4.33 -27.37 19.52
C ALA C 103 -5.32 -27.70 18.41
N GLN C 104 -5.31 -28.97 17.99
CA GLN C 104 -6.13 -29.50 16.90
C GLN C 104 -5.90 -28.77 15.59
N GLY C 105 -4.65 -28.39 15.33
CA GLY C 105 -4.38 -27.55 14.18
C GLY C 105 -3.74 -28.25 13.00
N GLY C 106 -2.86 -29.21 13.23
CA GLY C 106 -2.19 -29.85 12.12
C GLY C 106 -1.00 -29.05 11.62
N VAL C 107 -0.64 -29.31 10.36
CA VAL C 107 0.51 -28.70 9.71
C VAL C 107 0.09 -28.17 8.34
N LEU C 108 1.07 -27.66 7.59
CA LEU C 108 0.97 -27.26 6.18
C LEU C 108 1.53 -28.35 5.29
N PRO C 109 0.93 -28.55 4.12
CA PRO C 109 1.45 -29.55 3.17
C PRO C 109 2.78 -29.11 2.57
N ASN C 110 3.82 -29.92 2.78
CA ASN C 110 5.15 -29.58 2.30
C ASN C 110 5.93 -30.87 2.10
N ILE C 111 6.17 -31.23 0.85
CA ILE C 111 7.02 -32.36 0.49
C ILE C 111 8.26 -31.79 -0.20
N GLN C 112 9.44 -32.25 0.21
CA GLN C 112 10.69 -31.81 -0.38
C GLN C 112 10.80 -32.28 -1.82
N SER C 113 11.67 -31.60 -2.57
CA SER C 113 11.72 -31.79 -4.02
C SER C 113 12.39 -33.09 -4.42
N VAL C 114 13.35 -33.57 -3.65
CA VAL C 114 14.19 -34.69 -4.07
C VAL C 114 13.57 -36.03 -3.66
N LEU C 115 12.37 -35.98 -3.11
CA LEU C 115 11.72 -37.19 -2.61
C LEU C 115 10.68 -37.74 -3.56
N LEU C 116 10.14 -36.92 -4.45
CA LEU C 116 9.14 -37.37 -5.41
C LEU C 116 9.79 -37.64 -6.76
N PRO C 117 9.38 -38.71 -7.48
CA PRO C 117 10.06 -39.13 -8.70
C PRO C 117 9.81 -38.24 -9.90
N ARG D 27 -26.61 -21.78 39.80
CA ARG D 27 -25.69 -20.99 40.60
C ARG D 27 -24.28 -21.54 40.47
N LYS D 28 -23.41 -20.76 39.83
CA LYS D 28 -21.98 -21.02 39.80
C LYS D 28 -21.25 -19.70 39.96
N THR D 29 -19.94 -19.77 40.10
CA THR D 29 -19.12 -18.57 40.17
C THR D 29 -18.85 -18.09 38.76
N ARG D 30 -18.95 -16.77 38.57
CA ARG D 30 -18.86 -16.17 37.25
C ARG D 30 -17.45 -16.28 36.68
N LYS D 31 -17.38 -16.32 35.35
CA LYS D 31 -16.12 -16.41 34.62
C LYS D 31 -16.11 -15.31 33.57
N GLU D 32 -15.27 -14.30 33.78
CA GLU D 32 -15.12 -13.27 32.77
C GLU D 32 -14.30 -13.79 31.60
N SER D 33 -14.68 -13.37 30.40
CA SER D 33 -14.12 -13.91 29.18
C SER D 33 -14.09 -12.79 28.14
N TYR D 34 -13.90 -13.16 26.88
CA TYR D 34 -13.97 -12.24 25.75
C TYR D 34 -14.79 -12.82 24.62
N ALA D 35 -15.79 -13.65 24.95
CA ALA D 35 -16.51 -14.36 23.91
C ALA D 35 -17.44 -13.43 23.13
N ILE D 36 -18.19 -12.59 23.85
CA ILE D 36 -19.20 -11.77 23.21
C ILE D 36 -18.56 -10.67 22.35
N TYR D 37 -17.36 -10.23 22.69
CA TYR D 37 -16.73 -9.14 21.95
C TYR D 37 -16.10 -9.65 20.66
N VAL D 38 -15.48 -10.84 20.72
CA VAL D 38 -15.00 -11.52 19.51
C VAL D 38 -16.16 -11.85 18.60
N TYR D 39 -17.32 -12.18 19.18
CA TYR D 39 -18.49 -12.45 18.35
C TYR D 39 -19.02 -11.19 17.68
N LYS D 40 -18.94 -10.04 18.37
CA LYS D 40 -19.30 -8.76 17.73
C LYS D 40 -18.38 -8.42 16.57
N VAL D 41 -17.06 -8.60 16.75
CA VAL D 41 -16.12 -8.28 15.69
C VAL D 41 -16.29 -9.22 14.50
N LEU D 42 -16.59 -10.49 14.76
CA LEU D 42 -16.85 -11.43 13.67
C LEU D 42 -18.11 -11.07 12.90
N LYS D 43 -19.17 -10.65 13.59
CA LYS D 43 -20.36 -10.25 12.85
C LYS D 43 -20.24 -8.87 12.22
N GLN D 44 -19.23 -8.09 12.55
CA GLN D 44 -18.93 -6.96 11.68
C GLN D 44 -18.20 -7.38 10.41
N VAL D 45 -17.23 -8.27 10.54
CA VAL D 45 -16.33 -8.48 9.41
C VAL D 45 -16.82 -9.57 8.45
N HIS D 46 -17.59 -10.55 8.91
CA HIS D 46 -18.21 -11.57 8.07
C HIS D 46 -19.62 -11.79 8.59
N PRO D 47 -20.63 -11.21 7.94
CA PRO D 47 -21.98 -11.18 8.54
C PRO D 47 -22.72 -12.52 8.54
N ASP D 48 -22.22 -13.55 7.88
CA ASP D 48 -22.92 -14.83 7.79
C ASP D 48 -21.99 -15.99 8.13
N THR D 49 -21.24 -15.86 9.22
CA THR D 49 -20.24 -16.84 9.59
C THR D 49 -20.30 -17.05 11.09
N GLY D 50 -20.30 -18.31 11.52
CA GLY D 50 -20.29 -18.64 12.93
C GLY D 50 -18.91 -19.08 13.40
N ILE D 51 -18.86 -19.54 14.65
CA ILE D 51 -17.62 -19.95 15.27
C ILE D 51 -17.94 -21.01 16.31
N SER D 52 -17.06 -22.00 16.44
CA SER D 52 -17.30 -23.11 17.34
C SER D 52 -16.76 -22.79 18.73
N SER D 53 -16.69 -23.79 19.60
CA SER D 53 -16.28 -23.54 20.98
C SER D 53 -14.77 -23.51 21.11
N LYS D 54 -14.08 -24.44 20.46
CA LYS D 54 -12.63 -24.54 20.58
C LYS D 54 -11.93 -23.35 19.93
N ALA D 55 -12.48 -22.85 18.82
CA ALA D 55 -11.90 -21.67 18.19
C ALA D 55 -12.12 -20.43 19.03
N MET D 56 -13.23 -20.36 19.74
CA MET D 56 -13.44 -19.24 20.65
C MET D 56 -12.49 -19.31 21.84
N SER D 57 -12.16 -20.52 22.30
CA SER D 57 -11.17 -20.67 23.36
C SER D 57 -9.77 -20.26 22.89
N ILE D 58 -9.43 -20.60 21.65
CA ILE D 58 -8.14 -20.18 21.09
C ILE D 58 -8.05 -18.67 20.96
N MET D 59 -9.16 -18.03 20.53
CA MET D 59 -9.15 -16.58 20.41
C MET D 59 -9.07 -15.88 21.76
N ASN D 60 -9.69 -16.46 22.80
CA ASN D 60 -9.59 -15.91 24.15
C ASN D 60 -8.16 -15.97 24.67
N SER D 61 -7.48 -17.11 24.46
CA SER D 61 -6.08 -17.24 24.87
C SER D 61 -5.18 -16.27 24.11
N PHE D 62 -5.47 -16.04 22.83
CA PHE D 62 -4.67 -15.11 22.03
C PHE D 62 -4.78 -13.68 22.55
N VAL D 63 -5.99 -13.24 22.89
CA VAL D 63 -6.17 -11.88 23.40
C VAL D 63 -5.46 -11.70 24.75
N ASN D 64 -5.54 -12.71 25.63
CA ASN D 64 -4.85 -12.62 26.92
C ASN D 64 -3.32 -12.57 26.74
N ASP D 65 -2.79 -13.34 25.79
CA ASP D 65 -1.36 -13.38 25.54
C ASP D 65 -0.82 -12.04 25.07
N VAL D 66 -1.51 -11.44 24.09
CA VAL D 66 -1.02 -10.18 23.52
C VAL D 66 -1.15 -9.04 24.53
N PHE D 67 -2.22 -9.06 25.34
CA PHE D 67 -2.36 -8.11 26.43
C PHE D 67 -1.19 -8.17 27.40
N GLU D 68 -0.80 -9.38 27.81
CA GLU D 68 0.26 -9.48 28.81
C GLU D 68 1.63 -9.12 28.25
N ARG D 69 1.90 -9.40 26.98
CA ARG D 69 3.16 -8.98 26.38
C ARG D 69 3.29 -7.46 26.34
N ILE D 70 2.26 -6.78 25.82
CA ILE D 70 2.36 -5.32 25.67
C ILE D 70 2.37 -4.62 27.03
N ALA D 71 1.58 -5.13 27.98
CA ALA D 71 1.55 -4.54 29.31
C ALA D 71 2.87 -4.71 30.05
N GLY D 72 3.49 -5.89 29.94
CA GLY D 72 4.78 -6.09 30.58
C GLY D 72 5.89 -5.23 30.01
N GLU D 73 5.91 -5.05 28.68
CA GLU D 73 6.94 -4.21 28.09
C GLU D 73 6.77 -2.74 28.45
N ALA D 74 5.52 -2.26 28.53
CA ALA D 74 5.29 -0.87 28.92
C ALA D 74 5.68 -0.64 30.38
N SER D 75 5.42 -1.62 31.24
CA SER D 75 5.85 -1.53 32.63
C SER D 75 7.36 -1.44 32.75
N ARG D 76 8.08 -2.20 31.93
CA ARG D 76 9.54 -2.17 32.00
C ARG D 76 10.13 -0.87 31.48
N LEU D 77 9.51 -0.26 30.46
CA LEU D 77 9.93 1.07 30.00
C LEU D 77 9.73 2.13 31.08
N ALA D 78 8.56 2.13 31.72
CA ALA D 78 8.29 3.08 32.80
C ALA D 78 9.23 2.88 33.98
N HIS D 79 9.70 1.66 34.21
CA HIS D 79 10.71 1.46 35.24
C HIS D 79 12.09 1.93 34.80
N TYR D 80 12.45 1.79 33.53
CA TYR D 80 13.77 2.23 33.06
C TYR D 80 13.93 3.74 33.13
N ASN D 81 12.86 4.49 32.83
CA ASN D 81 13.00 5.94 32.77
C ASN D 81 12.67 6.65 34.07
N LYS D 82 12.48 5.90 35.17
CA LYS D 82 12.16 6.41 36.51
C LYS D 82 10.88 7.25 36.51
N ARG D 83 9.80 6.61 36.09
CA ARG D 83 8.46 7.18 36.12
C ARG D 83 7.55 6.29 36.94
N SER D 84 6.37 6.80 37.27
CA SER D 84 5.39 6.08 38.06
C SER D 84 4.08 5.89 37.32
N THR D 85 4.04 6.22 36.03
CA THR D 85 2.79 6.33 35.29
C THR D 85 2.93 5.58 33.99
N ILE D 86 1.93 4.78 33.65
CA ILE D 86 1.80 4.21 32.31
C ILE D 86 0.85 5.08 31.53
N THR D 87 1.39 5.85 30.60
CA THR D 87 0.61 6.68 29.70
C THR D 87 0.45 5.97 28.37
N SER D 88 -0.16 6.65 27.40
CA SER D 88 -0.33 6.07 26.08
C SER D 88 0.95 6.12 25.25
N ARG D 89 1.93 6.90 25.68
CA ARG D 89 3.18 6.95 24.95
C ARG D 89 4.02 5.70 25.21
N GLU D 90 3.99 5.17 26.44
CA GLU D 90 4.62 3.89 26.72
C GLU D 90 3.95 2.76 25.96
N ILE D 91 2.62 2.80 25.84
CA ILE D 91 1.91 1.77 25.09
C ILE D 91 2.27 1.84 23.61
N GLN D 92 2.44 3.05 23.08
CA GLN D 92 2.85 3.22 21.68
C GLN D 92 4.25 2.67 21.44
N THR D 93 5.18 2.96 22.34
CA THR D 93 6.54 2.45 22.19
C THR D 93 6.60 0.94 22.36
N ALA D 94 5.76 0.37 23.24
CA ALA D 94 5.74 -1.08 23.38
C ALA D 94 5.17 -1.77 22.16
N VAL D 95 4.12 -1.19 21.54
CA VAL D 95 3.58 -1.75 20.30
C VAL D 95 4.62 -1.68 19.18
N ARG D 96 5.35 -0.57 19.12
CA ARG D 96 6.40 -0.40 18.12
C ARG D 96 7.58 -1.36 18.31
N LEU D 97 7.94 -1.66 19.55
CA LEU D 97 8.98 -2.66 19.80
C LEU D 97 8.52 -4.07 19.53
N LEU D 98 7.24 -4.37 19.74
CA LEU D 98 6.84 -5.76 19.82
C LEU D 98 6.15 -6.27 18.57
N LEU D 99 5.61 -5.41 17.71
CA LEU D 99 4.97 -5.96 16.53
C LEU D 99 5.87 -5.81 15.30
N PRO D 100 5.82 -6.75 14.35
CA PRO D 100 6.71 -6.67 13.18
C PRO D 100 6.20 -5.84 12.01
N GLY D 101 6.91 -4.76 11.68
CA GLY D 101 6.74 -4.04 10.43
C GLY D 101 5.44 -3.33 10.16
N GLU D 102 4.79 -3.71 9.05
CA GLU D 102 3.58 -3.03 8.59
C GLU D 102 2.41 -3.24 9.55
N LEU D 103 2.43 -4.35 10.29
CA LEU D 103 1.41 -4.60 11.29
C LEU D 103 1.50 -3.58 12.43
N ALA D 104 2.72 -3.21 12.81
CA ALA D 104 2.91 -2.13 13.77
C ALA D 104 2.52 -0.79 13.17
N LYS D 105 2.82 -0.60 11.88
CA LYS D 105 2.45 0.64 11.19
C LYS D 105 0.95 0.87 11.18
N HIS D 106 0.15 -0.19 11.12
CA HIS D 106 -1.29 -0.01 11.15
C HIS D 106 -1.87 0.01 12.55
N ALA D 107 -1.25 -0.69 13.50
CA ALA D 107 -1.74 -0.68 14.88
C ALA D 107 -1.56 0.69 15.54
N VAL D 108 -0.46 1.38 15.22
CA VAL D 108 -0.23 2.73 15.72
C VAL D 108 -1.32 3.68 15.23
N SER D 109 -1.70 3.55 13.96
CA SER D 109 -2.75 4.39 13.37
C SER D 109 -4.09 4.16 14.03
N GLU D 110 -4.45 2.88 14.26
CA GLU D 110 -5.73 2.58 14.89
C GLU D 110 -5.82 3.12 16.32
N GLY D 111 -4.73 2.98 17.09
CA GLY D 111 -4.75 3.50 18.44
C GLY D 111 -4.83 5.02 18.53
N THR D 112 -4.07 5.71 17.67
CA THR D 112 -4.09 7.17 17.65
C THR D 112 -5.45 7.70 17.24
N LYS D 113 -6.09 7.03 16.27
CA LYS D 113 -7.40 7.44 15.81
C LYS D 113 -8.45 7.24 16.89
N ALA D 114 -8.35 6.17 17.66
CA ALA D 114 -9.34 5.95 18.72
C ALA D 114 -9.18 6.94 19.87
N VAL D 115 -7.95 7.30 20.23
CA VAL D 115 -7.76 8.29 21.28
C VAL D 115 -8.26 9.67 20.83
N THR D 116 -8.02 10.02 19.57
CA THR D 116 -8.50 11.29 19.03
C THR D 116 -10.03 11.34 19.00
N CYS D 117 -10.68 10.25 18.62
CA CYS D 117 -12.14 10.23 18.69
C CYS D 117 -12.67 10.20 20.11
N TYR D 118 -11.89 9.70 21.07
CA TYR D 118 -12.36 9.66 22.44
C TYR D 118 -12.34 11.02 23.11
N THR D 119 -11.33 11.85 22.80
CA THR D 119 -11.22 13.13 23.50
C THR D 119 -12.33 14.09 23.13
N SER D 120 -12.54 14.32 21.83
CA SER D 120 -13.63 15.17 21.38
C SER D 120 -14.97 14.44 21.43
N PRO E 38 -0.59 -60.49 -7.49
CA PRO E 38 0.04 -60.07 -8.75
C PRO E 38 0.36 -58.58 -8.77
N HIS E 39 -0.66 -57.74 -8.56
CA HIS E 39 -0.46 -56.30 -8.56
C HIS E 39 0.26 -55.87 -7.30
N ARG E 40 1.41 -55.22 -7.47
CA ARG E 40 2.13 -54.60 -6.37
C ARG E 40 2.63 -53.24 -6.82
N TYR E 41 2.61 -52.28 -5.91
CA TYR E 41 3.17 -50.97 -6.21
C TYR E 41 4.68 -50.97 -6.07
N ARG E 42 5.32 -50.11 -6.85
CA ARG E 42 6.75 -49.89 -6.73
C ARG E 42 7.02 -49.20 -5.40
N PRO E 43 8.07 -49.62 -4.66
CA PRO E 43 8.26 -49.12 -3.29
C PRO E 43 8.61 -47.64 -3.22
N GLY E 44 7.74 -46.88 -2.55
CA GLY E 44 7.85 -45.44 -2.46
C GLY E 44 6.51 -44.77 -2.69
N THR E 45 5.65 -45.45 -3.44
CA THR E 45 4.37 -44.87 -3.86
C THR E 45 3.40 -44.77 -2.68
N VAL E 46 3.27 -45.85 -1.92
CA VAL E 46 2.39 -45.84 -0.76
C VAL E 46 2.94 -44.94 0.32
N ALA E 47 4.27 -44.78 0.38
CA ALA E 47 4.89 -43.84 1.30
C ALA E 47 4.51 -42.40 0.97
N LEU E 48 4.57 -42.03 -0.31
CA LEU E 48 4.20 -40.67 -0.70
C LEU E 48 2.71 -40.39 -0.48
N ARG E 49 1.85 -41.36 -0.77
CA ARG E 49 0.45 -41.04 -0.56
C ARG E 49 0.05 -41.10 0.91
N GLU E 50 0.77 -41.84 1.75
CA GLU E 50 0.54 -41.70 3.19
C GLU E 50 1.06 -40.38 3.72
N ILE E 51 2.13 -39.82 3.14
CA ILE E 51 2.57 -38.48 3.50
C ILE E 51 1.47 -37.46 3.23
N ARG E 52 0.85 -37.54 2.05
CA ARG E 52 -0.24 -36.61 1.73
C ARG E 52 -1.45 -36.84 2.64
N ARG E 53 -1.77 -38.09 2.92
CA ARG E 53 -2.95 -38.41 3.72
C ARG E 53 -2.80 -37.94 5.17
N TYR E 54 -1.61 -38.07 5.75
CA TYR E 54 -1.45 -37.62 7.13
C TYR E 54 -1.10 -36.14 7.25
N GLN E 55 -0.65 -35.50 6.19
CA GLN E 55 -0.56 -34.05 6.26
C GLN E 55 -1.88 -33.36 5.96
N LYS E 56 -2.89 -34.09 5.47
CA LYS E 56 -4.18 -33.45 5.25
C LYS E 56 -5.04 -33.39 6.50
N SER E 57 -4.92 -34.35 7.40
CA SER E 57 -5.83 -34.46 8.54
C SER E 57 -5.26 -33.79 9.78
N THR E 58 -6.11 -33.66 10.80
CA THR E 58 -5.73 -33.16 12.13
C THR E 58 -6.33 -34.10 13.17
N GLU E 59 -5.53 -35.02 13.68
CA GLU E 59 -6.00 -35.93 14.71
C GLU E 59 -4.82 -36.35 15.58
N LEU E 60 -5.11 -37.11 16.62
CA LEU E 60 -4.04 -37.64 17.45
C LEU E 60 -3.54 -38.95 16.85
N LEU E 61 -2.23 -39.08 16.77
CA LEU E 61 -1.59 -40.18 16.06
C LEU E 61 -0.99 -41.20 17.01
N ILE E 62 -1.26 -41.09 18.29
CA ILE E 62 -0.86 -42.06 19.30
C ILE E 62 -2.13 -42.54 20.01
N ARG E 63 -2.20 -43.83 20.31
CA ARG E 63 -3.27 -44.36 21.13
C ARG E 63 -3.20 -43.77 22.53
N LYS E 64 -4.35 -43.57 23.16
CA LYS E 64 -4.37 -42.73 24.34
C LYS E 64 -4.41 -43.46 25.68
N LEU E 65 -4.90 -44.70 25.74
CA LEU E 65 -4.66 -45.46 26.96
C LEU E 65 -3.19 -45.84 27.21
N PRO E 66 -2.38 -46.26 26.22
CA PRO E 66 -0.95 -46.42 26.52
C PRO E 66 -0.23 -45.13 26.86
N PHE E 67 -0.65 -44.00 26.28
CA PHE E 67 -0.01 -42.74 26.63
C PHE E 67 -0.37 -42.31 28.04
N GLN E 68 -1.62 -42.56 28.45
CA GLN E 68 -2.03 -42.25 29.81
C GLN E 68 -1.28 -43.10 30.83
N ARG E 69 -1.07 -44.39 30.53
CA ARG E 69 -0.26 -45.23 31.41
C ARG E 69 1.18 -44.77 31.49
N LEU E 70 1.75 -44.31 30.36
CA LEU E 70 3.11 -43.77 30.37
C LEU E 70 3.24 -42.52 31.25
N VAL E 71 2.25 -41.62 31.15
CA VAL E 71 2.28 -40.39 31.93
C VAL E 71 2.18 -40.68 33.43
N ARG E 72 1.26 -41.59 33.81
CA ARG E 72 1.10 -41.90 35.23
C ARG E 72 2.32 -42.63 35.79
N GLU E 73 2.96 -43.49 34.98
CA GLU E 73 4.15 -44.18 35.43
C GLU E 73 5.31 -43.23 35.66
N ILE E 74 5.63 -42.37 34.68
CA ILE E 74 6.78 -41.49 34.90
C ILE E 74 6.42 -40.26 35.71
N ALA E 75 5.19 -40.12 36.15
CA ALA E 75 4.86 -39.18 37.21
C ALA E 75 4.88 -39.82 38.60
N GLN E 76 4.88 -41.16 38.67
CA GLN E 76 4.88 -41.83 39.97
C GLN E 76 6.18 -41.65 40.73
N ASP E 77 7.27 -41.27 40.07
CA ASP E 77 8.56 -41.11 40.72
C ASP E 77 8.81 -39.69 41.22
N PHE E 78 7.77 -38.86 41.30
CA PHE E 78 7.85 -37.50 41.81
C PHE E 78 6.95 -37.25 43.00
N LYS E 79 5.82 -37.93 43.08
CA LYS E 79 4.85 -37.77 44.16
C LYS E 79 3.94 -38.99 44.10
N THR E 80 3.83 -39.74 45.19
CA THR E 80 3.00 -40.92 45.19
C THR E 80 1.53 -40.55 45.30
N ASP E 81 0.70 -41.26 44.53
CA ASP E 81 -0.75 -41.13 44.47
C ASP E 81 -1.17 -39.72 44.05
N LEU E 82 -0.82 -39.39 42.81
CA LEU E 82 -1.39 -38.25 42.14
C LEU E 82 -2.67 -38.65 41.42
N ARG E 83 -3.39 -37.64 40.92
CA ARG E 83 -4.75 -37.85 40.44
C ARG E 83 -4.97 -36.87 39.29
N PHE E 84 -4.71 -37.33 38.07
CA PHE E 84 -4.77 -36.45 36.92
C PHE E 84 -6.22 -36.18 36.50
N GLN E 85 -6.42 -35.06 35.82
CA GLN E 85 -7.67 -34.82 35.11
C GLN E 85 -7.60 -35.47 33.73
N SER E 86 -8.56 -35.16 32.87
CA SER E 86 -8.53 -35.67 31.51
C SER E 86 -7.96 -34.67 30.53
N SER E 87 -8.26 -33.39 30.73
CA SER E 87 -7.70 -32.35 29.89
C SER E 87 -6.22 -32.14 30.13
N ALA E 88 -5.71 -32.53 31.30
CA ALA E 88 -4.27 -32.49 31.52
C ALA E 88 -3.53 -33.50 30.64
N VAL E 89 -4.06 -34.72 30.56
CA VAL E 89 -3.46 -35.74 29.70
C VAL E 89 -3.63 -35.38 28.23
N MET E 90 -4.75 -34.76 27.86
CA MET E 90 -4.92 -34.32 26.47
C MET E 90 -3.96 -33.19 26.11
N ALA E 91 -3.68 -32.28 27.04
CA ALA E 91 -2.72 -31.21 26.78
C ALA E 91 -1.31 -31.76 26.63
N LEU E 92 -0.94 -32.73 27.48
CA LEU E 92 0.37 -33.35 27.36
C LEU E 92 0.53 -34.10 26.04
N GLN E 93 -0.54 -34.73 25.56
CA GLN E 93 -0.44 -35.47 24.31
C GLN E 93 -0.33 -34.54 23.11
N GLU E 94 -1.06 -33.42 23.12
CA GLU E 94 -0.91 -32.39 22.09
C GLU E 94 0.52 -31.87 22.01
N ALA E 95 1.08 -31.49 23.17
CA ALA E 95 2.42 -30.91 23.20
C ALA E 95 3.49 -31.90 22.76
N SER E 96 3.36 -33.18 23.16
CA SER E 96 4.36 -34.18 22.78
C SER E 96 4.33 -34.49 21.30
N GLU E 97 3.13 -34.60 20.72
CA GLU E 97 2.99 -34.84 19.29
C GLU E 97 3.58 -33.70 18.46
N ALA E 98 3.34 -32.45 18.86
CA ALA E 98 3.89 -31.31 18.12
C ALA E 98 5.41 -31.26 18.19
N TYR E 99 5.98 -31.59 19.35
CA TYR E 99 7.43 -31.61 19.50
C TYR E 99 8.07 -32.66 18.59
N LEU E 100 7.51 -33.86 18.54
CA LEU E 100 8.10 -34.91 17.71
C LEU E 100 7.97 -34.63 16.22
N VAL E 101 6.88 -34.00 15.78
CA VAL E 101 6.74 -33.67 14.36
C VAL E 101 7.77 -32.62 13.93
N ALA E 102 8.01 -31.60 14.76
CA ALA E 102 9.02 -30.60 14.39
C ALA E 102 10.43 -31.18 14.39
N LEU E 103 10.72 -32.09 15.32
CA LEU E 103 12.03 -32.75 15.34
C LEU E 103 12.25 -33.59 14.10
N PHE E 104 11.20 -34.27 13.61
CA PHE E 104 11.35 -35.05 12.39
C PHE E 104 11.52 -34.20 11.14
N GLU E 105 10.94 -33.01 11.10
CA GLU E 105 11.19 -32.13 9.96
C GLU E 105 12.66 -31.69 9.89
N ASP E 106 13.23 -31.29 11.03
CA ASP E 106 14.64 -30.88 11.01
C ASP E 106 15.59 -32.05 10.77
N THR E 107 15.23 -33.24 11.25
CA THR E 107 16.00 -34.45 10.95
C THR E 107 16.01 -34.76 9.47
N ASN E 108 14.87 -34.60 8.80
CA ASN E 108 14.78 -34.83 7.36
C ASN E 108 15.67 -33.86 6.59
N LEU E 109 15.75 -32.61 7.03
CA LEU E 109 16.64 -31.67 6.35
C LEU E 109 18.11 -32.04 6.52
N CYS E 110 18.48 -32.54 7.70
CA CYS E 110 19.86 -33.01 7.89
C CYS E 110 20.19 -34.19 6.97
N ALA E 111 19.27 -35.16 6.86
CA ALA E 111 19.51 -36.32 6.01
C ALA E 111 19.58 -35.97 4.53
N ILE E 112 18.80 -34.97 4.09
CA ILE E 112 18.91 -34.51 2.70
C ILE E 112 20.24 -33.79 2.49
N HIS E 113 20.71 -33.05 3.50
CA HIS E 113 22.02 -32.38 3.39
C HIS E 113 23.15 -33.38 3.25
N ALA E 114 23.05 -34.56 3.86
CA ALA E 114 24.10 -35.55 3.70
C ALA E 114 23.99 -36.35 2.41
N LYS E 115 23.13 -35.95 1.47
CA LYS E 115 22.89 -36.61 0.18
C LYS E 115 22.45 -38.06 0.36
N ARG E 116 21.41 -38.24 1.16
CA ARG E 116 20.75 -39.52 1.38
C ARG E 116 19.25 -39.31 1.29
N VAL E 117 18.52 -40.40 1.52
CA VAL E 117 17.07 -40.36 1.68
C VAL E 117 16.65 -40.95 3.01
N THR E 118 17.29 -42.03 3.44
CA THR E 118 16.95 -42.72 4.67
C THR E 118 17.46 -41.93 5.88
N ILE E 119 16.61 -41.79 6.88
CA ILE E 119 16.94 -41.09 8.11
C ILE E 119 17.57 -42.06 9.11
N MET E 120 18.70 -41.65 9.67
CA MET E 120 19.53 -42.38 10.62
C MET E 120 19.59 -41.61 11.93
N PRO E 121 19.93 -42.27 13.06
CA PRO E 121 19.87 -41.55 14.35
C PRO E 121 20.93 -40.46 14.55
N LYS E 122 22.03 -40.48 13.81
CA LYS E 122 22.99 -39.39 13.94
C LYS E 122 22.46 -38.08 13.35
N ASP E 123 21.45 -38.16 12.48
CA ASP E 123 20.76 -36.96 12.04
C ASP E 123 19.96 -36.33 13.18
N ILE E 124 19.32 -37.17 13.99
CA ILE E 124 18.60 -36.69 15.17
C ILE E 124 19.55 -36.05 16.15
N GLN E 125 20.73 -36.65 16.33
CA GLN E 125 21.72 -36.09 17.23
C GLN E 125 22.25 -34.73 16.74
N LEU E 126 22.49 -34.61 15.43
CA LEU E 126 22.94 -33.34 14.88
C LEU E 126 21.88 -32.25 15.03
N ALA E 127 20.60 -32.60 14.82
CA ALA E 127 19.53 -31.63 14.95
C ALA E 127 19.38 -31.16 16.38
N ARG E 128 19.41 -32.08 17.33
CA ARG E 128 19.25 -31.68 18.73
C ARG E 128 20.48 -31.02 19.31
N ARG E 129 21.64 -31.13 18.66
CA ARG E 129 22.79 -30.41 19.18
C ARG E 129 22.96 -29.04 18.54
N ILE E 130 22.56 -28.85 17.28
CA ILE E 130 22.58 -27.51 16.71
C ILE E 130 21.50 -26.65 17.34
N ARG E 131 20.35 -27.24 17.63
CA ARG E 131 19.22 -26.48 18.17
C ARG E 131 19.50 -25.93 19.56
N GLY E 132 20.26 -26.64 20.38
CA GLY E 132 20.62 -26.14 21.69
C GLY E 132 20.03 -26.96 22.81
N GLU E 133 19.83 -28.24 22.58
CA GLU E 133 19.23 -29.13 23.56
C GLU E 133 20.20 -30.15 24.13
N ARG E 134 21.28 -30.48 23.41
CA ARG E 134 22.27 -31.44 23.88
C ARG E 134 23.62 -31.18 23.23
N ASP F 24 8.81 -50.98 29.99
CA ASP F 24 7.59 -51.26 30.74
C ASP F 24 6.39 -50.77 29.93
N ASN F 25 6.15 -49.47 29.98
CA ASN F 25 5.10 -48.84 29.19
C ASN F 25 5.63 -47.96 28.08
N ILE F 26 6.94 -47.75 28.00
CA ILE F 26 7.49 -47.00 26.89
C ILE F 26 7.46 -47.83 25.62
N GLN F 27 7.29 -49.15 25.75
CA GLN F 27 7.08 -50.02 24.60
C GLN F 27 5.66 -49.96 24.08
N GLY F 28 4.76 -49.24 24.76
CA GLY F 28 3.43 -48.96 24.25
C GLY F 28 3.37 -47.84 23.24
N ILE F 29 4.49 -47.14 23.04
CA ILE F 29 4.64 -46.22 21.92
C ILE F 29 5.19 -47.07 20.78
N THR F 30 4.29 -47.63 19.98
CA THR F 30 4.62 -48.75 19.13
C THR F 30 5.41 -48.31 17.91
N LYS F 31 5.78 -49.27 17.09
CA LYS F 31 6.45 -49.06 15.83
C LYS F 31 5.56 -48.40 14.75
N PRO F 32 4.26 -48.73 14.59
CA PRO F 32 3.49 -47.96 13.60
C PRO F 32 3.14 -46.55 14.00
N ALA F 33 3.18 -46.20 15.28
CA ALA F 33 2.82 -44.84 15.69
C ALA F 33 3.93 -43.84 15.40
N ILE F 34 5.18 -44.22 15.67
CA ILE F 34 6.34 -43.42 15.32
C ILE F 34 6.42 -43.24 13.81
N ARG F 35 6.02 -44.25 13.06
CA ARG F 35 5.99 -44.17 11.61
C ARG F 35 4.94 -43.16 11.13
N ARG F 36 3.79 -43.08 11.79
CA ARG F 36 2.78 -42.10 11.41
C ARG F 36 3.22 -40.68 11.74
N LEU F 37 3.89 -40.48 12.87
CA LEU F 37 4.43 -39.15 13.17
C LEU F 37 5.51 -38.74 12.18
N ALA F 38 6.31 -39.70 11.73
CA ALA F 38 7.31 -39.41 10.71
C ALA F 38 6.67 -39.11 9.36
N ARG F 39 5.56 -39.75 9.04
CA ARG F 39 4.86 -39.44 7.79
C ARG F 39 4.24 -38.05 7.82
N ARG F 40 3.70 -37.63 8.97
CA ARG F 40 3.24 -36.26 9.08
C ARG F 40 4.41 -35.27 9.03
N GLY F 41 5.59 -35.67 9.51
CA GLY F 41 6.75 -34.80 9.38
C GLY F 41 7.29 -34.66 7.98
N GLY F 42 6.95 -35.59 7.08
CA GLY F 42 7.38 -35.52 5.70
C GLY F 42 8.54 -36.42 5.38
N VAL F 43 8.57 -37.62 5.93
CA VAL F 43 9.72 -38.52 5.89
C VAL F 43 9.40 -39.69 4.98
N LYS F 44 10.29 -39.95 4.03
CA LYS F 44 10.06 -40.96 3.00
C LYS F 44 10.44 -42.36 3.47
N ARG F 45 11.64 -42.51 4.05
CA ARG F 45 12.20 -43.81 4.38
C ARG F 45 12.96 -43.73 5.70
N ILE F 46 12.74 -44.71 6.57
CA ILE F 46 13.15 -44.67 7.97
C ILE F 46 14.05 -45.88 8.24
N SER F 47 15.10 -45.68 9.04
CA SER F 47 15.98 -46.79 9.44
C SER F 47 15.34 -47.62 10.55
N GLY F 48 16.14 -48.42 11.23
CA GLY F 48 15.64 -49.29 12.28
C GLY F 48 16.08 -48.98 13.69
N LEU F 49 16.84 -47.92 13.91
CA LEU F 49 17.27 -47.52 15.24
C LEU F 49 16.60 -46.24 15.70
N ILE F 50 15.81 -45.63 14.81
CA ILE F 50 15.04 -44.43 15.08
C ILE F 50 14.03 -44.67 16.19
N TYR F 51 13.56 -45.91 16.33
CA TYR F 51 12.52 -46.19 17.32
C TYR F 51 13.05 -46.06 18.74
N GLU F 52 14.23 -46.63 19.01
CA GLU F 52 14.83 -46.50 20.34
C GLU F 52 15.30 -45.08 20.60
N GLU F 53 15.85 -44.42 19.56
CA GLU F 53 16.25 -43.02 19.72
C GLU F 53 15.05 -42.12 20.05
N THR F 54 13.91 -42.37 19.40
CA THR F 54 12.72 -41.55 19.58
C THR F 54 12.07 -41.79 20.93
N ARG F 55 12.10 -43.04 21.42
CA ARG F 55 11.57 -43.31 22.75
C ARG F 55 12.41 -42.60 23.83
N GLY F 56 13.72 -42.55 23.65
CA GLY F 56 14.55 -41.79 24.57
C GLY F 56 14.23 -40.29 24.58
N VAL F 57 14.06 -39.71 23.38
CA VAL F 57 13.74 -38.29 23.26
C VAL F 57 12.41 -37.94 23.92
N LEU F 58 11.39 -38.76 23.68
CA LEU F 58 10.07 -38.50 24.26
C LEU F 58 10.08 -38.63 25.77
N LYS F 59 10.86 -39.57 26.30
CA LYS F 59 10.91 -39.72 27.75
C LYS F 59 11.58 -38.54 28.42
N VAL F 60 12.64 -37.99 27.80
CA VAL F 60 13.30 -36.82 28.38
C VAL F 60 12.38 -35.59 28.40
N PHE F 61 11.64 -35.37 27.30
CA PHE F 61 10.70 -34.26 27.22
C PHE F 61 9.60 -34.35 28.28
N LEU F 62 8.99 -35.53 28.42
CA LEU F 62 7.90 -35.67 29.38
C LEU F 62 8.38 -35.57 30.82
N GLU F 63 9.61 -36.02 31.12
CA GLU F 63 10.13 -35.82 32.48
C GLU F 63 10.28 -34.34 32.81
N ASN F 64 10.86 -33.56 31.89
CA ASN F 64 11.07 -32.14 32.17
C ASN F 64 9.76 -31.36 32.29
N VAL F 65 8.68 -31.81 31.64
CA VAL F 65 7.44 -31.05 31.79
C VAL F 65 6.67 -31.47 33.04
N ILE F 66 6.59 -32.78 33.32
CA ILE F 66 5.83 -33.26 34.46
C ILE F 66 6.47 -32.83 35.79
N ARG F 67 7.79 -32.60 35.80
CA ARG F 67 8.43 -32.11 37.02
C ARG F 67 7.89 -30.73 37.44
N ASP F 68 7.79 -29.81 36.48
CA ASP F 68 7.26 -28.48 36.79
C ASP F 68 5.77 -28.50 37.07
N ALA F 69 5.01 -29.36 36.40
CA ALA F 69 3.58 -29.45 36.69
C ALA F 69 3.32 -29.93 38.10
N VAL F 70 4.10 -30.91 38.57
CA VAL F 70 3.95 -31.40 39.94
C VAL F 70 4.43 -30.37 40.95
N THR F 71 5.42 -29.55 40.59
CA THR F 71 5.85 -28.48 41.50
C THR F 71 4.77 -27.41 41.69
N TYR F 72 4.09 -26.99 40.60
CA TYR F 72 2.96 -26.07 40.75
C TYR F 72 1.82 -26.68 41.57
N THR F 73 1.56 -27.97 41.39
CA THR F 73 0.51 -28.64 42.15
C THR F 73 0.85 -28.73 43.64
N GLU F 74 2.11 -29.03 43.96
CA GLU F 74 2.53 -29.08 45.36
C GLU F 74 2.51 -27.72 46.03
N HIS F 75 2.79 -26.65 45.27
CA HIS F 75 2.68 -25.33 45.89
C HIS F 75 1.24 -24.93 46.12
N ALA F 76 0.32 -25.34 45.25
CA ALA F 76 -1.07 -24.94 45.44
C ALA F 76 -1.82 -25.79 46.45
N LYS F 77 -1.13 -26.67 47.19
CA LYS F 77 -1.70 -27.53 48.23
C LYS F 77 -2.82 -28.42 47.72
N ARG F 78 -2.64 -28.98 46.53
CA ARG F 78 -3.63 -29.87 45.95
C ARG F 78 -3.04 -31.26 45.77
N LYS F 79 -3.91 -32.18 45.36
CA LYS F 79 -3.51 -33.55 45.03
C LYS F 79 -3.91 -33.91 43.61
N THR F 80 -4.47 -32.98 42.86
CA THR F 80 -4.96 -33.19 41.51
C THR F 80 -4.16 -32.31 40.57
N VAL F 81 -3.69 -32.88 39.47
CA VAL F 81 -2.96 -32.13 38.47
C VAL F 81 -3.98 -31.63 37.45
N THR F 82 -4.17 -30.31 37.38
CA THR F 82 -5.13 -29.71 36.48
C THR F 82 -4.45 -29.36 35.16
N ALA F 83 -5.24 -28.85 34.21
CA ALA F 83 -4.69 -28.50 32.90
C ALA F 83 -3.95 -27.18 32.92
N MET F 84 -4.30 -26.29 33.85
CA MET F 84 -3.62 -25.00 33.92
C MET F 84 -2.19 -25.15 34.41
N ASP F 85 -1.91 -26.17 35.21
CA ASP F 85 -0.55 -26.43 35.65
C ASP F 85 0.32 -26.87 34.50
N VAL F 86 -0.22 -27.69 33.61
CA VAL F 86 0.47 -28.12 32.40
C VAL F 86 0.72 -26.92 31.48
N VAL F 87 -0.26 -26.02 31.37
CA VAL F 87 -0.10 -24.84 30.53
C VAL F 87 0.96 -23.90 31.08
N TYR F 88 1.03 -23.75 32.41
CA TYR F 88 2.04 -22.88 33.01
C TYR F 88 3.44 -23.47 32.88
N ALA F 89 3.56 -24.79 33.01
CA ALA F 89 4.85 -25.44 32.84
C ALA F 89 5.35 -25.34 31.41
N LEU F 90 4.47 -25.56 30.43
CA LEU F 90 4.85 -25.42 29.04
C LEU F 90 5.16 -23.99 28.67
N LYS F 91 4.51 -23.02 29.30
CA LYS F 91 4.86 -21.63 29.07
C LYS F 91 6.21 -21.28 29.65
N ARG F 92 6.59 -21.89 30.78
CA ARG F 92 7.95 -21.72 31.28
C ARG F 92 9.00 -22.31 30.37
N GLN F 93 8.69 -23.44 29.72
CA GLN F 93 9.67 -23.99 28.78
C GLN F 93 9.86 -23.10 27.56
N GLY F 94 8.86 -22.29 27.22
CA GLY F 94 8.89 -21.44 26.06
C GLY F 94 8.08 -22.01 24.92
N ARG F 95 6.89 -22.55 25.20
CA ARG F 95 6.15 -23.31 24.18
C ARG F 95 4.71 -22.89 23.95
N THR F 96 3.97 -22.49 24.99
CA THR F 96 2.74 -21.68 24.90
C THR F 96 1.64 -22.37 24.07
N LEU F 97 1.02 -23.37 24.68
CA LEU F 97 -0.11 -24.06 24.07
C LEU F 97 -1.41 -23.25 24.18
N TYR F 98 -2.11 -23.06 23.06
CA TYR F 98 -3.41 -22.41 23.03
C TYR F 98 -4.53 -23.44 22.90
N GLY F 99 -5.60 -23.27 23.67
CA GLY F 99 -6.76 -24.11 23.48
C GLY F 99 -7.28 -24.81 24.72
N PHE F 100 -6.51 -24.79 25.80
CA PHE F 100 -6.83 -25.49 27.04
C PHE F 100 -6.84 -24.46 28.16
N GLY F 101 -7.92 -23.70 28.25
CA GLY F 101 -7.99 -22.63 29.24
C GLY F 101 -7.06 -21.48 28.93
N LYS G 13 21.77 -0.22 70.46
CA LYS G 13 20.68 -1.15 70.21
C LYS G 13 20.64 -1.58 68.74
N ALA G 14 21.17 -0.71 67.87
CA ALA G 14 21.00 -0.88 66.43
C ALA G 14 21.85 -2.01 65.87
N LYS G 15 21.27 -3.21 65.78
CA LYS G 15 21.87 -4.32 65.07
C LYS G 15 21.22 -4.43 63.69
N THR G 16 22.01 -4.86 62.72
CA THR G 16 21.47 -5.08 61.40
C THR G 16 20.78 -6.44 61.34
N ARG G 17 19.95 -6.62 60.32
CA ARG G 17 19.29 -7.91 60.14
C ARG G 17 20.26 -8.97 59.62
N SER G 18 21.30 -8.54 58.90
CA SER G 18 22.26 -9.47 58.33
C SER G 18 23.09 -10.14 59.40
N SER G 19 23.40 -9.41 60.48
CA SER G 19 24.11 -10.02 61.59
C SER G 19 23.20 -10.94 62.39
N ARG G 20 21.90 -10.64 62.42
CA ARG G 20 20.97 -11.52 63.12
C ARG G 20 20.80 -12.84 62.38
N ALA G 21 20.65 -12.79 61.05
CA ALA G 21 20.51 -14.01 60.26
C ALA G 21 21.84 -14.67 59.97
N GLY G 22 22.95 -14.01 60.24
CA GLY G 22 24.27 -14.56 59.99
C GLY G 22 24.62 -14.60 58.53
N LEU G 23 24.53 -13.47 57.84
CA LEU G 23 24.77 -13.40 56.41
C LEU G 23 25.77 -12.30 56.12
N GLN G 24 26.13 -12.18 54.84
CA GLN G 24 27.02 -11.12 54.39
C GLN G 24 26.34 -10.11 53.47
N PHE G 25 25.34 -10.53 52.67
CA PHE G 25 24.58 -9.60 51.84
C PHE G 25 23.58 -8.81 52.69
N PRO G 26 23.19 -7.61 52.27
CA PRO G 26 22.21 -6.85 53.06
C PRO G 26 20.82 -7.44 52.95
N VAL G 27 20.02 -7.23 53.99
CA VAL G 27 18.65 -7.73 54.03
C VAL G 27 17.73 -6.53 53.91
N GLY G 28 18.17 -5.38 54.44
CA GLY G 28 17.39 -4.16 54.33
C GLY G 28 17.28 -3.66 52.90
N ARG G 29 18.36 -3.76 52.14
CA ARG G 29 18.32 -3.31 50.75
C ARG G 29 17.53 -4.27 49.87
N VAL G 30 17.58 -5.57 50.15
CA VAL G 30 16.77 -6.52 49.41
C VAL G 30 15.29 -6.30 49.71
N HIS G 31 14.96 -5.93 50.95
CA HIS G 31 13.57 -5.64 51.29
C HIS G 31 13.10 -4.35 50.64
N ARG G 32 13.98 -3.34 50.55
CA ARG G 32 13.64 -2.10 49.86
C ARG G 32 13.42 -2.33 48.37
N LEU G 33 14.27 -3.14 47.74
CA LEU G 33 14.12 -3.43 46.32
C LEU G 33 12.95 -4.35 46.02
N LEU G 34 12.49 -5.15 46.99
CA LEU G 34 11.25 -5.89 46.77
C LEU G 34 10.03 -5.00 46.94
N ARG G 35 10.04 -4.09 47.92
CA ARG G 35 8.88 -3.22 48.10
C ARG G 35 8.77 -2.15 47.04
N LYS G 36 9.86 -1.82 46.35
CA LYS G 36 9.87 -0.68 45.46
C LYS G 36 9.61 -1.05 44.00
N GLY G 37 9.86 -2.29 43.59
CA GLY G 37 9.85 -2.63 42.18
C GLY G 37 8.61 -3.28 41.61
N ASN G 38 7.47 -3.17 42.31
CA ASN G 38 6.15 -3.61 41.84
C ASN G 38 6.10 -5.11 41.57
N TYR G 39 6.34 -5.90 42.60
CA TYR G 39 6.20 -7.35 42.44
C TYR G 39 4.90 -7.86 43.01
N ALA G 40 4.53 -7.43 44.21
CA ALA G 40 3.23 -7.72 44.78
C ALA G 40 2.86 -6.57 45.69
N GLU G 41 1.70 -6.66 46.30
CA GLU G 41 1.23 -5.55 47.12
C GLU G 41 1.82 -5.59 48.53
N ARG G 42 1.97 -6.79 49.09
CA ARG G 42 2.61 -6.99 50.38
C ARG G 42 3.87 -7.82 50.21
N VAL G 43 4.84 -7.60 51.08
CA VAL G 43 6.07 -8.38 51.12
C VAL G 43 6.29 -8.84 52.55
N GLY G 44 6.45 -10.14 52.73
CA GLY G 44 6.57 -10.72 54.07
C GLY G 44 7.83 -10.41 54.83
N ALA G 45 8.17 -11.27 55.79
CA ALA G 45 9.32 -11.03 56.66
C ALA G 45 10.51 -11.92 56.37
N GLY G 46 10.27 -13.18 56.02
CA GLY G 46 11.34 -14.10 55.69
C GLY G 46 11.77 -14.08 54.25
N ALA G 47 11.08 -13.32 53.41
CA ALA G 47 11.43 -13.28 51.99
C ALA G 47 12.79 -12.63 51.71
N PRO G 48 13.16 -11.46 52.27
CA PRO G 48 14.51 -10.96 51.99
C PRO G 48 15.61 -11.77 52.65
N VAL G 49 15.32 -12.44 53.76
CA VAL G 49 16.33 -13.27 54.40
C VAL G 49 16.63 -14.51 53.57
N TYR G 50 15.57 -15.16 53.07
CA TYR G 50 15.75 -16.32 52.20
C TYR G 50 16.46 -15.93 50.91
N LEU G 51 16.10 -14.78 50.33
CA LEU G 51 16.68 -14.41 49.05
C LEU G 51 18.13 -13.95 49.18
N ALA G 52 18.49 -13.31 50.31
CA ALA G 52 19.89 -12.95 50.52
C ALA G 52 20.75 -14.18 50.77
N ALA G 53 20.20 -15.20 51.44
CA ALA G 53 20.94 -16.45 51.61
C ALA G 53 21.19 -17.15 50.27
N VAL G 54 20.18 -17.16 49.39
CA VAL G 54 20.34 -17.79 48.08
C VAL G 54 21.37 -17.06 47.23
N LEU G 55 21.33 -15.72 47.21
CA LEU G 55 22.29 -14.96 46.39
C LEU G 55 23.71 -15.10 46.92
N GLU G 56 23.87 -15.17 48.24
CA GLU G 56 25.20 -15.38 48.82
C GLU G 56 25.77 -16.75 48.45
N TYR G 57 24.92 -17.78 48.45
CA TYR G 57 25.40 -19.11 48.06
C TYR G 57 25.86 -19.16 46.60
N LEU G 58 25.08 -18.55 45.70
CA LEU G 58 25.46 -18.58 44.28
C LEU G 58 26.75 -17.79 44.01
N THR G 59 26.91 -16.64 44.67
CA THR G 59 28.13 -15.87 44.52
C THR G 59 29.35 -16.63 45.03
N ALA G 60 29.20 -17.31 46.18
CA ALA G 60 30.32 -18.06 46.74
C ALA G 60 30.72 -19.23 45.84
N GLU G 61 29.75 -19.88 45.20
CA GLU G 61 30.07 -20.99 44.29
C GLU G 61 30.84 -20.52 43.06
N ILE G 62 30.40 -19.40 42.46
CA ILE G 62 31.10 -18.84 41.29
C ILE G 62 32.53 -18.46 41.64
N LEU G 63 32.72 -17.74 42.76
CA LEU G 63 34.07 -17.26 43.08
C LEU G 63 34.99 -18.38 43.54
N GLU G 64 34.44 -19.42 44.17
CA GLU G 64 35.25 -20.60 44.51
C GLU G 64 35.77 -21.29 43.26
N LEU G 65 34.93 -21.39 42.23
CA LEU G 65 35.45 -21.99 40.99
C LEU G 65 36.41 -21.06 40.26
N ALA G 66 36.27 -19.74 40.41
CA ALA G 66 37.13 -18.84 39.65
C ALA G 66 38.53 -18.72 40.24
N GLY G 67 38.65 -18.75 41.57
CA GLY G 67 39.95 -18.65 42.19
C GLY G 67 40.87 -19.81 41.91
N ASN G 68 40.30 -21.00 41.68
CA ASN G 68 41.13 -22.16 41.35
C ASN G 68 41.75 -22.03 39.97
N ALA G 69 41.01 -21.48 39.00
CA ALA G 69 41.59 -21.23 37.69
C ALA G 69 42.60 -20.11 37.74
N ALA G 70 42.40 -19.12 38.62
CA ALA G 70 43.43 -18.10 38.81
C ALA G 70 44.68 -18.67 39.44
N ARG G 71 44.57 -19.73 40.25
CA ARG G 71 45.76 -20.44 40.71
C ARG G 71 46.41 -21.22 39.58
N ASP G 72 45.59 -21.87 38.74
CA ASP G 72 46.13 -22.75 37.71
C ASP G 72 46.86 -21.99 36.63
N ASN G 73 46.47 -20.75 36.36
CA ASN G 73 47.25 -19.92 35.45
C ASN G 73 48.31 -19.11 36.18
N LYS G 74 48.51 -19.39 37.47
CA LYS G 74 49.52 -18.78 38.34
C LYS G 74 49.34 -17.25 38.40
N LYS G 75 48.19 -16.85 38.93
CA LYS G 75 47.85 -15.45 39.15
C LYS G 75 47.33 -15.28 40.56
N THR G 76 47.29 -14.04 41.02
CA THR G 76 46.69 -13.71 42.31
C THR G 76 45.58 -12.69 42.16
N ARG G 77 44.91 -12.69 41.01
CA ARG G 77 43.88 -11.68 40.75
C ARG G 77 42.97 -12.23 39.66
N ILE G 78 41.66 -12.14 39.87
CA ILE G 78 40.68 -12.77 38.99
C ILE G 78 40.38 -11.83 37.83
N ILE G 79 40.21 -12.39 36.63
CA ILE G 79 39.90 -11.64 35.41
C ILE G 79 38.73 -12.32 34.69
N PRO G 80 38.09 -11.67 33.71
CA PRO G 80 36.96 -12.33 33.01
C PRO G 80 37.29 -13.60 32.27
N ARG G 81 38.55 -13.84 31.89
CA ARG G 81 38.90 -15.14 31.33
C ARG G 81 38.74 -16.24 32.37
N HIS G 82 39.11 -15.95 33.61
CA HIS G 82 39.00 -16.94 34.66
C HIS G 82 37.55 -17.19 35.03
N LEU G 83 36.73 -16.12 34.99
CA LEU G 83 35.29 -16.31 35.20
C LEU G 83 34.65 -17.14 34.09
N GLN G 84 35.06 -16.88 32.83
CA GLN G 84 34.58 -17.64 31.68
C GLN G 84 34.89 -19.13 31.81
N LEU G 85 36.14 -19.45 32.13
CA LEU G 85 36.55 -20.85 32.26
C LEU G 85 35.82 -21.54 33.42
N ALA G 86 35.66 -20.83 34.54
CA ALA G 86 34.98 -21.39 35.70
C ALA G 86 33.52 -21.70 35.41
N VAL G 87 32.83 -20.81 34.70
CA VAL G 87 31.43 -21.06 34.36
C VAL G 87 31.30 -22.17 33.34
N ARG G 88 32.07 -22.11 32.26
CA ARG G 88 31.84 -23.03 31.16
C ARG G 88 32.38 -24.43 31.41
N ASN G 89 33.27 -24.63 32.38
CA ASN G 89 33.69 -26.00 32.69
C ASN G 89 32.73 -26.71 33.64
N ASP G 90 32.01 -25.96 34.47
CA ASP G 90 31.03 -26.58 35.37
C ASP G 90 29.80 -27.00 34.55
N GLU G 91 29.00 -27.91 35.11
CA GLU G 91 27.88 -28.43 34.35
C GLU G 91 26.59 -27.66 34.60
N GLU G 92 26.16 -27.55 35.86
CA GLU G 92 24.89 -26.90 36.17
C GLU G 92 24.96 -25.39 36.05
N LEU G 93 26.13 -24.79 36.27
CA LEU G 93 26.28 -23.36 36.01
C LEU G 93 26.22 -23.06 34.53
N ASN G 94 26.63 -24.00 33.69
CA ASN G 94 26.52 -23.82 32.25
C ASN G 94 25.08 -23.94 31.78
N LYS G 95 24.23 -24.59 32.56
CA LYS G 95 22.81 -24.64 32.23
C LYS G 95 22.06 -23.44 32.79
N LEU G 96 22.53 -22.89 33.92
CA LEU G 96 21.96 -21.65 34.42
C LEU G 96 22.32 -20.46 33.55
N LEU G 97 23.61 -20.29 33.25
CA LEU G 97 24.08 -19.21 32.38
C LEU G 97 24.21 -19.69 30.94
N GLY G 98 23.09 -20.14 30.39
CA GLY G 98 23.09 -20.81 29.11
C GLY G 98 23.27 -19.88 27.93
N ARG G 99 22.42 -18.87 27.82
CA ARG G 99 22.56 -17.88 26.76
C ARG G 99 22.96 -16.54 27.38
N VAL G 100 24.24 -16.43 27.69
CA VAL G 100 24.83 -15.27 28.36
C VAL G 100 26.22 -15.07 27.79
N THR G 101 26.51 -13.85 27.34
CA THR G 101 27.82 -13.50 26.81
C THR G 101 28.59 -12.72 27.87
N ILE G 102 29.75 -13.22 28.25
CA ILE G 102 30.62 -12.55 29.21
C ILE G 102 31.68 -11.79 28.44
N ALA G 103 31.76 -10.48 28.67
CA ALA G 103 32.64 -9.62 27.90
C ALA G 103 34.10 -9.91 28.21
N GLN G 104 34.92 -9.91 27.15
CA GLN G 104 36.37 -10.21 27.20
C GLN G 104 36.64 -11.59 27.79
N GLY G 105 35.96 -12.60 27.25
CA GLY G 105 36.08 -13.93 27.81
C GLY G 105 36.68 -14.98 26.90
N GLY G 106 36.49 -14.86 25.59
CA GLY G 106 37.01 -15.90 24.74
C GLY G 106 36.17 -17.17 24.76
N VAL G 107 36.77 -18.24 24.25
CA VAL G 107 36.10 -19.54 24.11
C VAL G 107 36.89 -20.60 24.86
N LEU G 108 36.45 -21.88 24.76
CA LEU G 108 37.20 -22.99 25.30
C LEU G 108 38.06 -23.63 24.22
N PRO G 109 39.18 -24.27 24.59
CA PRO G 109 40.03 -24.93 23.59
C PRO G 109 39.48 -26.24 23.04
N ASN G 110 38.69 -26.17 21.98
CA ASN G 110 38.08 -27.34 21.35
C ASN G 110 38.58 -27.48 19.92
N ILE G 111 39.11 -28.66 19.59
CA ILE G 111 39.44 -29.03 18.22
C ILE G 111 38.79 -30.37 17.92
N GLN G 112 38.10 -30.47 16.79
CA GLN G 112 37.51 -31.73 16.36
C GLN G 112 38.60 -32.73 15.98
N SER G 113 38.27 -34.02 16.08
CA SER G 113 39.29 -35.05 15.93
C SER G 113 39.58 -35.40 14.48
N VAL G 114 38.60 -35.25 13.58
CA VAL G 114 38.85 -35.56 12.17
C VAL G 114 39.68 -34.48 11.48
N LEU G 115 39.91 -33.35 12.13
CA LEU G 115 40.76 -32.31 11.58
C LEU G 115 42.22 -32.49 11.94
N LEU G 116 42.52 -33.27 12.98
CA LEU G 116 43.87 -33.52 13.43
C LEU G 116 44.57 -34.51 12.50
N PRO G 117 45.90 -34.37 12.32
CA PRO G 117 46.63 -35.31 11.47
C PRO G 117 47.01 -36.59 12.21
N LYS H 28 29.02 13.86 41.78
CA LYS H 28 28.53 13.94 43.16
C LYS H 28 27.08 13.50 43.28
N THR H 29 26.82 12.25 42.90
CA THR H 29 25.53 11.61 43.14
C THR H 29 25.79 10.13 43.38
N ARG H 30 24.97 9.53 44.21
CA ARG H 30 25.24 8.19 44.69
C ARG H 30 24.69 7.14 43.73
N LYS H 31 25.43 6.05 43.60
CA LYS H 31 25.03 4.91 42.79
C LYS H 31 25.38 3.64 43.54
N GLU H 32 24.37 2.87 43.90
CA GLU H 32 24.51 1.70 44.76
C GLU H 32 24.86 0.46 43.93
N SER H 33 25.66 -0.43 44.53
CA SER H 33 26.12 -1.63 43.85
C SER H 33 26.36 -2.71 44.90
N TYR H 34 26.93 -3.84 44.45
CA TYR H 34 27.20 -4.99 45.31
C TYR H 34 28.70 -5.26 45.41
N ALA H 35 29.54 -4.23 45.38
CA ALA H 35 30.97 -4.44 45.24
C ALA H 35 31.59 -4.94 46.55
N ILE H 36 31.26 -4.30 47.66
CA ILE H 36 31.91 -4.61 48.92
C ILE H 36 31.47 -5.97 49.44
N TYR H 37 30.26 -6.42 49.09
CA TYR H 37 29.77 -7.69 49.58
C TYR H 37 30.40 -8.87 48.83
N VAL H 38 30.56 -8.70 47.52
CA VAL H 38 31.31 -9.67 46.72
C VAL H 38 32.77 -9.72 47.16
N TYR H 39 33.31 -8.58 47.59
CA TYR H 39 34.67 -8.56 48.12
C TYR H 39 34.77 -9.32 49.44
N LYS H 40 33.74 -9.22 50.29
CA LYS H 40 33.73 -9.97 51.55
C LYS H 40 33.61 -11.47 51.33
N VAL H 41 32.78 -11.89 50.38
CA VAL H 41 32.63 -13.32 50.11
C VAL H 41 33.91 -13.89 49.50
N LEU H 42 34.59 -13.10 48.66
CA LEU H 42 35.88 -13.54 48.13
C LEU H 42 36.93 -13.65 49.22
N LYS H 43 36.93 -12.73 50.19
CA LYS H 43 37.87 -12.87 51.29
C LYS H 43 37.47 -13.95 52.29
N GLN H 44 36.26 -14.51 52.20
CA GLN H 44 36.00 -15.73 52.95
C GLN H 44 36.48 -16.97 52.23
N VAL H 45 36.28 -17.08 50.92
CA VAL H 45 36.62 -18.35 50.27
C VAL H 45 38.11 -18.42 49.94
N HIS H 46 38.70 -17.35 49.43
CA HIS H 46 40.13 -17.33 49.10
C HIS H 46 40.74 -16.13 49.81
N PRO H 47 41.38 -16.33 50.97
CA PRO H 47 41.84 -15.17 51.75
C PRO H 47 43.04 -14.45 51.17
N ASP H 48 43.61 -14.92 50.07
CA ASP H 48 44.87 -14.36 49.55
C ASP H 48 44.80 -14.13 48.05
N THR H 49 43.71 -13.50 47.59
CA THR H 49 43.59 -13.13 46.19
C THR H 49 42.77 -11.85 46.09
N GLY H 50 42.79 -11.24 44.91
CA GLY H 50 42.05 -10.04 44.65
C GLY H 50 41.22 -10.17 43.38
N ILE H 51 40.57 -9.07 43.03
CA ILE H 51 39.69 -9.04 41.87
C ILE H 51 39.81 -7.67 41.22
N SER H 52 39.81 -7.65 39.89
CA SER H 52 39.94 -6.40 39.16
C SER H 52 38.59 -5.72 39.04
N SER H 53 38.54 -4.60 38.32
CA SER H 53 37.30 -3.83 38.25
C SER H 53 36.32 -4.42 37.25
N LYS H 54 36.83 -4.96 36.14
CA LYS H 54 35.96 -5.53 35.11
C LYS H 54 35.25 -6.78 35.61
N ALA H 55 35.97 -7.64 36.34
CA ALA H 55 35.33 -8.82 36.90
C ALA H 55 34.34 -8.46 38.00
N MET H 56 34.58 -7.37 38.72
CA MET H 56 33.61 -6.91 39.70
C MET H 56 32.35 -6.39 39.02
N SER H 57 32.50 -5.75 37.87
CA SER H 57 31.34 -5.32 37.10
C SER H 57 30.53 -6.50 36.59
N ILE H 58 31.21 -7.57 36.17
CA ILE H 58 30.53 -8.78 35.72
C ILE H 58 29.78 -9.45 36.87
N MET H 59 30.37 -9.48 38.06
CA MET H 59 29.69 -10.10 39.20
C MET H 59 28.50 -9.27 39.66
N ASN H 60 28.58 -7.94 39.54
CA ASN H 60 27.45 -7.07 39.83
C ASN H 60 26.28 -7.34 38.90
N SER H 61 26.57 -7.49 37.60
CA SER H 61 25.53 -7.81 36.62
C SER H 61 24.89 -9.17 36.88
N PHE H 62 25.70 -10.15 37.30
CA PHE H 62 25.18 -11.47 37.61
C PHE H 62 24.22 -11.47 38.79
N VAL H 63 24.55 -10.72 39.84
CA VAL H 63 23.69 -10.67 41.02
C VAL H 63 22.36 -9.99 40.69
N ASN H 64 22.40 -8.89 39.93
CA ASN H 64 21.15 -8.22 39.54
C ASN H 64 20.27 -9.10 38.65
N ASP H 65 20.89 -9.85 37.73
CA ASP H 65 20.18 -10.76 36.84
C ASP H 65 19.42 -11.82 37.61
N VAL H 66 20.11 -12.54 38.50
CA VAL H 66 19.49 -13.62 39.25
C VAL H 66 18.42 -13.11 40.21
N PHE H 67 18.64 -11.92 40.79
CA PHE H 67 17.64 -11.29 41.66
C PHE H 67 16.32 -11.06 40.91
N GLU H 68 16.41 -10.41 39.74
CA GLU H 68 15.20 -10.09 38.99
C GLU H 68 14.49 -11.33 38.48
N ARG H 69 15.24 -12.38 38.18
CA ARG H 69 14.63 -13.60 37.67
C ARG H 69 13.84 -14.32 38.76
N ILE H 70 14.41 -14.46 39.96
CA ILE H 70 13.72 -15.13 41.06
C ILE H 70 12.52 -14.31 41.54
N ALA H 71 12.67 -12.98 41.60
CA ALA H 71 11.57 -12.14 42.06
C ALA H 71 10.38 -12.15 41.10
N GLY H 72 10.65 -12.14 39.79
CA GLY H 72 9.55 -12.22 38.83
C GLY H 72 8.82 -13.54 38.85
N GLU H 73 9.56 -14.64 39.06
CA GLU H 73 8.90 -15.94 39.17
C GLU H 73 8.01 -16.02 40.41
N ALA H 74 8.49 -15.51 41.54
CA ALA H 74 7.68 -15.49 42.76
C ALA H 74 6.42 -14.65 42.60
N SER H 75 6.54 -13.54 41.87
CA SER H 75 5.37 -12.69 41.62
C SER H 75 4.32 -13.40 40.77
N ARG H 76 4.73 -14.15 39.74
CA ARG H 76 3.73 -14.88 38.97
C ARG H 76 3.09 -16.04 39.74
N LEU H 77 3.83 -16.66 40.66
CA LEU H 77 3.21 -17.65 41.55
C LEU H 77 2.12 -17.02 42.42
N ALA H 78 2.43 -15.87 43.02
CA ALA H 78 1.45 -15.18 43.86
C ALA H 78 0.25 -14.68 43.06
N HIS H 79 0.43 -14.39 41.77
CA HIS H 79 -0.71 -13.99 40.97
C HIS H 79 -1.56 -15.18 40.53
N TYR H 80 -0.93 -16.32 40.24
CA TYR H 80 -1.67 -17.52 39.86
C TYR H 80 -2.55 -18.02 40.99
N ASN H 81 -2.07 -17.90 42.23
CA ASN H 81 -2.82 -18.46 43.35
C ASN H 81 -3.79 -17.47 43.98
N LYS H 82 -4.02 -16.32 43.35
CA LYS H 82 -5.00 -15.30 43.78
C LYS H 82 -4.71 -14.77 45.18
N ARG H 83 -3.44 -14.58 45.49
CA ARG H 83 -3.03 -14.02 46.77
C ARG H 83 -2.29 -12.73 46.53
N SER H 84 -1.90 -12.06 47.60
CA SER H 84 -1.38 -10.71 47.51
C SER H 84 -0.12 -10.54 48.35
N THR H 85 0.61 -11.62 48.61
CA THR H 85 1.73 -11.57 49.54
C THR H 85 2.84 -12.47 49.01
N ILE H 86 4.04 -11.92 48.84
CA ILE H 86 5.22 -12.71 48.54
C ILE H 86 5.87 -13.12 49.85
N THR H 87 5.93 -14.42 50.10
CA THR H 87 6.49 -14.98 51.31
C THR H 87 7.65 -15.92 50.98
N SER H 88 8.22 -16.49 52.04
CA SER H 88 9.35 -17.39 51.88
C SER H 88 8.98 -18.68 51.17
N ARG H 89 7.71 -19.08 51.20
CA ARG H 89 7.33 -20.26 50.46
C ARG H 89 7.27 -19.99 48.96
N GLU H 90 6.83 -18.79 48.57
CA GLU H 90 6.92 -18.40 47.16
C GLU H 90 8.36 -18.31 46.70
N ILE H 91 9.25 -17.76 47.53
CA ILE H 91 10.65 -17.68 47.17
C ILE H 91 11.26 -19.08 47.03
N GLN H 92 10.84 -20.01 47.89
CA GLN H 92 11.35 -21.38 47.83
C GLN H 92 10.90 -22.12 46.57
N THR H 93 9.63 -21.99 46.20
CA THR H 93 9.13 -22.64 45.00
C THR H 93 9.72 -22.01 43.74
N ALA H 94 9.97 -20.70 43.75
CA ALA H 94 10.65 -20.05 42.64
C ALA H 94 12.09 -20.57 42.49
N VAL H 95 12.78 -20.82 43.60
CA VAL H 95 14.13 -21.37 43.54
C VAL H 95 14.12 -22.78 42.98
N ARG H 96 13.15 -23.61 43.40
CA ARG H 96 13.06 -24.98 42.87
C ARG H 96 12.70 -25.01 41.39
N LEU H 97 11.89 -24.06 40.92
CA LEU H 97 11.60 -24.02 39.48
C LEU H 97 12.77 -23.46 38.68
N LEU H 98 13.57 -22.57 39.25
CA LEU H 98 14.57 -21.89 38.44
C LEU H 98 15.90 -22.62 38.39
N LEU H 99 16.37 -23.20 39.50
CA LEU H 99 17.72 -23.74 39.45
C LEU H 99 17.71 -25.23 39.17
N PRO H 100 18.74 -25.78 38.52
CA PRO H 100 18.84 -27.24 38.36
C PRO H 100 19.22 -27.94 39.67
N GLY H 101 19.20 -29.27 39.63
CA GLY H 101 19.09 -30.14 40.79
C GLY H 101 19.92 -29.96 42.06
N GLU H 102 21.23 -30.26 42.00
CA GLU H 102 22.07 -30.21 43.19
C GLU H 102 22.23 -28.78 43.69
N LEU H 103 22.30 -27.85 42.75
CA LEU H 103 22.37 -26.43 43.07
C LEU H 103 21.10 -25.98 43.77
N ALA H 104 19.95 -26.51 43.34
CA ALA H 104 18.68 -26.17 43.98
C ALA H 104 18.58 -26.74 45.39
N LYS H 105 19.06 -27.96 45.59
CA LYS H 105 19.02 -28.56 46.93
C LYS H 105 19.90 -27.81 47.92
N HIS H 106 21.10 -27.42 47.49
CA HIS H 106 21.96 -26.67 48.39
C HIS H 106 21.44 -25.26 48.65
N ALA H 107 20.78 -24.64 47.66
CA ALA H 107 20.21 -23.31 47.89
C ALA H 107 19.04 -23.35 48.85
N VAL H 108 18.18 -24.39 48.74
CA VAL H 108 17.07 -24.55 49.69
C VAL H 108 17.59 -24.76 51.11
N SER H 109 18.65 -25.56 51.26
CA SER H 109 19.23 -25.80 52.57
C SER H 109 19.78 -24.52 53.20
N GLU H 110 20.52 -23.72 52.40
CA GLU H 110 21.09 -22.48 52.92
C GLU H 110 20.01 -21.48 53.32
N GLY H 111 18.97 -21.33 52.50
CA GLY H 111 17.91 -20.38 52.83
C GLY H 111 17.11 -20.78 54.05
N THR H 112 16.83 -22.08 54.20
CA THR H 112 16.08 -22.55 55.37
C THR H 112 16.90 -22.37 56.65
N LYS H 113 18.21 -22.61 56.57
CA LYS H 113 19.07 -22.40 57.73
C LYS H 113 19.12 -20.93 58.15
N ALA H 114 19.14 -20.02 57.16
CA ALA H 114 19.15 -18.59 57.49
C ALA H 114 17.83 -18.14 58.12
N VAL H 115 16.69 -18.65 57.62
CA VAL H 115 15.41 -18.25 58.20
C VAL H 115 15.24 -18.80 59.61
N THR H 116 15.74 -20.02 59.85
CA THR H 116 15.69 -20.59 61.21
C THR H 116 16.54 -19.79 62.18
N CYS H 117 17.78 -19.46 61.79
CA CYS H 117 18.62 -18.65 62.65
C CYS H 117 18.13 -17.22 62.80
N TYR H 118 17.29 -16.73 61.90
CA TYR H 118 16.72 -15.40 62.09
C TYR H 118 15.54 -15.41 63.04
N THR H 119 14.68 -16.43 62.97
CA THR H 119 13.55 -16.44 63.88
C THR H 119 13.94 -16.86 65.30
N SER H 120 14.92 -17.77 65.44
CA SER H 120 15.34 -18.17 66.78
C SER H 120 16.12 -17.09 67.50
N ALA H 121 16.67 -16.12 66.77
CA ALA H 121 17.39 -14.99 67.35
C ALA H 121 16.55 -13.72 67.31
N LYS H 122 15.25 -13.85 67.58
CA LYS H 122 14.30 -12.75 67.47
C LYS H 122 14.53 -11.71 68.55
N ALA K 11 12.12 12.15 -46.07
CA ALA K 11 12.29 13.52 -45.61
C ALA K 11 11.55 14.49 -46.51
N ARG K 12 10.21 14.56 -46.31
CA ARG K 12 9.27 15.55 -46.84
C ARG K 12 9.01 15.37 -48.34
N ALA K 13 9.74 14.48 -48.99
CA ALA K 13 9.57 14.29 -50.43
C ALA K 13 9.49 12.83 -50.83
N GLU K 14 10.25 11.95 -50.18
CA GLU K 14 10.29 10.53 -50.55
C GLU K 14 9.02 9.85 -50.03
N VAL K 15 7.94 10.02 -50.79
CA VAL K 15 6.68 9.36 -50.46
C VAL K 15 6.84 7.88 -50.74
N HIS K 16 6.73 7.07 -49.69
CA HIS K 16 7.05 5.65 -49.74
C HIS K 16 5.84 4.83 -49.31
N LEU K 17 6.01 3.51 -49.36
CA LEU K 17 5.01 2.56 -48.88
C LEU K 17 5.20 2.38 -47.37
N ARG K 18 4.54 1.34 -46.83
CA ARG K 18 4.51 1.02 -45.40
C ARG K 18 3.98 2.23 -44.62
N LYS K 19 2.71 2.50 -44.90
CA LYS K 19 1.99 3.60 -44.28
C LYS K 19 0.77 3.12 -43.51
N SER K 20 0.34 1.87 -43.71
CA SER K 20 -0.82 1.32 -43.05
C SER K 20 -0.53 -0.14 -42.70
N ALA K 21 -0.96 -0.54 -41.51
CA ALA K 21 -0.77 -1.91 -41.05
C ALA K 21 -2.05 -2.60 -40.62
N PHE K 22 -3.14 -1.85 -40.37
CA PHE K 22 -4.46 -2.37 -39.99
C PHE K 22 -4.40 -3.22 -38.72
N ASP K 23 -4.02 -2.59 -37.62
CA ASP K 23 -3.79 -3.30 -36.36
C ASP K 23 -4.58 -2.63 -35.24
N MET K 24 -5.11 -3.45 -34.33
CA MET K 24 -5.83 -2.92 -33.18
C MET K 24 -4.87 -2.44 -32.10
N PHE K 25 -3.83 -3.21 -31.82
CA PHE K 25 -2.88 -2.91 -30.78
C PHE K 25 -1.58 -2.40 -31.38
N ASN K 26 -1.15 -1.23 -30.89
CA ASN K 26 0.19 -0.71 -31.15
C ASN K 26 1.08 -0.98 -29.95
N PHE K 27 0.94 -2.18 -29.38
CA PHE K 27 1.66 -2.52 -28.17
C PHE K 27 3.10 -2.93 -28.48
N LEU K 28 3.41 -3.15 -29.76
CA LEU K 28 4.79 -3.39 -30.19
C LEU K 28 5.63 -2.14 -29.96
N ALA K 29 6.48 -2.21 -28.93
CA ALA K 29 7.17 -1.04 -28.42
C ALA K 29 8.63 -1.05 -28.86
N SER K 30 9.31 0.05 -28.54
CA SER K 30 10.75 0.14 -28.79
C SER K 30 11.54 -0.67 -27.77
N LYS K 31 11.09 -0.70 -26.52
CA LYS K 31 11.86 -1.36 -25.46
C LYS K 31 11.75 -2.88 -25.58
N HIS K 32 10.53 -3.42 -25.39
CA HIS K 32 10.22 -4.86 -25.44
C HIS K 32 11.13 -5.68 -24.54
N ARG K 33 11.35 -5.20 -23.31
CA ARG K 33 12.33 -5.79 -22.40
C ARG K 33 11.86 -7.11 -21.82
N GLN K 34 11.77 -8.13 -22.66
CA GLN K 34 11.29 -9.45 -22.24
C GLN K 34 12.38 -10.19 -21.47
N ALA K 53 7.45 -24.60 -0.53
CA ALA K 53 7.05 -23.35 -1.16
C ALA K 53 6.46 -22.39 -0.13
N ARG K 54 6.15 -21.18 -0.56
CA ARG K 54 5.50 -20.23 0.33
C ARG K 54 4.23 -19.63 -0.27
N ARG K 55 4.20 -19.38 -1.58
CA ARG K 55 3.08 -18.73 -2.21
C ARG K 55 1.89 -19.68 -2.29
N ALA K 56 0.69 -19.10 -2.18
CA ALA K 56 -0.52 -19.90 -2.02
C ALA K 56 -0.90 -20.63 -3.29
N THR K 57 -0.58 -20.08 -4.46
CA THR K 57 -0.89 -20.74 -5.71
C THR K 57 0.01 -21.94 -5.98
N SER K 58 1.15 -22.04 -5.28
CA SER K 58 2.06 -23.16 -5.43
C SER K 58 1.89 -24.21 -4.33
N MET K 59 1.12 -23.92 -3.28
CA MET K 59 0.92 -24.89 -2.21
C MET K 59 -0.01 -26.01 -2.66
N ASP K 60 -0.16 -27.01 -1.80
CA ASP K 60 -1.05 -28.14 -2.07
C ASP K 60 -2.42 -27.95 -1.44
N LEU K 61 -2.86 -26.71 -1.33
CA LEU K 61 -4.13 -26.38 -0.71
C LEU K 61 -5.28 -26.76 -1.66
N PRO K 62 -6.52 -26.77 -1.19
CA PRO K 62 -7.64 -26.91 -2.13
C PRO K 62 -7.78 -25.72 -3.07
N MET K 63 -8.64 -25.91 -4.07
CA MET K 63 -8.64 -25.06 -5.25
C MET K 63 -9.09 -23.61 -5.00
N PRO K 64 -10.17 -23.30 -4.25
CA PRO K 64 -10.51 -21.89 -4.03
C PRO K 64 -9.52 -21.15 -3.14
N MET K 65 -8.65 -21.85 -2.42
CA MET K 65 -7.60 -21.16 -1.68
C MET K 65 -6.55 -20.60 -2.62
N ARG K 66 -6.33 -21.25 -3.75
CA ARG K 66 -5.34 -20.79 -4.71
C ARG K 66 -5.94 -19.76 -5.68
N PHE K 67 -7.21 -19.97 -6.05
CA PHE K 67 -7.87 -19.12 -7.02
C PHE K 67 -8.06 -17.69 -6.53
N ARG K 68 -8.12 -17.49 -5.21
CA ARG K 68 -8.31 -16.16 -4.66
C ARG K 68 -7.04 -15.31 -4.75
N HIS K 69 -5.89 -15.93 -4.53
CA HIS K 69 -4.60 -15.26 -4.55
C HIS K 69 -4.06 -15.12 -5.98
N LEU K 70 -4.66 -15.87 -6.91
CA LEU K 70 -4.26 -15.87 -8.32
C LEU K 70 -4.23 -14.48 -8.96
N LYS K 71 -5.31 -13.71 -8.81
CA LYS K 71 -5.39 -12.45 -9.54
C LYS K 71 -4.49 -11.38 -8.94
N LYS K 72 -4.21 -11.47 -7.63
CA LYS K 72 -3.22 -10.56 -7.05
C LYS K 72 -1.81 -10.90 -7.50
N THR K 73 -1.52 -12.18 -7.70
CA THR K 73 -0.17 -12.55 -8.16
C THR K 73 0.06 -12.29 -9.64
N SER K 74 -0.97 -12.44 -10.48
CA SER K 74 -0.77 -12.43 -11.92
C SER K 74 -0.42 -11.05 -12.46
N LYS K 75 -0.64 -9.99 -11.70
CA LYS K 75 -0.23 -8.66 -12.16
C LYS K 75 1.29 -8.50 -12.12
N GLU K 76 1.96 -9.14 -11.17
CA GLU K 76 3.41 -9.05 -11.09
C GLU K 76 4.11 -10.28 -11.63
N ALA K 77 3.37 -11.34 -11.96
CA ALA K 77 4.00 -12.54 -12.48
C ALA K 77 4.52 -12.34 -13.90
N VAL K 78 3.62 -12.05 -14.83
CA VAL K 78 3.96 -12.06 -16.25
C VAL K 78 3.69 -10.71 -16.89
N GLY K 79 3.94 -10.62 -18.20
CA GLY K 79 3.67 -9.43 -18.99
C GLY K 79 3.69 -9.80 -20.46
N VAL K 80 3.36 -8.81 -21.29
CA VAL K 80 3.28 -8.99 -22.74
C VAL K 80 4.36 -8.12 -23.37
N TYR K 81 5.05 -8.66 -24.39
CA TYR K 81 6.09 -7.92 -25.11
C TYR K 81 6.03 -8.31 -26.58
N ARG K 82 7.06 -7.89 -27.33
CA ARG K 82 7.16 -8.19 -28.75
C ARG K 82 7.72 -9.60 -28.94
N SER K 83 6.90 -10.52 -29.43
CA SER K 83 7.44 -11.86 -29.57
C SER K 83 8.15 -12.02 -30.90
N PRO K 84 9.34 -12.63 -30.90
CA PRO K 84 10.00 -12.96 -32.16
C PRO K 84 9.30 -14.04 -32.96
N ILE K 85 8.43 -14.82 -32.33
CA ILE K 85 7.81 -15.96 -32.98
C ILE K 85 6.70 -15.52 -33.93
N HIS K 86 5.65 -14.88 -33.39
CA HIS K 86 4.56 -14.39 -34.22
C HIS K 86 3.88 -13.24 -33.49
N GLY K 87 4.25 -12.02 -33.85
CA GLY K 87 3.59 -10.85 -33.27
C GLY K 87 3.99 -10.57 -31.84
N ARG K 88 3.08 -10.84 -30.90
CA ARG K 88 3.29 -10.57 -29.49
C ARG K 88 3.09 -11.84 -28.68
N GLY K 89 3.72 -11.88 -27.51
CA GLY K 89 3.70 -13.07 -26.67
C GLY K 89 3.79 -12.71 -25.22
N LEU K 90 3.58 -13.72 -24.38
CA LEU K 90 3.52 -13.56 -22.94
C LEU K 90 4.89 -13.91 -22.35
N PHE K 91 5.49 -12.96 -21.63
CA PHE K 91 6.85 -13.11 -21.11
C PHE K 91 6.85 -12.86 -19.62
N CYS K 92 7.35 -13.83 -18.85
CA CYS K 92 7.35 -13.73 -17.41
C CYS K 92 8.39 -12.72 -16.93
N LYS K 93 8.26 -12.33 -15.66
CA LYS K 93 9.23 -11.46 -15.01
C LYS K 93 9.73 -12.05 -13.71
N ARG K 94 9.38 -13.30 -13.41
CA ARG K 94 9.66 -13.91 -12.12
C ARG K 94 9.54 -15.42 -12.29
N ASN K 95 10.32 -16.15 -11.51
CA ASN K 95 10.49 -17.59 -11.70
C ASN K 95 9.22 -18.33 -11.29
N ILE K 96 8.41 -18.69 -12.29
CA ILE K 96 7.28 -19.56 -12.07
C ILE K 96 7.79 -20.96 -11.74
N ASP K 97 7.25 -21.55 -10.68
CA ASP K 97 7.66 -22.88 -10.25
C ASP K 97 6.87 -23.93 -11.01
N ALA K 98 7.03 -25.19 -10.64
CA ALA K 98 6.45 -26.31 -11.37
C ALA K 98 5.03 -26.57 -10.90
N GLY K 99 4.11 -26.68 -11.84
CA GLY K 99 2.76 -27.11 -11.53
C GLY K 99 1.88 -26.10 -10.82
N GLU K 100 2.22 -24.81 -10.88
CA GLU K 100 1.41 -23.81 -10.22
C GLU K 100 0.54 -23.06 -11.22
N MET K 101 -0.29 -22.16 -10.71
CA MET K 101 -1.14 -21.33 -11.55
C MET K 101 -0.40 -20.11 -12.04
N VAL K 102 -0.76 -19.65 -13.24
CA VAL K 102 -0.11 -18.49 -13.81
C VAL K 102 -1.11 -17.36 -14.03
N ILE K 103 -2.16 -17.61 -14.81
CA ILE K 103 -3.12 -16.57 -15.16
C ILE K 103 -4.43 -17.24 -15.57
N GLU K 104 -5.53 -16.49 -15.47
CA GLU K 104 -6.86 -16.93 -15.86
C GLU K 104 -7.25 -16.31 -17.19
N TYR K 105 -7.80 -17.12 -18.09
CA TYR K 105 -8.34 -16.65 -19.36
C TYR K 105 -9.80 -16.27 -19.15
N ALA K 106 -10.10 -14.98 -19.13
CA ALA K 106 -11.44 -14.51 -18.77
C ALA K 106 -11.88 -13.37 -19.68
N GLY K 107 -13.05 -13.51 -20.28
CA GLY K 107 -13.62 -12.47 -21.13
C GLY K 107 -15.14 -12.53 -21.16
N ASN K 108 -15.73 -12.30 -22.34
CA ASN K 108 -17.18 -12.36 -22.47
C ASN K 108 -17.67 -13.79 -22.46
N VAL K 109 -18.65 -14.08 -21.62
CA VAL K 109 -19.22 -15.44 -21.56
C VAL K 109 -20.35 -15.46 -22.57
N ILE K 110 -19.99 -15.71 -23.83
CA ILE K 110 -20.96 -15.73 -24.91
C ILE K 110 -21.31 -17.17 -25.23
N ARG K 111 -22.33 -17.37 -26.04
CA ARG K 111 -22.79 -18.68 -26.42
C ARG K 111 -22.35 -18.98 -27.85
N SER K 112 -22.41 -20.26 -28.22
CA SER K 112 -21.63 -20.79 -29.34
C SER K 112 -22.30 -20.59 -30.70
N ILE K 113 -23.20 -19.63 -30.84
CA ILE K 113 -23.67 -19.21 -32.15
C ILE K 113 -23.37 -17.75 -32.45
N GLN K 114 -23.23 -16.88 -31.43
CA GLN K 114 -22.68 -15.55 -31.66
C GLN K 114 -21.22 -15.61 -32.09
N THR K 115 -20.53 -16.71 -31.76
CA THR K 115 -19.20 -16.98 -32.28
C THR K 115 -19.18 -17.07 -33.80
N ASP K 116 -20.24 -17.58 -34.43
CA ASP K 116 -20.28 -17.68 -35.88
C ASP K 116 -20.42 -16.30 -36.53
N LYS K 117 -21.30 -15.47 -35.98
CA LYS K 117 -21.43 -14.09 -36.41
C LYS K 117 -20.14 -13.32 -36.22
N ARG K 118 -19.43 -13.57 -35.12
CA ARG K 118 -18.17 -12.86 -34.90
C ARG K 118 -17.03 -13.40 -35.76
N GLU K 119 -17.04 -14.70 -36.08
CA GLU K 119 -16.05 -15.23 -37.01
C GLU K 119 -16.23 -14.66 -38.40
N LYS K 120 -17.47 -14.57 -38.88
CA LYS K 120 -17.70 -13.93 -40.18
C LYS K 120 -17.47 -12.42 -40.11
N TYR K 121 -17.75 -11.82 -38.95
CA TYR K 121 -17.62 -10.37 -38.78
C TYR K 121 -16.15 -9.96 -38.78
N TYR K 122 -15.32 -10.67 -38.04
CA TYR K 122 -13.89 -10.38 -38.04
C TYR K 122 -13.13 -11.15 -39.11
N ASP K 123 -13.83 -11.94 -39.92
CA ASP K 123 -13.34 -12.27 -41.24
C ASP K 123 -13.47 -11.07 -42.16
N SER K 124 -14.58 -10.33 -42.03
CA SER K 124 -14.71 -9.08 -42.77
C SER K 124 -13.81 -7.99 -42.20
N LYS K 125 -13.47 -8.06 -40.91
CA LYS K 125 -12.57 -7.10 -40.29
C LYS K 125 -11.11 -7.55 -40.29
N GLY K 126 -10.84 -8.79 -40.66
CA GLY K 126 -9.47 -9.28 -40.71
C GLY K 126 -8.84 -9.59 -39.37
N ILE K 127 -9.61 -9.62 -38.30
CA ILE K 127 -9.11 -9.87 -36.95
C ILE K 127 -9.26 -11.36 -36.64
N GLY K 128 -8.22 -11.95 -36.06
CA GLY K 128 -8.18 -13.38 -35.80
C GLY K 128 -9.14 -13.82 -34.71
N CYS K 129 -9.13 -15.14 -34.48
CA CYS K 129 -10.08 -15.78 -33.60
C CYS K 129 -9.52 -15.93 -32.19
N TYR K 130 -10.26 -15.46 -31.19
CA TYR K 130 -9.93 -15.60 -29.77
C TYR K 130 -11.15 -16.22 -29.10
N MET K 131 -11.27 -17.54 -29.17
CA MET K 131 -12.49 -18.23 -28.74
C MET K 131 -12.11 -19.55 -28.07
N PHE K 132 -12.04 -19.55 -26.76
CA PHE K 132 -11.88 -20.77 -25.97
C PHE K 132 -13.27 -21.20 -25.51
N ARG K 133 -13.59 -22.46 -25.66
CA ARG K 133 -14.86 -22.97 -25.14
C ARG K 133 -14.60 -23.68 -23.81
N ILE K 134 -15.41 -23.34 -22.81
CA ILE K 134 -15.26 -23.96 -21.50
C ILE K 134 -15.71 -25.41 -21.56
N ASP K 135 -16.84 -25.65 -22.23
CA ASP K 135 -17.32 -26.99 -22.51
C ASP K 135 -18.03 -26.92 -23.86
N ASP K 136 -18.87 -27.91 -24.14
CA ASP K 136 -19.63 -27.96 -25.37
C ASP K 136 -20.91 -27.13 -25.32
N SER K 137 -20.98 -26.14 -24.43
CA SER K 137 -22.12 -25.24 -24.32
C SER K 137 -21.76 -23.79 -24.62
N GLU K 138 -20.76 -23.22 -23.93
CA GLU K 138 -20.48 -21.80 -24.02
C GLU K 138 -19.00 -21.55 -24.27
N VAL K 139 -18.72 -20.38 -24.83
CA VAL K 139 -17.40 -20.00 -25.35
C VAL K 139 -17.02 -18.67 -24.69
N VAL K 140 -15.74 -18.50 -24.39
CA VAL K 140 -15.23 -17.24 -23.85
C VAL K 140 -14.65 -16.40 -24.97
N ASP K 141 -15.15 -15.17 -25.11
CA ASP K 141 -14.66 -14.22 -26.10
C ASP K 141 -13.57 -13.34 -25.51
N ALA K 142 -12.52 -13.11 -26.28
CA ALA K 142 -11.41 -12.26 -25.86
C ALA K 142 -11.03 -11.30 -26.98
N THR K 143 -12.03 -10.64 -27.56
CA THR K 143 -11.79 -9.64 -28.59
C THR K 143 -12.17 -8.24 -28.13
N MET K 144 -13.40 -8.07 -27.64
CA MET K 144 -13.85 -6.80 -27.11
C MET K 144 -13.62 -6.68 -25.61
N HIS K 145 -13.50 -7.82 -24.92
CA HIS K 145 -13.38 -7.86 -23.46
C HIS K 145 -12.45 -8.99 -23.08
N GLY K 146 -11.58 -8.73 -22.11
CA GLY K 146 -10.69 -9.78 -21.64
C GLY K 146 -9.55 -9.22 -20.82
N ASN K 147 -8.53 -10.06 -20.67
CA ASN K 147 -7.32 -9.72 -19.91
C ASN K 147 -6.13 -10.19 -20.73
N ALA K 148 -4.95 -10.20 -20.11
CA ALA K 148 -3.69 -10.46 -20.80
C ALA K 148 -3.43 -11.93 -21.08
N ALA K 149 -4.44 -12.80 -21.04
CA ALA K 149 -4.28 -14.19 -21.46
C ALA K 149 -4.61 -14.38 -22.94
N ARG K 150 -4.74 -13.30 -23.69
CA ARG K 150 -4.85 -13.40 -25.14
C ARG K 150 -3.50 -13.70 -25.77
N PHE K 151 -2.45 -13.03 -25.31
CA PHE K 151 -1.17 -12.97 -25.98
C PHE K 151 -0.28 -14.17 -25.63
N ILE K 152 -0.81 -15.38 -25.78
CA ILE K 152 -0.04 -16.59 -25.54
C ILE K 152 0.03 -17.36 -26.84
N ASN K 153 1.25 -17.58 -27.33
CA ASN K 153 1.46 -18.14 -28.66
C ASN K 153 1.25 -19.64 -28.64
N HIS K 154 1.34 -20.25 -29.82
CA HIS K 154 1.23 -21.70 -29.97
C HIS K 154 2.62 -22.30 -30.12
N SER K 155 2.79 -23.51 -29.62
CA SER K 155 4.04 -24.23 -29.79
C SER K 155 3.74 -25.73 -29.81
N CYS K 156 4.80 -26.52 -29.97
CA CYS K 156 4.68 -27.97 -30.02
C CYS K 156 5.41 -28.68 -28.89
N GLU K 157 6.44 -28.06 -28.31
CA GLU K 157 7.00 -28.50 -27.04
C GLU K 157 6.70 -27.42 -26.01
N PRO K 158 5.50 -27.39 -25.44
CA PRO K 158 5.12 -26.26 -24.59
C PRO K 158 5.67 -26.36 -23.19
N ASN K 159 5.25 -25.43 -22.34
CA ASN K 159 5.53 -25.50 -20.91
C ASN K 159 4.33 -25.12 -20.07
N CYS K 160 3.13 -25.09 -20.65
CA CYS K 160 1.91 -24.75 -19.95
C CYS K 160 0.77 -25.61 -20.49
N TYR K 161 -0.30 -25.71 -19.71
CA TYR K 161 -1.51 -26.41 -20.15
C TYR K 161 -2.70 -25.75 -19.48
N SER K 162 -3.85 -26.41 -19.47
CA SER K 162 -5.05 -25.81 -18.91
C SER K 162 -5.96 -26.87 -18.33
N ARG K 163 -6.85 -26.43 -17.43
CA ARG K 163 -7.94 -27.22 -16.88
C ARG K 163 -9.16 -26.33 -16.74
N VAL K 164 -10.28 -26.91 -16.33
CA VAL K 164 -11.48 -26.17 -15.98
C VAL K 164 -11.86 -26.51 -14.55
N ILE K 165 -11.89 -25.51 -13.68
CA ILE K 165 -12.08 -25.72 -12.25
C ILE K 165 -13.42 -25.18 -11.81
N ASN K 166 -13.75 -25.36 -10.53
CA ASN K 166 -15.06 -25.03 -9.98
C ASN K 166 -14.87 -24.14 -8.75
N ILE K 167 -15.19 -22.86 -8.89
CA ILE K 167 -15.12 -21.91 -7.79
C ILE K 167 -16.53 -21.38 -7.58
N ASP K 168 -17.24 -21.93 -6.58
CA ASP K 168 -18.57 -21.50 -6.15
C ASP K 168 -19.59 -21.59 -7.30
N GLY K 169 -19.71 -22.81 -7.83
CA GLY K 169 -20.68 -23.04 -8.90
C GLY K 169 -20.26 -22.64 -10.29
N GLN K 170 -19.65 -21.46 -10.43
CA GLN K 170 -19.12 -21.03 -11.71
C GLN K 170 -17.88 -21.81 -12.08
N LYS K 171 -17.52 -21.74 -13.36
CA LYS K 171 -16.35 -22.43 -13.88
C LYS K 171 -15.39 -21.43 -14.49
N HIS K 172 -14.11 -21.76 -14.46
CA HIS K 172 -13.05 -20.86 -14.87
C HIS K 172 -12.02 -21.62 -15.69
N ILE K 173 -11.10 -20.87 -16.29
CA ILE K 173 -10.09 -21.41 -17.21
C ILE K 173 -8.74 -20.95 -16.68
N VAL K 174 -7.94 -21.88 -16.19
CA VAL K 174 -6.67 -21.55 -15.55
C VAL K 174 -5.53 -22.11 -16.38
N ILE K 175 -4.53 -21.29 -16.66
CA ILE K 175 -3.32 -21.72 -17.35
C ILE K 175 -2.28 -22.09 -16.30
N PHE K 176 -1.99 -23.40 -16.20
CA PHE K 176 -1.02 -23.92 -15.25
C PHE K 176 0.38 -23.84 -15.84
N ALA K 177 1.33 -24.55 -15.23
CA ALA K 177 2.67 -24.68 -15.76
C ALA K 177 3.08 -26.15 -15.72
N MET K 178 4.23 -26.44 -16.34
CA MET K 178 4.73 -27.80 -16.48
C MET K 178 6.08 -28.04 -15.85
N ARG K 179 6.91 -27.01 -15.74
CA ARG K 179 8.24 -27.13 -15.17
C ARG K 179 8.64 -25.76 -14.65
N LYS K 180 9.85 -25.67 -14.10
CA LYS K 180 10.30 -24.38 -13.58
C LYS K 180 10.75 -23.50 -14.74
N ILE K 181 10.25 -22.26 -14.74
CA ILE K 181 10.35 -21.38 -15.89
C ILE K 181 11.18 -20.16 -15.49
N TYR K 182 12.21 -19.86 -16.27
CA TYR K 182 13.19 -18.86 -15.90
C TYR K 182 12.78 -17.49 -16.43
N ARG K 183 13.30 -16.45 -15.77
CA ARG K 183 12.93 -15.06 -16.04
C ARG K 183 13.30 -14.61 -17.44
N GLY K 184 12.30 -14.44 -18.29
CA GLY K 184 12.49 -14.07 -19.68
C GLY K 184 11.90 -15.05 -20.68
N GLU K 185 11.66 -16.28 -20.26
CA GLU K 185 11.19 -17.33 -21.16
C GLU K 185 9.72 -17.15 -21.50
N GLU K 186 9.39 -17.40 -22.77
CA GLU K 186 8.02 -17.20 -23.25
C GLU K 186 7.14 -18.40 -22.89
N LEU K 187 5.89 -18.10 -22.54
CA LEU K 187 4.90 -19.10 -22.18
C LEU K 187 4.06 -19.46 -23.39
N THR K 188 3.89 -20.75 -23.66
CA THR K 188 3.09 -21.25 -24.77
C THR K 188 2.36 -22.51 -24.34
N TYR K 189 1.27 -22.82 -25.07
CA TYR K 189 0.56 -24.07 -24.85
C TYR K 189 -0.11 -24.52 -26.14
N ASP K 190 -0.62 -25.74 -26.11
CA ASP K 190 -1.23 -26.36 -27.29
C ASP K 190 -2.66 -25.85 -27.44
N TYR K 191 -2.97 -25.27 -28.60
CA TYR K 191 -4.30 -24.73 -28.83
C TYR K 191 -5.32 -25.84 -29.03
N LYS K 192 -4.91 -26.92 -29.72
CA LYS K 192 -5.74 -28.08 -30.05
C LYS K 192 -7.04 -27.73 -30.76
N LEU K 202 -2.48 -25.24 -41.73
CA LEU K 202 -1.96 -23.88 -41.65
C LEU K 202 -0.53 -23.89 -41.12
N PRO K 203 0.40 -23.28 -41.88
CA PRO K 203 1.80 -23.24 -41.44
C PRO K 203 1.98 -22.33 -40.23
N CYS K 204 2.71 -22.82 -39.24
CA CYS K 204 2.94 -22.11 -37.99
C CYS K 204 4.43 -21.77 -37.87
N ASN K 205 4.70 -20.70 -37.13
CA ASN K 205 6.07 -20.25 -36.88
C ASN K 205 6.61 -20.81 -35.56
N CYS K 206 6.10 -21.96 -35.11
CA CYS K 206 6.59 -22.54 -33.86
C CYS K 206 8.00 -23.09 -34.03
N GLY K 207 8.26 -23.80 -35.13
CA GLY K 207 9.59 -24.26 -35.43
C GLY K 207 10.10 -25.39 -34.56
N ALA K 208 9.26 -25.98 -33.72
CA ALA K 208 9.69 -27.05 -32.85
C ALA K 208 9.93 -28.33 -33.63
N LYS K 209 10.72 -29.22 -33.04
CA LYS K 209 11.12 -30.44 -33.74
C LYS K 209 9.97 -31.43 -33.86
N LYS K 210 9.01 -31.39 -32.94
CA LYS K 210 7.85 -32.27 -32.97
C LYS K 210 6.65 -31.62 -33.67
N CYS K 211 6.91 -30.78 -34.67
CA CYS K 211 5.86 -30.01 -35.32
C CYS K 211 4.94 -30.91 -36.14
N ARG K 212 3.72 -30.42 -36.36
CA ARG K 212 2.72 -31.12 -37.15
C ARG K 212 2.40 -30.43 -38.47
N LYS K 213 2.58 -29.11 -38.55
CA LYS K 213 2.35 -28.24 -39.70
C LYS K 213 0.88 -28.20 -40.15
N PHE K 214 -0.03 -28.74 -39.34
CA PHE K 214 -1.47 -28.64 -39.61
C PHE K 214 -2.15 -28.54 -38.24
N LEU K 215 -2.74 -27.38 -37.95
CA LEU K 215 -3.23 -27.07 -36.62
C LEU K 215 -4.73 -27.26 -36.47
N ASN K 216 -5.30 -28.27 -37.13
CA ASN K 216 -6.71 -28.57 -36.99
C ASN K 216 -6.97 -30.04 -36.66
N GLN L 11 -8.74 13.55 -7.36
CA GLN L 11 -9.34 12.71 -6.32
C GLN L 11 -9.60 13.51 -5.05
N ASN L 12 -8.81 13.27 -4.02
CA ASN L 12 -8.96 13.97 -2.75
C ASN L 12 -7.57 14.05 -2.13
N TYR L 13 -7.51 14.26 -0.79
CA TYR L 13 -6.29 14.44 0.02
C TYR L 13 -5.18 13.44 -0.29
N PRO L 14 -3.91 13.86 -0.32
CA PRO L 14 -2.85 13.01 -0.85
C PRO L 14 -2.45 11.89 0.09
N GLU L 15 -1.76 10.89 -0.48
CA GLU L 15 -1.37 9.72 0.31
C GLU L 15 0.09 9.31 0.15
N GLU L 16 0.71 9.57 -1.00
CA GLU L 16 2.01 9.00 -1.30
C GLU L 16 3.07 10.09 -1.38
N ALA L 17 4.34 9.66 -1.25
CA ALA L 17 5.44 10.60 -0.99
C ALA L 17 5.78 11.41 -2.23
N ASP L 18 6.02 10.73 -3.36
CA ASP L 18 6.12 11.32 -4.71
C ASP L 18 7.24 12.37 -4.83
N GLY L 19 8.48 11.90 -4.69
CA GLY L 19 9.64 12.68 -5.10
C GLY L 19 9.92 13.91 -4.26
N THR L 20 10.67 14.83 -4.87
CA THR L 20 11.18 16.02 -4.19
C THR L 20 11.62 17.03 -5.24
N LEU L 21 12.16 18.15 -4.76
CA LEU L 21 12.82 19.16 -5.60
C LEU L 21 14.16 19.50 -4.93
N ASP L 22 15.18 18.70 -5.19
CA ASP L 22 16.51 18.93 -4.62
C ASP L 22 17.40 19.68 -5.62
N CYS L 23 16.99 20.91 -5.92
CA CYS L 23 17.64 21.73 -6.93
C CYS L 23 18.46 22.86 -6.33
N ILE L 24 17.88 23.65 -5.43
CA ILE L 24 18.57 24.75 -4.78
C ILE L 24 18.46 24.53 -3.28
N SER L 25 19.58 24.58 -2.58
CA SER L 25 19.64 24.25 -1.17
C SER L 25 19.07 25.38 -0.31
N MET L 26 18.76 25.02 0.94
CA MET L 26 18.46 25.96 2.03
C MET L 26 17.18 26.76 1.77
N ALA L 27 16.14 26.07 1.33
CA ALA L 27 14.82 26.69 1.22
C ALA L 27 14.26 26.99 2.60
N LEU L 28 13.48 28.05 2.69
CA LEU L 28 13.01 28.39 4.03
C LEU L 28 11.50 28.60 4.13
N THR L 29 10.87 29.22 3.13
CA THR L 29 9.45 29.51 3.19
C THR L 29 8.86 29.41 1.79
N CYS L 30 7.53 29.30 1.72
CA CYS L 30 6.88 29.03 0.44
C CYS L 30 5.45 29.54 0.45
N THR L 31 4.95 29.83 -0.74
CA THR L 31 3.57 30.27 -0.95
C THR L 31 3.19 30.03 -2.41
N PHE L 32 1.87 29.97 -2.66
CA PHE L 32 1.30 29.83 -3.99
C PHE L 32 0.51 31.08 -4.36
N ASN L 33 0.23 31.22 -5.65
CA ASN L 33 -0.66 32.27 -6.13
C ASN L 33 -2.10 31.76 -6.13
N ARG L 34 -3.01 32.50 -6.78
CA ARG L 34 -4.42 32.15 -6.73
C ARG L 34 -4.73 30.92 -7.56
N TRP L 35 -4.02 30.71 -8.66
CA TRP L 35 -4.30 29.59 -9.54
C TRP L 35 -3.36 28.42 -9.32
N GLY L 36 -2.32 28.58 -8.53
CA GLY L 36 -1.47 27.46 -8.19
C GLY L 36 -0.55 27.02 -9.30
N THR L 37 -0.04 27.96 -10.09
CA THR L 37 0.90 27.65 -11.16
C THR L 37 2.31 28.12 -10.85
N LEU L 38 2.54 28.78 -9.72
CA LEU L 38 3.87 29.27 -9.37
C LEU L 38 4.14 28.99 -7.90
N LEU L 39 5.42 28.99 -7.55
CA LEU L 39 5.86 28.71 -6.17
C LEU L 39 7.08 29.57 -5.88
N ALA L 40 6.92 30.61 -5.06
CA ALA L 40 8.03 31.47 -4.69
C ALA L 40 8.62 31.02 -3.37
N VAL L 41 9.94 30.87 -3.33
CA VAL L 41 10.65 30.36 -2.17
C VAL L 41 11.87 31.24 -1.91
N GLY L 42 11.92 31.86 -0.73
CA GLY L 42 13.12 32.56 -0.31
C GLY L 42 14.16 31.63 0.25
N CYS L 43 15.43 32.06 0.17
CA CYS L 43 16.52 31.21 0.62
C CYS L 43 17.43 31.90 1.62
N ASN L 44 18.56 31.26 1.93
CA ASN L 44 19.44 31.64 3.03
C ASN L 44 20.42 32.75 2.64
N ASP L 45 20.34 33.27 1.42
CA ASP L 45 21.26 34.35 1.03
C ASP L 45 20.58 35.42 0.18
N GLY L 46 19.27 35.58 0.30
CA GLY L 46 18.55 36.59 -0.45
C GLY L 46 18.29 36.20 -1.89
N ARG L 47 17.78 34.99 -2.10
CA ARG L 47 17.45 34.49 -3.43
C ARG L 47 16.01 33.99 -3.42
N ILE L 48 15.27 34.36 -4.45
CA ILE L 48 13.86 33.98 -4.58
C ILE L 48 13.73 33.15 -5.85
N VAL L 49 13.51 31.86 -5.70
CA VAL L 49 13.45 30.92 -6.81
C VAL L 49 11.99 30.57 -7.07
N ILE L 50 11.55 30.71 -8.31
CA ILE L 50 10.17 30.40 -8.68
C ILE L 50 10.17 29.18 -9.59
N TRP L 51 9.39 28.18 -9.22
CA TRP L 51 9.22 26.96 -10.00
C TRP L 51 7.94 27.04 -10.83
N ASP L 52 7.57 25.91 -11.41
CA ASP L 52 6.29 25.74 -12.07
C ASP L 52 5.76 24.35 -11.71
N PHE L 53 4.42 24.25 -11.66
CA PHE L 53 3.77 22.96 -11.53
C PHE L 53 3.04 22.53 -12.79
N LEU L 54 2.88 23.43 -13.75
CA LEU L 54 2.35 23.04 -15.05
C LEU L 54 3.40 22.30 -15.86
N THR L 55 4.69 22.63 -15.67
CA THR L 55 5.77 22.02 -16.39
C THR L 55 6.75 21.24 -15.52
N ARG L 56 6.63 21.35 -14.20
CA ARG L 56 7.54 20.74 -13.21
C ARG L 56 8.99 21.16 -13.44
N GLY L 57 9.21 22.44 -13.69
CA GLY L 57 10.55 22.94 -13.90
C GLY L 57 10.72 24.31 -13.29
N ILE L 58 12.00 24.70 -13.13
CA ILE L 58 12.33 26.02 -12.63
C ILE L 58 12.00 27.06 -13.70
N ALA L 59 11.25 28.08 -13.31
CA ALA L 59 10.84 29.13 -14.25
C ALA L 59 11.77 30.33 -14.22
N LYS L 60 12.09 30.86 -13.04
CA LYS L 60 12.83 32.10 -12.95
C LYS L 60 13.54 32.16 -11.60
N ILE L 61 14.80 32.59 -11.62
CA ILE L 61 15.60 32.80 -10.42
C ILE L 61 16.02 34.26 -10.39
N ILE L 62 15.66 34.96 -9.31
CA ILE L 62 15.95 36.38 -9.14
C ILE L 62 16.72 36.56 -7.86
N SER L 63 17.91 37.16 -7.95
CA SER L 63 18.68 37.51 -6.76
C SER L 63 18.04 38.72 -6.09
N ALA L 64 17.69 38.58 -4.82
CA ALA L 64 17.02 39.65 -4.08
C ALA L 64 18.00 40.50 -3.28
N HIS L 65 18.71 39.88 -2.33
CA HIS L 65 19.56 40.59 -1.38
C HIS L 65 20.75 39.69 -1.04
N ILE L 66 21.42 40.00 0.06
CA ILE L 66 22.49 39.15 0.57
C ILE L 66 22.09 38.42 1.85
N HIS L 67 21.18 38.96 2.64
CA HIS L 67 20.69 38.36 3.86
C HIS L 67 19.37 37.61 3.60
N PRO L 68 19.01 36.62 4.41
CA PRO L 68 17.91 35.71 4.03
C PRO L 68 16.54 36.37 4.05
N VAL L 69 15.58 35.63 3.49
CA VAL L 69 14.19 36.05 3.34
C VAL L 69 13.33 35.18 4.25
N CYS L 70 12.45 35.80 5.03
CA CYS L 70 11.57 35.04 5.91
C CYS L 70 10.09 35.31 5.67
N SER L 71 9.72 36.05 4.64
CA SER L 71 8.31 36.30 4.37
C SER L 71 8.13 36.62 2.89
N LEU L 72 7.00 36.16 2.34
CA LEU L 72 6.65 36.34 0.94
C LEU L 72 5.14 36.43 0.80
N CYS L 73 4.69 37.17 -0.21
CA CYS L 73 3.26 37.25 -0.50
C CYS L 73 3.04 37.62 -1.96
N TRP L 74 2.15 36.89 -2.62
CA TRP L 74 1.76 37.18 -3.99
C TRP L 74 0.71 38.29 -4.03
N SER L 75 0.74 39.07 -5.11
CA SER L 75 -0.32 40.05 -5.32
C SER L 75 -1.50 39.37 -5.99
N ARG L 76 -2.57 40.14 -6.21
CA ARG L 76 -3.80 39.56 -6.76
C ARG L 76 -3.65 39.28 -8.25
N ASP L 77 -3.03 40.20 -9.00
CA ASP L 77 -2.79 39.95 -10.42
C ASP L 77 -1.69 38.93 -10.64
N GLY L 78 -0.79 38.77 -9.67
CA GLY L 78 0.30 37.84 -9.79
C GLY L 78 1.58 38.41 -10.36
N HIS L 79 1.62 39.72 -10.65
CA HIS L 79 2.79 40.32 -11.24
C HIS L 79 3.73 40.94 -10.23
N LYS L 80 3.32 41.08 -8.97
CA LYS L 80 4.11 41.76 -7.96
C LYS L 80 4.30 40.86 -6.76
N LEU L 81 5.54 40.78 -6.27
CA LEU L 81 5.86 40.13 -5.01
C LEU L 81 6.18 41.18 -3.95
N VAL L 82 6.22 40.73 -2.70
CA VAL L 82 6.65 41.55 -1.58
C VAL L 82 7.29 40.62 -0.56
N SER L 83 8.27 41.14 0.17
CA SER L 83 9.01 40.33 1.12
C SER L 83 9.32 41.15 2.37
N ALA L 84 9.88 40.48 3.37
CA ALA L 84 10.31 41.14 4.60
C ALA L 84 11.51 40.36 5.11
N SER L 85 12.71 40.81 4.74
CA SER L 85 13.94 40.10 5.06
C SER L 85 14.39 40.45 6.48
N THR L 86 15.59 40.02 6.84
CA THR L 86 16.17 40.40 8.13
C THR L 86 16.61 41.85 8.16
N ASP L 87 16.86 42.45 6.99
CA ASP L 87 17.41 43.79 6.87
C ASP L 87 16.33 44.87 6.88
N ASN L 88 15.12 44.53 7.33
CA ASN L 88 13.96 45.44 7.39
C ASN L 88 13.63 46.02 6.03
N ILE L 89 13.63 45.18 5.00
CA ILE L 89 13.41 45.60 3.63
C ILE L 89 12.09 45.03 3.14
N VAL L 90 11.19 45.92 2.72
CA VAL L 90 9.90 45.56 2.16
C VAL L 90 9.84 46.18 0.77
N SER L 91 9.99 45.34 -0.26
CA SER L 91 10.12 45.80 -1.63
C SER L 91 9.03 45.22 -2.50
N GLN L 92 8.45 46.06 -3.35
CA GLN L 92 7.47 45.61 -4.35
C GLN L 92 8.24 45.21 -5.60
N TRP L 93 8.48 43.92 -5.75
CA TRP L 93 9.35 43.42 -6.81
C TRP L 93 8.59 43.31 -8.13
N ASP L 94 9.30 42.83 -9.15
CA ASP L 94 8.73 42.59 -10.46
C ASP L 94 9.04 41.17 -10.88
N VAL L 95 8.08 40.53 -11.56
CA VAL L 95 8.34 39.23 -12.16
C VAL L 95 8.91 39.34 -13.57
N LEU L 96 8.78 40.51 -14.21
CA LEU L 96 9.33 40.73 -15.55
C LEU L 96 10.77 41.23 -15.48
N SER L 97 10.99 42.37 -14.83
CA SER L 97 12.31 42.98 -14.74
C SER L 97 13.08 42.50 -13.52
N GLY L 98 12.43 42.46 -12.37
CA GLY L 98 13.10 42.03 -11.15
C GLY L 98 13.95 43.11 -10.54
N ASP L 99 13.32 44.23 -10.17
CA ASP L 99 14.03 45.37 -9.60
C ASP L 99 13.37 45.81 -8.30
N CYS L 100 14.20 46.11 -7.30
CA CYS L 100 13.71 46.70 -6.07
C CYS L 100 13.29 48.15 -6.30
N ASP L 101 12.15 48.52 -5.71
CA ASP L 101 11.61 49.87 -5.85
C ASP L 101 11.55 50.61 -4.52
N GLN L 102 10.94 50.02 -3.51
CA GLN L 102 10.71 50.67 -2.22
C GLN L 102 11.51 49.95 -1.15
N ARG L 103 12.09 50.72 -0.23
CA ARG L 103 12.95 50.14 0.81
C ARG L 103 13.12 51.17 1.91
N PHE L 104 12.71 50.80 3.13
CA PHE L 104 12.89 51.67 4.29
C PHE L 104 12.80 50.83 5.56
N ARG L 105 13.60 51.21 6.55
CA ARG L 105 13.90 50.35 7.69
C ARG L 105 12.79 50.43 8.74
N PHE L 106 12.64 49.34 9.48
CA PHE L 106 11.67 49.06 10.53
C PHE L 106 12.44 48.74 11.81
N PRO L 107 11.78 48.48 12.96
CA PRO L 107 12.46 47.71 14.01
C PRO L 107 12.88 46.33 13.52
N SER L 108 14.04 45.87 14.01
CA SER L 108 14.84 44.85 13.33
C SER L 108 14.24 43.44 13.21
N PRO L 109 13.35 42.95 14.10
CA PRO L 109 12.57 41.77 13.72
C PRO L 109 11.23 42.10 13.08
N ILE L 110 10.92 41.45 11.96
CA ILE L 110 9.67 41.59 11.23
C ILE L 110 9.09 40.21 10.98
N LEU L 111 7.80 40.03 11.24
CA LEU L 111 7.18 38.72 11.15
C LEU L 111 6.56 38.44 9.77
N LYS L 112 5.60 39.25 9.35
CA LYS L 112 4.71 38.86 8.26
C LYS L 112 4.32 40.08 7.44
N VAL L 113 4.20 39.89 6.12
CA VAL L 113 3.62 40.88 5.22
C VAL L 113 2.50 40.23 4.44
N GLN L 114 1.54 41.06 4.02
CA GLN L 114 0.33 40.56 3.35
C GLN L 114 -0.34 41.71 2.61
N TYR L 115 -0.64 41.50 1.32
CA TYR L 115 -1.43 42.46 0.57
C TYR L 115 -2.89 42.48 1.04
N HIS L 116 -3.60 43.52 0.64
CA HIS L 116 -5.04 43.50 0.75
C HIS L 116 -5.61 42.51 -0.26
N PRO L 117 -6.62 41.72 0.10
CA PRO L 117 -7.10 40.65 -0.80
C PRO L 117 -7.89 41.15 -2.00
N ARG L 118 -8.16 42.45 -2.11
CA ARG L 118 -8.75 43.02 -3.31
C ARG L 118 -7.89 44.06 -3.98
N ASP L 119 -7.01 44.73 -3.23
CA ASP L 119 -6.24 45.85 -3.73
C ASP L 119 -4.76 45.55 -3.56
N GLN L 120 -3.96 45.86 -4.58
CA GLN L 120 -2.51 45.78 -4.48
C GLN L 120 -1.89 47.12 -4.07
N ASN L 121 -2.64 47.93 -3.32
CA ASN L 121 -2.17 49.19 -2.79
C ASN L 121 -1.92 49.13 -1.29
N LYS L 122 -2.62 48.26 -0.57
CA LYS L 122 -2.57 48.18 0.89
C LYS L 122 -1.83 46.91 1.30
N VAL L 123 -0.77 47.08 2.09
CA VAL L 123 0.00 45.97 2.63
C VAL L 123 0.01 46.07 4.16
N LEU L 124 -0.18 44.94 4.83
CA LEU L 124 -0.33 44.88 6.28
C LEU L 124 0.92 44.23 6.88
N VAL L 125 1.83 45.06 7.37
CA VAL L 125 3.09 44.59 7.93
C VAL L 125 2.92 44.41 9.43
N CYS L 126 3.36 43.25 9.94
CA CYS L 126 3.29 42.95 11.37
C CYS L 126 4.70 42.93 11.96
N PRO L 127 5.16 43.99 12.60
CA PRO L 127 6.45 43.95 13.28
C PRO L 127 6.36 43.16 14.58
N MET L 128 7.54 42.76 15.08
CA MET L 128 7.59 41.90 16.24
C MET L 128 7.30 42.66 17.52
N LYS L 129 8.13 43.65 17.86
CA LYS L 129 8.00 44.42 19.10
C LYS L 129 7.29 45.74 18.88
N SER L 130 6.27 45.76 18.03
CA SER L 130 5.55 46.98 17.70
C SER L 130 4.07 46.65 17.59
N ALA L 131 3.32 47.54 16.98
CA ALA L 131 1.92 47.46 16.63
C ALA L 131 1.76 47.18 15.14
N PRO L 132 0.60 46.71 14.68
CA PRO L 132 0.39 46.54 13.24
C PRO L 132 0.36 47.87 12.50
N VAL L 133 1.01 47.90 11.34
CA VAL L 133 1.13 49.11 10.54
C VAL L 133 0.54 48.81 9.16
N MET L 134 -0.56 49.50 8.82
CA MET L 134 -1.16 49.38 7.50
C MET L 134 -0.59 50.46 6.60
N LEU L 135 -0.08 50.06 5.44
CA LEU L 135 0.62 50.96 4.54
C LEU L 135 -0.18 51.21 3.27
N THR L 136 0.35 52.14 2.47
CA THR L 136 -0.10 52.39 1.12
C THR L 136 1.09 52.25 0.18
N LEU L 137 0.81 52.07 -1.11
CA LEU L 137 1.84 51.94 -2.12
C LEU L 137 1.78 53.01 -3.20
N SER L 138 0.73 53.82 -3.24
CA SER L 138 0.74 54.99 -4.12
C SER L 138 1.69 56.05 -3.59
N ASP L 139 1.87 56.10 -2.28
CA ASP L 139 2.89 56.93 -1.64
C ASP L 139 3.40 56.24 -0.38
N SER L 140 4.12 56.97 0.48
CA SER L 140 4.78 56.39 1.64
C SER L 140 3.99 56.59 2.93
N LYS L 141 2.66 56.57 2.87
CA LYS L 141 1.85 56.68 4.08
C LYS L 141 1.95 55.41 4.92
N HIS L 142 1.70 55.55 6.21
CA HIS L 142 1.64 54.41 7.12
C HIS L 142 0.75 54.74 8.30
N VAL L 143 -0.15 53.81 8.63
CA VAL L 143 -1.13 53.98 9.69
C VAL L 143 -0.86 52.92 10.75
N VAL L 144 -0.40 53.35 11.91
CA VAL L 144 -0.15 52.43 13.02
C VAL L 144 -1.50 52.07 13.65
N LEU L 145 -1.86 50.80 13.57
CA LEU L 145 -3.14 50.35 14.07
C LEU L 145 -3.12 50.31 15.60
N PRO L 146 -4.25 50.58 16.25
CA PRO L 146 -4.28 50.60 17.72
C PRO L 146 -4.25 49.20 18.32
N VAL L 147 -3.59 49.09 19.46
CA VAL L 147 -3.49 47.86 20.24
C VAL L 147 -4.10 48.13 21.61
N ASP L 148 -4.93 47.19 22.08
CA ASP L 148 -5.70 47.40 23.30
C ASP L 148 -4.81 47.42 24.54
N ASP L 149 -3.93 46.42 24.67
CA ASP L 149 -3.20 46.26 25.94
C ASP L 149 -2.02 47.21 26.04
N ASP L 150 -1.24 47.32 24.96
CA ASP L 150 -0.04 48.16 24.86
C ASP L 150 1.00 47.83 25.94
N SER L 151 1.08 46.56 26.32
CA SER L 151 1.94 46.13 27.42
C SER L 151 2.96 45.09 27.02
N ASP L 152 2.60 44.13 26.17
CA ASP L 152 3.51 43.09 25.71
C ASP L 152 4.13 43.40 24.37
N LEU L 153 3.35 44.00 23.47
CA LEU L 153 3.74 44.35 22.09
C LEU L 153 4.19 43.11 21.32
N ASN L 154 3.31 42.12 21.29
CA ASN L 154 3.51 40.88 20.52
C ASN L 154 2.16 40.57 19.87
N VAL L 155 1.95 41.12 18.67
CA VAL L 155 0.64 41.14 18.03
C VAL L 155 0.78 40.53 16.64
N VAL L 156 -0.13 39.62 16.29
CA VAL L 156 -0.24 39.11 14.94
C VAL L 156 -1.61 39.50 14.39
N ALA L 157 -1.68 39.74 13.09
CA ALA L 157 -2.90 40.22 12.46
C ALA L 157 -2.92 39.82 10.99
N SER L 158 -4.13 39.82 10.41
CA SER L 158 -4.30 39.51 9.00
C SER L 158 -5.64 40.05 8.51
N PHE L 159 -5.73 40.25 7.20
CA PHE L 159 -7.00 40.57 6.57
C PHE L 159 -7.90 39.35 6.55
N ASP L 160 -9.19 39.59 6.37
CA ASP L 160 -10.13 38.49 6.17
C ASP L 160 -10.19 38.15 4.68
N ARG L 161 -11.18 37.34 4.29
CA ARG L 161 -11.23 36.79 2.94
C ARG L 161 -11.57 37.85 1.91
N ARG L 162 -12.68 38.57 2.13
CA ARG L 162 -13.10 39.59 1.16
C ARG L 162 -12.22 40.83 1.28
N GLY L 163 -12.03 41.34 2.48
CA GLY L 163 -11.22 42.52 2.67
C GLY L 163 -11.89 43.58 3.52
N GLU L 164 -12.99 43.19 4.18
CA GLU L 164 -13.79 44.16 4.90
C GLU L 164 -13.27 44.43 6.30
N TYR L 165 -12.57 43.48 6.92
CA TYR L 165 -12.14 43.63 8.30
C TYR L 165 -10.72 43.11 8.48
N ILE L 166 -10.15 43.40 9.64
CA ILE L 166 -8.83 42.91 10.03
C ILE L 166 -8.95 42.34 11.44
N TYR L 167 -8.59 41.06 11.59
CA TYR L 167 -8.59 40.44 12.91
C TYR L 167 -7.19 40.56 13.52
N THR L 168 -7.14 40.99 14.77
CA THR L 168 -5.89 41.17 15.50
C THR L 168 -5.88 40.30 16.75
N GLY L 169 -4.70 39.80 17.09
CA GLY L 169 -4.54 38.99 18.28
C GLY L 169 -3.29 39.33 19.05
N ASN L 170 -3.37 39.28 20.37
CA ASN L 170 -2.26 39.63 21.25
C ASN L 170 -1.70 38.38 21.92
N ALA L 171 -0.72 38.59 22.80
CA ALA L 171 -0.14 37.51 23.57
C ALA L 171 -0.90 37.22 24.86
N LYS L 172 -2.16 37.66 24.95
CA LYS L 172 -2.98 37.42 26.13
C LYS L 172 -4.30 36.75 25.80
N GLY L 173 -4.54 36.40 24.54
CA GLY L 173 -5.77 35.72 24.18
C GLY L 173 -6.97 36.60 24.01
N LYS L 174 -6.77 37.85 23.58
CA LYS L 174 -7.85 38.80 23.36
C LYS L 174 -7.89 39.15 21.88
N ILE L 175 -8.90 38.64 21.18
CA ILE L 175 -9.05 38.89 19.75
C ILE L 175 -9.92 40.12 19.54
N LEU L 176 -9.46 41.04 18.70
CA LEU L 176 -10.18 42.25 18.37
C LEU L 176 -10.57 42.25 16.91
N VAL L 177 -11.60 43.03 16.57
CA VAL L 177 -12.04 43.21 15.19
C VAL L 177 -12.00 44.70 14.89
N LEU L 178 -11.14 45.09 13.94
CA LEU L 178 -11.03 46.47 13.49
C LEU L 178 -11.55 46.58 12.06
N LYS L 179 -12.31 47.62 11.80
CA LYS L 179 -12.74 47.91 10.43
C LYS L 179 -11.54 48.34 9.60
N THR L 180 -11.48 47.88 8.35
CA THR L 180 -10.28 47.91 7.53
C THR L 180 -9.80 49.30 7.16
N ASP L 181 -10.63 50.34 7.31
CA ASP L 181 -10.26 51.68 6.86
C ASP L 181 -10.47 52.77 7.89
N SER L 182 -11.39 52.59 8.85
CA SER L 182 -11.68 53.61 9.84
C SER L 182 -11.30 53.19 11.26
N GLN L 183 -10.77 51.98 11.44
CA GLN L 183 -10.25 51.45 12.70
C GLN L 183 -11.33 51.43 13.79
N ASP L 184 -12.39 50.71 13.52
CA ASP L 184 -13.56 50.66 14.39
C ASP L 184 -13.52 49.39 15.24
N LEU L 185 -13.17 49.56 16.51
CA LEU L 185 -13.14 48.44 17.44
C LEU L 185 -14.57 48.03 17.81
N VAL L 186 -15.15 47.13 17.02
CA VAL L 186 -16.57 46.84 17.13
C VAL L 186 -16.87 45.47 17.70
N ALA L 187 -15.97 44.49 17.59
CA ALA L 187 -16.23 43.14 18.09
C ALA L 187 -14.99 42.60 18.75
N SER L 188 -15.19 41.87 19.85
CA SER L 188 -14.05 41.36 20.62
C SER L 188 -14.50 40.17 21.47
N PHE L 189 -13.53 39.32 21.81
CA PHE L 189 -13.74 38.22 22.73
C PHE L 189 -12.40 37.79 23.31
N ARG L 190 -12.47 37.11 24.45
CA ARG L 190 -11.32 36.48 25.08
C ARG L 190 -11.51 34.97 25.06
N VAL L 191 -10.47 34.25 24.63
CA VAL L 191 -10.61 32.82 24.35
C VAL L 191 -10.68 32.04 25.66
N THR L 192 -11.68 31.15 25.76
CA THR L 192 -11.96 30.40 26.97
C THR L 192 -11.00 29.23 27.06
N THR L 193 -9.86 29.47 27.69
CA THR L 193 -8.75 28.50 27.71
C THR L 193 -8.77 27.77 29.04
N GLY L 194 -9.26 26.52 29.02
CA GLY L 194 -9.27 25.69 30.19
C GLY L 194 -10.23 26.14 31.28
N THR L 195 -9.69 26.59 32.41
CA THR L 195 -10.50 27.07 33.52
C THR L 195 -10.35 28.56 33.76
N SER L 196 -9.14 29.02 34.05
CA SER L 196 -8.95 30.43 34.39
C SER L 196 -7.83 31.10 33.62
N ASN L 197 -6.75 30.39 33.33
CA ASN L 197 -5.59 31.02 32.74
C ASN L 197 -5.82 31.28 31.26
N THR L 198 -5.19 32.33 30.75
CA THR L 198 -5.22 32.68 29.35
C THR L 198 -3.97 32.18 28.64
N THR L 199 -4.07 32.05 27.33
CA THR L 199 -3.00 31.50 26.51
C THR L 199 -2.68 32.46 25.39
N ALA L 200 -1.52 32.24 24.76
CA ALA L 200 -1.05 33.14 23.72
C ALA L 200 -1.77 32.88 22.40
N ILE L 201 -1.49 33.71 21.42
CA ILE L 201 -1.99 33.57 20.06
C ILE L 201 -0.79 33.55 19.13
N LYS L 202 -0.67 32.48 18.34
CA LYS L 202 0.51 32.31 17.49
C LYS L 202 0.27 32.74 16.05
N SER L 203 -0.85 32.37 15.43
CA SER L 203 -1.09 32.72 14.04
C SER L 203 -2.58 32.65 13.75
N ILE L 204 -3.01 33.44 12.75
CA ILE L 204 -4.39 33.50 12.31
C ILE L 204 -4.39 33.28 10.80
N GLU L 205 -5.23 32.34 10.34
CA GLU L 205 -5.32 32.01 8.92
C GLU L 205 -6.78 31.94 8.50
N PHE L 206 -7.02 32.17 7.21
CA PHE L 206 -8.36 32.26 6.66
C PHE L 206 -8.51 31.36 5.45
N ALA L 207 -9.74 30.94 5.20
CA ALA L 207 -10.03 29.99 4.14
C ALA L 207 -10.04 30.69 2.77
N ARG L 208 -10.41 29.93 1.74
CA ARG L 208 -10.58 30.45 0.40
C ARG L 208 -12.02 30.49 -0.06
N LYS L 209 -12.94 29.91 0.71
CA LYS L 209 -14.34 29.82 0.33
C LYS L 209 -15.15 29.74 1.61
N GLY L 210 -15.77 30.86 1.98
CA GLY L 210 -16.60 30.88 3.17
C GLY L 210 -16.11 31.83 4.23
N SER L 211 -16.50 31.58 5.48
CA SER L 211 -16.23 32.50 6.57
C SER L 211 -15.39 31.90 7.68
N CYS L 212 -15.07 30.61 7.63
CA CYS L 212 -14.39 29.95 8.72
C CYS L 212 -12.92 30.36 8.80
N PHE L 213 -12.35 30.21 10.00
CA PHE L 213 -10.95 30.52 10.23
C PHE L 213 -10.47 29.73 11.45
N LEU L 214 -9.16 29.76 11.69
CA LEU L 214 -8.57 28.98 12.77
C LEU L 214 -7.64 29.83 13.61
N ILE L 215 -7.59 29.53 14.90
CA ILE L 215 -6.72 30.19 15.86
C ILE L 215 -5.74 29.14 16.39
N ASN L 216 -4.44 29.42 16.24
CA ASN L 216 -3.39 28.55 16.74
C ASN L 216 -2.91 29.13 18.07
N THR L 217 -3.33 28.52 19.17
CA THR L 217 -3.00 29.04 20.48
C THR L 217 -1.69 28.44 20.98
N ALA L 218 -1.39 28.61 22.26
CA ALA L 218 -0.16 28.11 22.84
C ALA L 218 -0.36 26.95 23.79
N ASP L 219 -1.61 26.56 24.08
CA ASP L 219 -1.88 25.34 24.82
C ASP L 219 -2.05 24.14 23.90
N ARG L 220 -1.54 24.25 22.66
CA ARG L 220 -1.45 23.16 21.68
C ARG L 220 -2.83 22.64 21.27
N ILE L 221 -3.80 23.53 21.20
CA ILE L 221 -5.15 23.22 20.73
C ILE L 221 -5.48 24.19 19.62
N ILE L 222 -6.01 23.69 18.52
CA ILE L 222 -6.43 24.53 17.39
C ILE L 222 -7.94 24.65 17.43
N ARG L 223 -8.44 25.88 17.41
CA ARG L 223 -9.86 26.16 17.50
C ARG L 223 -10.36 26.72 16.17
N VAL L 224 -11.47 26.17 15.68
CA VAL L 224 -12.04 26.55 14.40
C VAL L 224 -13.33 27.31 14.68
N TYR L 225 -13.34 28.60 14.36
CA TYR L 225 -14.48 29.45 14.62
C TYR L 225 -15.29 29.68 13.34
N ASP L 226 -16.24 30.59 13.41
CA ASP L 226 -17.06 30.98 12.28
C ASP L 226 -17.06 32.50 12.18
N GLY L 227 -16.89 33.02 10.97
CA GLY L 227 -16.70 34.44 10.78
C GLY L 227 -17.95 35.28 10.94
N ARG L 228 -19.11 34.66 11.14
CA ARG L 228 -20.36 35.39 11.30
C ARG L 228 -20.85 35.42 12.74
N GLU L 229 -20.42 34.49 13.57
CA GLU L 229 -20.80 34.52 14.98
C GLU L 229 -20.14 35.68 15.70
N ILE L 230 -18.95 36.10 15.26
CA ILE L 230 -18.30 37.28 15.83
C ILE L 230 -19.06 38.54 15.47
N LEU L 231 -19.52 38.64 14.21
CA LEU L 231 -20.32 39.78 13.80
C LEU L 231 -21.69 39.78 14.47
N THR L 232 -22.20 38.60 14.84
CA THR L 232 -23.45 38.52 15.58
C THR L 232 -23.26 38.98 17.02
N CYS L 233 -22.21 38.47 17.69
CA CYS L 233 -22.04 38.73 19.13
C CYS L 233 -21.63 40.17 19.41
N GLY L 234 -20.96 40.82 18.48
CA GLY L 234 -20.57 42.19 18.72
C GLY L 234 -19.41 42.30 19.71
N ARG L 235 -19.43 43.37 20.50
CA ARG L 235 -18.30 43.72 21.35
C ARG L 235 -18.37 42.96 22.67
N ASP L 236 -17.23 42.39 23.07
CA ASP L 236 -17.02 41.68 24.33
C ASP L 236 -17.96 40.49 24.51
N GLY L 237 -18.35 39.85 23.41
CA GLY L 237 -19.17 38.67 23.47
C GLY L 237 -18.34 37.44 23.82
N GLU L 238 -19.05 36.32 24.00
CA GLU L 238 -18.41 35.04 24.33
C GLU L 238 -18.90 33.97 23.37
N PRO L 239 -18.25 33.82 22.22
CA PRO L 239 -18.54 32.69 21.34
C PRO L 239 -17.74 31.45 21.75
N GLU L 240 -18.22 30.30 21.30
CA GLU L 240 -17.49 29.06 21.51
C GLU L 240 -17.10 28.44 20.17
N PRO L 241 -16.00 27.70 20.11
CA PRO L 241 -15.52 27.20 18.81
C PRO L 241 -16.41 26.12 18.22
N MET L 242 -16.43 26.08 16.89
CA MET L 242 -17.15 25.01 16.20
C MET L 242 -16.44 23.68 16.35
N GLN L 243 -15.12 23.69 16.49
CA GLN L 243 -14.34 22.46 16.44
C GLN L 243 -13.01 22.70 17.13
N LYS L 244 -12.63 21.78 18.01
CA LYS L 244 -11.37 21.85 18.75
C LYS L 244 -10.51 20.65 18.35
N LEU L 245 -9.32 20.93 17.82
CA LEU L 245 -8.48 19.89 17.25
C LEU L 245 -7.13 19.87 17.95
N GLN L 246 -6.71 18.70 18.40
CA GLN L 246 -5.46 18.58 19.14
C GLN L 246 -4.93 17.15 19.01
N ASP L 247 -3.74 16.94 19.55
CA ASP L 247 -3.11 15.63 19.67
C ASP L 247 -2.75 15.43 21.12
N LEU L 248 -3.12 14.27 21.68
CA LEU L 248 -2.84 14.01 23.08
C LEU L 248 -1.87 12.86 23.33
N VAL L 249 -1.49 12.11 22.31
CA VAL L 249 -0.49 11.06 22.54
C VAL L 249 0.90 11.66 22.64
N ASN L 250 1.34 12.33 21.58
CA ASN L 250 2.66 12.95 21.54
C ASN L 250 2.65 14.39 22.00
N ARG L 251 1.45 14.98 22.12
CA ARG L 251 1.09 16.32 22.57
C ARG L 251 1.43 17.45 21.59
N THR L 252 2.34 17.20 20.64
CA THR L 252 2.51 17.82 19.34
C THR L 252 2.35 19.35 19.29
N PRO L 253 3.34 20.14 19.72
CA PRO L 253 3.22 21.59 19.53
C PRO L 253 3.32 21.97 18.05
N TRP L 254 2.32 22.70 17.57
CA TRP L 254 2.17 22.91 16.14
C TRP L 254 3.00 24.09 15.67
N LYS L 255 3.21 24.16 14.37
CA LYS L 255 4.07 25.18 13.77
C LYS L 255 3.37 26.01 12.70
N LYS L 256 2.53 25.39 11.87
CA LYS L 256 1.94 26.07 10.72
C LYS L 256 0.65 25.35 10.35
N CYS L 257 -0.37 26.12 9.96
CA CYS L 257 -1.66 25.56 9.58
C CYS L 257 -2.22 26.34 8.39
N CYS L 258 -3.01 25.64 7.57
CA CYS L 258 -3.78 26.29 6.51
C CYS L 258 -4.94 25.39 6.14
N PHE L 259 -5.82 25.91 5.29
CA PHE L 259 -7.01 25.22 4.84
C PHE L 259 -6.78 24.55 3.48
N SER L 260 -7.75 23.73 3.09
CA SER L 260 -7.70 23.00 1.82
C SER L 260 -8.14 23.93 0.68
N GLY L 261 -8.45 23.34 -0.47
CA GLY L 261 -8.80 24.08 -1.67
C GLY L 261 -10.10 24.85 -1.55
N ASP L 262 -11.21 24.15 -1.33
CA ASP L 262 -12.50 24.79 -1.12
C ASP L 262 -12.80 25.01 0.36
N GLY L 263 -11.79 24.99 1.22
CA GLY L 263 -12.01 25.17 2.65
C GLY L 263 -12.67 24.01 3.34
N GLU L 264 -12.30 22.78 2.99
CA GLU L 264 -12.91 21.58 3.55
C GLU L 264 -12.01 20.84 4.53
N TYR L 265 -10.72 20.75 4.27
CA TYR L 265 -9.80 20.01 5.12
C TYR L 265 -8.78 20.97 5.72
N ILE L 266 -8.12 20.51 6.79
CA ILE L 266 -7.15 21.33 7.50
C ILE L 266 -5.86 20.53 7.64
N VAL L 267 -4.73 21.12 7.27
CA VAL L 267 -3.44 20.49 7.47
C VAL L 267 -2.71 21.25 8.58
N ALA L 268 -1.91 20.54 9.35
CA ALA L 268 -1.26 21.15 10.51
C ALA L 268 0.08 20.47 10.73
N GLY L 269 1.15 21.13 10.34
CA GLY L 269 2.48 20.57 10.54
C GLY L 269 2.95 20.67 11.98
N SER L 270 3.90 19.82 12.34
CA SER L 270 4.36 19.68 13.72
C SER L 270 5.75 20.28 13.89
N ALA L 271 6.02 20.78 15.10
CA ALA L 271 7.30 21.41 15.40
C ALA L 271 8.24 20.50 16.17
N ARG L 272 7.96 19.21 16.21
CA ARG L 272 8.83 18.31 16.96
C ARG L 272 9.26 17.09 16.17
N GLN L 273 8.38 16.52 15.34
CA GLN L 273 8.61 15.18 14.82
C GLN L 273 8.60 15.03 13.31
N HIS L 274 8.35 16.11 12.55
CA HIS L 274 8.26 16.10 11.08
C HIS L 274 7.17 15.12 10.60
N ALA L 275 5.93 15.51 10.89
CA ALA L 275 4.76 14.83 10.36
C ALA L 275 3.74 15.87 9.95
N LEU L 276 2.68 15.42 9.29
CA LEU L 276 1.61 16.28 8.83
C LEU L 276 0.29 15.61 9.16
N TYR L 277 -0.57 16.29 9.91
CA TYR L 277 -1.85 15.70 10.29
C TYR L 277 -2.95 16.40 9.52
N ILE L 278 -3.94 15.63 9.06
CA ILE L 278 -5.03 16.16 8.26
C ILE L 278 -6.35 15.77 8.91
N TRP L 279 -7.22 16.75 9.12
CA TRP L 279 -8.53 16.53 9.70
C TRP L 279 -9.64 16.93 8.73
N GLU L 280 -10.85 16.50 9.06
CA GLU L 280 -12.04 17.05 8.43
C GLU L 280 -12.55 18.23 9.23
N LYS L 281 -13.26 19.14 8.56
CA LYS L 281 -13.85 20.26 9.28
C LYS L 281 -15.27 19.95 9.75
N SER L 282 -16.03 19.22 8.93
CA SER L 282 -17.43 18.95 9.25
C SER L 282 -17.57 17.93 10.37
N ILE L 283 -17.07 16.71 10.16
CA ILE L 283 -17.12 15.70 11.21
C ILE L 283 -16.12 16.02 12.31
N GLY L 284 -14.87 16.27 11.93
CA GLY L 284 -13.84 16.66 12.87
C GLY L 284 -12.89 15.57 13.29
N ASN L 285 -12.76 14.49 12.52
CA ASN L 285 -11.93 13.37 12.88
C ASN L 285 -10.61 13.37 12.10
N LEU L 286 -9.59 12.76 12.71
CA LEU L 286 -8.30 12.60 12.06
C LEU L 286 -8.43 11.61 10.91
N VAL L 287 -7.86 11.96 9.76
CA VAL L 287 -8.11 11.12 8.59
C VAL L 287 -6.82 10.48 8.08
N LYS L 288 -5.67 11.13 8.29
CA LYS L 288 -4.39 10.59 7.80
C LYS L 288 -3.25 11.36 8.44
N ILE L 289 -2.18 10.65 8.77
CA ILE L 289 -0.90 11.25 9.17
C ILE L 289 0.14 10.90 8.12
N LEU L 290 0.87 11.91 7.66
CA LEU L 290 1.86 11.75 6.60
C LEU L 290 3.25 11.89 7.19
N HIS L 291 3.93 10.77 7.41
CA HIS L 291 5.27 10.80 8.00
C HIS L 291 6.32 11.14 6.95
N GLY L 292 7.57 11.18 7.37
CA GLY L 292 8.66 11.50 6.46
C GLY L 292 10.01 11.10 7.00
N THR L 293 11.02 11.95 6.77
CA THR L 293 12.35 11.72 7.31
C THR L 293 12.32 11.88 8.82
N ARG L 294 12.97 10.95 9.53
CA ARG L 294 12.72 10.80 10.96
C ARG L 294 13.36 11.92 11.78
N GLY L 295 14.54 12.39 11.39
CA GLY L 295 15.23 13.33 12.24
C GLY L 295 15.39 14.74 11.74
N GLU L 296 14.52 15.18 10.83
CA GLU L 296 14.61 16.53 10.31
C GLU L 296 13.88 17.51 11.22
N LEU L 297 13.66 18.72 10.71
CA LEU L 297 12.96 19.80 11.40
C LEU L 297 12.09 20.49 10.37
N LEU L 298 10.85 20.81 10.74
CA LEU L 298 9.87 21.33 9.80
C LEU L 298 9.92 22.86 9.76
N LEU L 299 9.70 23.42 8.56
CA LEU L 299 9.79 24.86 8.36
C LEU L 299 8.52 25.50 7.84
N ASP L 300 7.84 24.90 6.86
CA ASP L 300 6.66 25.52 6.26
C ASP L 300 5.79 24.45 5.62
N VAL L 301 4.48 24.74 5.53
CA VAL L 301 3.49 23.86 4.90
C VAL L 301 2.66 24.71 3.95
N ALA L 302 2.46 24.21 2.73
CA ALA L 302 1.61 24.85 1.73
C ALA L 302 0.52 23.89 1.28
N TRP L 303 -0.36 24.39 0.41
CA TRP L 303 -1.46 23.60 -0.14
C TRP L 303 -1.86 24.21 -1.48
N HIS L 304 -2.00 23.38 -2.51
CA HIS L 304 -2.35 23.87 -3.85
C HIS L 304 -3.83 24.15 -3.95
N PRO L 305 -4.25 25.32 -4.45
CA PRO L 305 -5.62 25.79 -4.23
C PRO L 305 -6.70 25.08 -5.05
N VAL L 306 -6.38 24.29 -6.08
CA VAL L 306 -7.42 23.57 -6.79
C VAL L 306 -7.07 22.09 -6.95
N ARG L 307 -5.99 21.65 -6.33
CA ARG L 307 -5.50 20.31 -6.62
C ARG L 307 -4.80 19.81 -5.36
N PRO L 308 -4.87 18.52 -5.05
CA PRO L 308 -4.24 18.05 -3.80
C PRO L 308 -2.73 17.92 -3.87
N ILE L 309 -2.02 19.02 -3.60
CA ILE L 309 -0.56 19.02 -3.50
C ILE L 309 -0.15 19.80 -2.25
N ILE L 310 0.71 19.21 -1.43
CA ILE L 310 1.26 19.84 -0.23
C ILE L 310 2.76 19.98 -0.41
N ALA L 311 3.28 21.17 -0.13
CA ALA L 311 4.70 21.47 -0.31
C ALA L 311 5.32 21.78 1.05
N SER L 312 6.06 20.83 1.60
CA SER L 312 6.63 20.91 2.93
C SER L 312 8.13 21.17 2.84
N ILE L 313 8.59 22.26 3.44
CA ILE L 313 10.00 22.57 3.49
C ILE L 313 10.56 22.06 4.81
N SER L 314 11.64 21.27 4.73
CA SER L 314 12.30 20.72 5.90
C SER L 314 13.76 20.51 5.56
N SER L 315 14.63 21.28 6.20
CA SER L 315 16.08 21.31 5.96
C SER L 315 16.40 21.58 4.49
N GLY L 316 15.68 22.52 3.90
CA GLY L 316 15.93 22.95 2.54
C GLY L 316 15.39 22.04 1.46
N VAL L 317 14.59 21.05 1.82
CA VAL L 317 14.12 20.04 0.88
C VAL L 317 12.61 20.14 0.80
N VAL L 318 12.09 20.36 -0.39
CA VAL L 318 10.65 20.53 -0.60
C VAL L 318 10.09 19.22 -1.15
N SER L 319 9.14 18.64 -0.44
CA SER L 319 8.48 17.41 -0.86
C SER L 319 7.08 17.72 -1.39
N ILE L 320 6.56 16.84 -2.25
CA ILE L 320 5.28 17.05 -2.93
C ILE L 320 4.49 15.75 -2.88
N TRP L 321 3.43 15.71 -2.07
CA TRP L 321 2.57 14.52 -1.97
C TRP L 321 1.50 14.59 -3.05
N ALA L 322 1.62 13.74 -4.07
CA ALA L 322 0.89 13.93 -5.33
C ALA L 322 0.33 12.63 -5.90
N GLN L 323 -0.40 11.87 -5.09
CA GLN L 323 -1.46 10.95 -5.52
C GLN L 323 -1.06 9.67 -6.26
N ASN L 324 0.20 9.54 -6.70
CA ASN L 324 0.78 8.31 -7.29
C ASN L 324 -0.04 7.79 -8.48
N GLN L 325 0.03 8.54 -9.59
CA GLN L 325 -0.70 8.19 -10.80
C GLN L 325 -0.25 6.84 -11.36
N VAL L 326 -1.18 5.89 -11.42
CA VAL L 326 -0.94 4.55 -11.96
C VAL L 326 -1.95 4.32 -13.09
N GLU L 327 -1.44 3.90 -14.25
CA GLU L 327 -2.20 3.90 -15.49
C GLU L 327 -2.67 2.50 -15.85
N ASN L 328 -3.22 2.36 -17.06
CA ASN L 328 -3.91 1.16 -17.47
C ASN L 328 -3.90 1.12 -18.99
N TRP L 329 -4.71 0.24 -19.57
CA TRP L 329 -5.02 0.21 -20.98
C TRP L 329 -6.24 1.11 -21.22
N SER L 330 -6.85 0.96 -22.39
CA SER L 330 -8.12 1.55 -22.84
C SER L 330 -8.05 3.07 -23.02
N ALA L 331 -6.93 3.71 -22.71
CA ALA L 331 -6.61 5.02 -23.26
C ALA L 331 -5.88 4.89 -24.59
N PHE L 332 -5.29 3.73 -24.85
CA PHE L 332 -4.67 3.38 -26.11
C PHE L 332 -5.66 2.74 -27.07
N ALA L 333 -6.44 1.77 -26.58
CA ALA L 333 -7.43 1.05 -27.37
C ALA L 333 -8.81 1.33 -26.78
N PRO L 334 -9.53 2.35 -27.27
CA PRO L 334 -10.81 2.70 -26.65
C PRO L 334 -11.93 1.71 -26.90
N ASP L 335 -11.79 0.82 -27.88
CA ASP L 335 -12.83 -0.17 -28.15
C ASP L 335 -12.75 -1.39 -27.24
N PHE L 336 -11.79 -1.43 -26.32
CA PHE L 336 -11.57 -2.59 -25.47
C PHE L 336 -11.81 -2.22 -24.02
N LYS L 337 -12.39 -3.14 -23.26
CA LYS L 337 -12.64 -2.97 -21.83
C LYS L 337 -11.91 -4.07 -21.08
N GLU L 338 -10.87 -3.69 -20.34
CA GLU L 338 -10.03 -4.64 -19.62
C GLU L 338 -10.75 -5.06 -18.35
N LEU L 339 -11.47 -6.17 -18.42
CA LEU L 339 -12.21 -6.64 -17.25
C LEU L 339 -11.29 -7.39 -16.29
N ASP L 340 -11.89 -7.84 -15.19
CA ASP L 340 -11.19 -8.54 -14.12
C ASP L 340 -11.69 -9.96 -13.96
N GLU L 341 -13.00 -10.16 -13.87
CA GLU L 341 -13.60 -11.48 -13.84
C GLU L 341 -14.63 -11.57 -14.96
N ASN L 342 -15.17 -12.77 -15.14
CA ASN L 342 -16.09 -13.02 -16.25
C ASN L 342 -17.38 -12.24 -16.10
N VAL L 343 -17.87 -11.71 -17.22
CA VAL L 343 -19.15 -11.02 -17.30
C VAL L 343 -19.97 -11.69 -18.40
N GLU L 344 -21.12 -12.22 -18.03
CA GLU L 344 -22.03 -12.85 -18.99
C GLU L 344 -23.13 -11.86 -19.36
N TYR L 345 -23.42 -11.78 -20.67
CA TYR L 345 -24.56 -11.06 -21.23
C TYR L 345 -24.63 -11.38 -22.71
N GLU L 346 -25.77 -11.03 -23.31
CA GLU L 346 -25.86 -10.78 -24.73
C GLU L 346 -26.10 -9.29 -24.92
N GLU L 347 -25.65 -8.78 -26.07
CA GLU L 347 -25.58 -7.33 -26.24
C GLU L 347 -26.97 -6.72 -26.46
N ARG L 348 -27.66 -7.14 -27.51
CA ARG L 348 -28.93 -6.55 -27.90
C ARG L 348 -30.01 -7.62 -27.97
N GLU L 349 -31.26 -7.20 -27.72
CA GLU L 349 -32.41 -8.09 -27.82
C GLU L 349 -32.89 -8.28 -29.26
N SER L 350 -32.24 -7.63 -30.22
CA SER L 350 -32.48 -7.83 -31.65
C SER L 350 -31.12 -7.95 -32.31
N GLU L 351 -30.62 -9.20 -32.39
CA GLU L 351 -29.26 -9.46 -32.88
C GLU L 351 -29.26 -9.31 -34.39
N PHE L 352 -29.13 -8.05 -34.83
CA PHE L 352 -29.28 -7.61 -36.22
C PHE L 352 -30.60 -8.07 -36.82
N GLU L 371 -26.80 20.01 -35.82
CA GLU L 371 -26.38 19.47 -37.11
C GLU L 371 -25.58 20.52 -37.89
N ASP L 372 -26.17 21.70 -38.04
CA ASP L 372 -25.53 22.85 -38.66
C ASP L 372 -24.99 23.83 -37.63
N GLU L 373 -24.61 23.33 -36.45
CA GLU L 373 -24.30 24.17 -35.31
C GLU L 373 -22.94 24.84 -35.51
N GLU L 374 -22.96 26.16 -35.75
CA GLU L 374 -21.74 26.94 -35.89
C GLU L 374 -21.31 27.41 -34.50
N VAL L 375 -20.18 26.87 -34.03
CA VAL L 375 -19.63 27.20 -32.71
C VAL L 375 -18.31 27.93 -32.93
N ASP L 376 -18.07 28.98 -32.14
CA ASP L 376 -16.83 29.73 -32.25
C ASP L 376 -15.66 28.87 -31.80
N VAL L 377 -14.68 28.71 -32.70
CA VAL L 377 -13.51 27.90 -32.41
C VAL L 377 -12.40 28.73 -31.75
N THR L 378 -12.38 30.04 -31.97
CA THR L 378 -11.37 30.91 -31.40
C THR L 378 -11.89 31.72 -30.21
N SER L 379 -12.94 31.22 -29.55
CA SER L 379 -13.44 31.85 -28.34
C SER L 379 -12.64 31.33 -27.15
N VAL L 380 -12.08 32.27 -26.38
CA VAL L 380 -11.21 31.92 -25.28
C VAL L 380 -12.00 31.69 -24.00
N PRO M 33 -10.40 38.96 -48.78
CA PRO M 33 -10.35 38.18 -50.02
C PRO M 33 -9.89 39.03 -51.21
N ASN M 34 -8.84 39.81 -50.99
CA ASN M 34 -8.24 40.65 -52.02
C ASN M 34 -6.72 40.56 -51.94
N TYR M 35 -6.21 39.35 -51.79
CA TYR M 35 -4.78 39.14 -51.59
C TYR M 35 -4.04 39.25 -52.91
N ALA M 36 -2.99 40.07 -52.94
CA ALA M 36 -2.18 40.29 -54.12
C ALA M 36 -0.71 40.10 -53.78
N LEU M 37 0.08 39.80 -54.81
CA LEU M 37 1.51 39.57 -54.63
C LEU M 37 2.23 40.89 -54.41
N LYS M 38 3.18 40.89 -53.48
CA LYS M 38 3.98 42.07 -53.18
C LYS M 38 5.46 41.87 -53.49
N PHE M 39 6.07 40.81 -52.97
CA PHE M 39 7.50 40.58 -53.12
C PHE M 39 7.72 39.11 -53.43
N THR M 40 8.99 38.73 -53.58
CA THR M 40 9.34 37.34 -53.86
C THR M 40 10.67 37.04 -53.20
N LEU M 41 10.64 36.19 -52.17
CA LEU M 41 11.84 35.72 -51.50
C LEU M 41 12.52 34.67 -52.37
N ALA M 42 13.71 35.00 -52.87
CA ALA M 42 14.47 34.08 -53.72
C ALA M 42 15.89 33.96 -53.17
N GLY M 43 16.48 32.77 -53.37
CA GLY M 43 17.81 32.52 -52.89
C GLY M 43 18.02 31.09 -52.42
N HIS M 44 16.93 30.35 -52.27
CA HIS M 44 17.00 28.95 -51.86
C HIS M 44 17.20 28.07 -53.10
N THR M 45 18.16 27.16 -53.01
CA THR M 45 18.64 26.42 -54.17
C THR M 45 18.14 24.97 -54.22
N LYS M 46 17.23 24.59 -53.32
CA LYS M 46 16.63 23.26 -53.36
C LYS M 46 15.14 23.41 -53.05
N ALA M 47 14.50 22.28 -52.75
CA ALA M 47 13.08 22.26 -52.40
C ALA M 47 12.88 22.95 -51.05
N VAL M 48 12.10 24.03 -51.05
CA VAL M 48 11.93 24.85 -49.86
C VAL M 48 11.03 24.10 -48.87
N SER M 49 11.55 23.87 -47.66
CA SER M 49 10.86 23.02 -46.70
C SER M 49 9.70 23.75 -46.04
N SER M 50 9.99 24.80 -45.29
CA SER M 50 8.94 25.49 -44.54
C SER M 50 9.36 26.93 -44.25
N VAL M 51 8.37 27.80 -44.16
CA VAL M 51 8.55 29.20 -43.78
C VAL M 51 7.57 29.53 -42.67
N LYS M 52 8.04 30.21 -41.64
CA LYS M 52 7.24 30.49 -40.45
C LYS M 52 7.47 31.92 -40.00
N PHE M 53 6.43 32.50 -39.39
CA PHE M 53 6.51 33.86 -38.87
C PHE M 53 7.04 33.87 -37.45
N SER M 54 7.66 34.99 -37.09
CA SER M 54 8.07 35.22 -35.71
C SER M 54 6.83 35.47 -34.84
N PRO M 55 6.88 35.15 -33.55
CA PRO M 55 5.71 35.36 -32.70
C PRO M 55 5.32 36.82 -32.51
N ASN M 56 6.26 37.75 -32.60
CA ASN M 56 5.89 39.15 -32.56
C ASN M 56 5.33 39.65 -33.88
N GLY M 57 5.45 38.87 -34.95
CA GLY M 57 4.88 39.25 -36.23
C GLY M 57 5.72 40.21 -37.05
N GLU M 58 7.04 40.09 -37.01
CA GLU M 58 7.91 40.99 -37.74
C GLU M 58 8.99 40.28 -38.55
N TRP M 59 9.13 38.96 -38.45
CA TRP M 59 10.24 38.24 -39.07
C TRP M 59 9.76 36.90 -39.61
N LEU M 60 9.45 36.85 -40.90
CA LEU M 60 9.15 35.60 -41.59
C LEU M 60 10.45 34.89 -41.92
N ALA M 61 10.72 33.77 -41.25
CA ALA M 61 11.96 33.03 -41.47
C ALA M 61 11.81 32.13 -42.70
N SER M 62 12.89 31.43 -43.03
CA SER M 62 12.90 30.54 -44.18
C SER M 62 14.02 29.53 -44.03
N SER M 63 13.88 28.41 -44.75
CA SER M 63 14.91 27.38 -44.81
C SER M 63 14.75 26.63 -46.12
N SER M 64 15.64 25.66 -46.35
CA SER M 64 15.59 24.81 -47.53
C SER M 64 16.31 23.51 -47.21
N ALA M 65 16.58 22.72 -48.25
CA ALA M 65 17.28 21.45 -48.10
C ALA M 65 18.78 21.58 -48.36
N ASP M 66 19.27 22.76 -48.72
CA ASP M 66 20.66 22.95 -49.09
C ASP M 66 21.53 23.35 -47.90
N LYS M 67 21.15 22.96 -46.68
CA LYS M 67 21.85 23.27 -45.43
C LYS M 67 21.98 24.77 -45.21
N LEU M 68 20.95 25.52 -45.63
CA LEU M 68 20.96 26.98 -45.54
C LEU M 68 19.63 27.44 -44.97
N ILE M 69 19.65 27.96 -43.74
CA ILE M 69 18.49 28.55 -43.11
C ILE M 69 18.66 30.07 -43.18
N LYS M 70 17.87 30.72 -44.02
CA LYS M 70 17.99 32.16 -44.19
C LYS M 70 17.10 32.89 -43.19
N ILE M 71 17.43 34.14 -42.94
CA ILE M 71 16.65 35.00 -42.05
C ILE M 71 16.18 36.19 -42.87
N TRP M 72 14.87 36.26 -43.11
CA TRP M 72 14.26 37.32 -43.89
C TRP M 72 13.31 38.13 -43.03
N GLY M 73 12.93 39.29 -43.54
CA GLY M 73 11.97 40.14 -42.87
C GLY M 73 10.54 39.68 -43.08
N ALA M 74 9.62 40.62 -43.01
CA ALA M 74 8.22 40.27 -43.18
C ALA M 74 7.50 41.11 -44.22
N TYR M 75 7.80 42.42 -44.30
CA TYR M 75 7.04 43.32 -45.14
C TYR M 75 7.68 43.59 -46.50
N ASP M 76 8.97 43.31 -46.66
CA ASP M 76 9.59 43.43 -47.97
C ASP M 76 10.50 42.27 -48.34
N GLY M 77 10.77 41.34 -47.43
CA GLY M 77 11.75 40.31 -47.67
C GLY M 77 13.15 40.88 -47.69
N LYS M 78 13.63 41.35 -46.54
CA LYS M 78 14.96 41.92 -46.42
C LYS M 78 15.92 40.88 -45.87
N PHE M 79 17.07 40.75 -46.51
CA PHE M 79 18.06 39.75 -46.11
C PHE M 79 18.72 40.14 -44.80
N GLU M 80 18.95 39.15 -43.94
CA GLU M 80 19.72 39.36 -42.72
C GLU M 80 20.98 38.51 -42.67
N LYS M 81 20.85 37.20 -42.83
CA LYS M 81 21.96 36.26 -42.71
C LYS M 81 21.52 34.94 -43.32
N THR M 82 22.35 33.91 -43.14
CA THR M 82 21.99 32.55 -43.53
C THR M 82 22.64 31.60 -42.54
N ILE M 83 21.82 30.84 -41.83
CA ILE M 83 22.28 30.05 -40.69
C ILE M 83 22.72 28.67 -41.16
N SER M 84 23.97 28.31 -40.84
CA SER M 84 24.51 27.00 -41.15
C SER M 84 25.62 26.69 -40.15
N GLY M 85 26.40 25.66 -40.44
CA GLY M 85 27.41 25.17 -39.53
C GLY M 85 27.18 23.71 -39.21
N HIS M 86 26.52 23.02 -40.13
CA HIS M 86 26.01 21.68 -39.94
C HIS M 86 26.95 20.64 -40.54
N LYS M 87 26.51 19.39 -40.57
CA LYS M 87 27.18 18.32 -41.27
C LYS M 87 26.31 17.69 -42.35
N LEU M 88 25.00 17.56 -42.09
CA LEU M 88 24.05 17.06 -43.09
C LEU M 88 22.86 18.00 -43.19
N GLY M 89 21.81 17.57 -43.89
CA GLY M 89 20.69 18.42 -44.23
C GLY M 89 19.86 18.89 -43.05
N ILE M 90 18.85 19.70 -43.36
CA ILE M 90 17.99 20.37 -42.39
C ILE M 90 16.54 20.17 -42.81
N SER M 91 15.70 19.73 -41.89
CA SER M 91 14.28 19.58 -42.18
C SER M 91 13.47 20.83 -41.78
N ASP M 92 13.51 21.20 -40.51
CA ASP M 92 12.59 22.19 -39.98
C ASP M 92 13.32 23.10 -38.97
N VAL M 93 12.70 24.24 -38.68
CA VAL M 93 13.24 25.22 -37.75
C VAL M 93 12.11 25.78 -36.88
N ALA M 94 12.33 25.81 -35.56
CA ALA M 94 11.36 26.31 -34.60
C ALA M 94 11.78 27.71 -34.11
N TRP M 95 11.09 28.20 -33.09
CA TRP M 95 11.26 29.59 -32.65
C TRP M 95 11.56 29.76 -31.17
N SER M 96 11.56 31.02 -30.73
CA SER M 96 11.38 31.38 -29.34
C SER M 96 10.29 32.44 -29.27
N SER M 97 9.70 32.57 -28.08
CA SER M 97 8.58 33.49 -27.90
C SER M 97 9.03 34.96 -28.02
N ASP M 98 10.25 35.26 -27.61
CA ASP M 98 10.82 36.59 -27.77
C ASP M 98 11.53 36.79 -29.09
N SER M 99 11.33 35.87 -30.05
CA SER M 99 11.85 35.93 -31.42
C SER M 99 13.38 35.97 -31.46
N ASN M 100 14.04 35.33 -30.50
CA ASN M 100 15.49 35.31 -30.45
C ASN M 100 16.07 33.91 -30.65
N LEU M 101 15.69 32.96 -29.81
CA LEU M 101 16.31 31.64 -29.86
C LEU M 101 15.65 30.78 -30.92
N LEU M 102 16.41 29.81 -31.43
CA LEU M 102 15.94 28.92 -32.47
C LEU M 102 16.44 27.52 -32.18
N VAL M 103 15.85 26.55 -32.87
CA VAL M 103 16.40 25.20 -32.95
C VAL M 103 16.20 24.75 -34.38
N SER M 104 17.05 23.82 -34.83
CA SER M 104 16.97 23.29 -36.17
C SER M 104 16.72 21.79 -36.11
N ALA M 105 15.72 21.33 -36.88
CA ALA M 105 15.48 19.90 -37.03
C ALA M 105 16.38 19.37 -38.15
N SER M 106 17.65 19.23 -37.81
CA SER M 106 18.65 18.84 -38.80
C SER M 106 18.53 17.36 -39.14
N ASP M 107 19.18 16.99 -40.24
CA ASP M 107 19.16 15.62 -40.74
C ASP M 107 20.51 14.94 -40.56
N ASP M 108 21.19 15.25 -39.45
CA ASP M 108 22.32 14.48 -38.98
C ASP M 108 22.01 13.81 -37.65
N LYS M 109 20.71 13.62 -37.37
CA LYS M 109 20.17 12.97 -36.17
C LYS M 109 20.56 13.70 -34.90
N THR M 110 20.76 15.02 -34.99
CA THR M 110 21.12 15.82 -33.84
C THR M 110 20.13 16.96 -33.68
N LEU M 111 20.30 17.71 -32.58
CA LEU M 111 19.45 18.85 -32.24
C LEU M 111 20.34 20.04 -31.96
N LYS M 112 20.36 20.99 -32.88
CA LYS M 112 21.20 22.18 -32.75
C LYS M 112 20.30 23.36 -32.41
N ILE M 113 20.48 23.91 -31.21
CA ILE M 113 19.78 25.12 -30.80
C ILE M 113 20.49 26.32 -31.39
N TRP M 114 19.74 27.18 -32.06
CA TRP M 114 20.30 28.33 -32.75
C TRP M 114 19.78 29.63 -32.15
N ASP M 115 20.11 30.73 -32.82
CA ASP M 115 19.83 32.07 -32.34
C ASP M 115 19.64 32.96 -33.55
N VAL M 116 18.72 33.94 -33.42
CA VAL M 116 18.52 34.91 -34.47
C VAL M 116 19.60 35.98 -34.44
N SER M 117 19.85 36.56 -33.26
CA SER M 117 20.73 37.72 -33.17
C SER M 117 22.21 37.39 -33.31
N SER M 118 22.62 36.14 -33.09
CA SER M 118 24.02 35.77 -33.19
C SER M 118 24.28 34.79 -34.32
N GLY M 119 23.59 33.65 -34.34
CA GLY M 119 23.84 32.63 -35.33
C GLY M 119 24.92 31.67 -34.90
N LYS M 120 24.83 31.19 -33.66
CA LYS M 120 25.84 30.35 -33.04
C LYS M 120 25.23 29.02 -32.65
N CYS M 121 26.01 27.95 -32.76
CA CYS M 121 25.57 26.63 -32.33
C CYS M 121 25.54 26.58 -30.80
N LEU M 122 24.37 26.85 -30.23
CA LEU M 122 24.27 27.04 -28.77
C LEU M 122 24.36 25.72 -28.03
N LYS M 123 23.57 24.74 -28.44
CA LYS M 123 23.61 23.40 -27.86
C LYS M 123 23.62 22.37 -28.97
N THR M 124 24.68 21.58 -29.04
CA THR M 124 24.78 20.46 -29.99
C THR M 124 24.34 19.21 -29.25
N LEU M 125 23.19 18.66 -29.62
CA LEU M 125 22.50 17.66 -28.82
C LEU M 125 22.09 16.49 -29.71
N LYS M 126 22.61 15.30 -29.42
CA LYS M 126 22.16 14.08 -30.08
C LYS M 126 20.90 13.56 -29.41
N GLY M 127 20.48 12.34 -29.75
CA GLY M 127 19.38 11.72 -29.04
C GLY M 127 18.52 10.75 -29.83
N HIS M 128 18.57 10.83 -31.15
CA HIS M 128 17.75 9.97 -32.00
C HIS M 128 18.63 9.07 -32.86
N SER M 129 18.04 7.96 -33.29
CA SER M 129 18.72 7.00 -34.16
C SER M 129 18.17 7.04 -35.58
N ASN M 130 17.31 8.00 -35.89
CA ASN M 130 16.83 8.22 -37.25
C ASN M 130 16.57 9.72 -37.39
N TYR M 131 15.95 10.13 -38.48
CA TYR M 131 15.77 11.56 -38.74
C TYR M 131 14.58 12.10 -37.93
N VAL M 132 14.45 13.42 -37.96
CA VAL M 132 13.42 14.14 -37.21
C VAL M 132 12.67 15.04 -38.19
N PHE M 133 11.34 14.99 -38.15
CA PHE M 133 10.51 15.79 -39.03
C PHE M 133 9.88 16.99 -38.33
N CYS M 134 9.18 16.77 -37.22
CA CYS M 134 8.46 17.83 -36.52
C CYS M 134 9.03 18.05 -35.12
N CYS M 135 9.10 19.33 -34.72
CA CYS M 135 9.63 19.71 -33.42
C CYS M 135 9.02 21.05 -33.02
N ASN M 136 8.72 21.21 -31.73
CA ASN M 136 8.02 22.38 -31.25
C ASN M 136 8.43 22.71 -29.82
N PHE M 137 8.03 23.91 -29.40
CA PHE M 137 8.22 24.41 -28.05
C PHE M 137 6.87 24.62 -27.37
N ASN M 138 6.85 24.38 -26.06
CA ASN M 138 5.77 24.86 -25.23
C ASN M 138 5.82 26.39 -25.17
N PRO M 139 4.68 27.05 -24.86
CA PRO M 139 4.68 28.52 -24.85
C PRO M 139 5.53 29.16 -23.77
N GLN M 140 5.95 28.41 -22.76
CA GLN M 140 6.84 28.95 -21.75
C GLN M 140 8.31 28.75 -22.08
N SER M 141 8.60 28.04 -23.18
CA SER M 141 9.91 27.95 -23.80
C SER M 141 10.97 27.37 -22.85
N ASN M 142 10.70 26.14 -22.40
CA ASN M 142 11.65 25.39 -21.62
C ASN M 142 11.75 23.93 -22.03
N LEU M 143 10.95 23.48 -22.99
CA LEU M 143 10.92 22.09 -23.40
C LEU M 143 10.95 21.99 -24.92
N ILE M 144 11.58 20.93 -25.42
CA ILE M 144 11.66 20.65 -26.83
C ILE M 144 11.01 19.30 -27.08
N VAL M 145 9.91 19.29 -27.78
CA VAL M 145 9.34 18.04 -28.26
C VAL M 145 9.92 17.79 -29.65
N SER M 146 10.10 16.52 -30.01
CA SER M 146 10.72 16.18 -31.29
C SER M 146 10.12 14.86 -31.78
N GLY M 147 9.09 14.96 -32.60
CA GLY M 147 8.52 13.79 -33.23
C GLY M 147 9.39 13.29 -34.37
N SER M 148 10.05 12.15 -34.15
CA SER M 148 11.15 11.69 -34.99
C SER M 148 10.72 10.48 -35.83
N PHE M 149 11.69 9.92 -36.56
CA PHE M 149 11.43 8.74 -37.40
C PHE M 149 11.78 7.44 -36.70
N ASP M 150 12.64 7.47 -35.69
CA ASP M 150 12.83 6.31 -34.83
C ASP M 150 11.81 6.24 -33.70
N GLU M 151 10.78 7.09 -33.76
CA GLU M 151 9.51 6.99 -33.04
C GLU M 151 9.65 7.20 -31.54
N SER M 152 10.78 7.72 -31.08
CA SER M 152 10.96 8.08 -29.67
C SER M 152 10.63 9.55 -29.53
N VAL M 153 9.35 9.83 -29.29
CA VAL M 153 8.90 11.21 -29.08
C VAL M 153 9.43 11.67 -27.73
N ARG M 154 10.44 12.54 -27.74
CA ARG M 154 11.13 12.93 -26.53
C ARG M 154 10.73 14.33 -26.11
N ILE M 155 11.06 14.65 -24.87
CA ILE M 155 10.90 15.98 -24.30
C ILE M 155 12.26 16.41 -23.79
N TRP M 156 12.85 17.42 -24.42
CA TRP M 156 14.21 17.84 -24.10
C TRP M 156 14.21 19.03 -23.15
N ASP M 157 15.41 19.42 -22.73
CA ASP M 157 15.61 20.57 -21.87
C ASP M 157 16.28 21.69 -22.66
N VAL M 158 15.94 22.92 -22.33
CA VAL M 158 16.51 24.08 -23.01
C VAL M 158 17.72 24.63 -22.26
N LYS M 159 17.66 24.70 -20.94
CA LYS M 159 18.73 25.35 -20.18
C LYS M 159 20.00 24.48 -20.13
N THR M 160 19.83 23.17 -20.02
CA THR M 160 20.96 22.26 -19.91
C THR M 160 21.08 21.27 -21.05
N GLY M 161 20.04 21.09 -21.87
CA GLY M 161 20.11 20.17 -22.98
C GLY M 161 20.08 18.71 -22.59
N LYS M 162 19.47 18.37 -21.46
CA LYS M 162 19.41 17.00 -20.98
C LYS M 162 18.11 16.35 -21.41
N CYS M 163 18.16 15.05 -21.70
CA CYS M 163 16.95 14.28 -21.95
C CYS M 163 16.13 14.18 -20.67
N LEU M 164 14.81 14.35 -20.80
CA LEU M 164 13.92 14.39 -19.65
C LEU M 164 12.89 13.27 -19.67
N LYS M 165 12.15 13.10 -20.76
CA LYS M 165 11.08 12.12 -20.83
C LYS M 165 11.17 11.33 -22.13
N THR M 166 10.35 10.29 -22.22
CA THR M 166 10.35 9.37 -23.36
C THR M 166 8.94 8.80 -23.52
N LEU M 167 8.42 8.83 -24.74
CA LEU M 167 7.06 8.34 -24.99
C LEU M 167 7.09 7.26 -26.06
N PRO M 168 6.84 5.99 -25.72
CA PRO M 168 6.76 4.92 -26.74
C PRO M 168 5.43 4.92 -27.49
N ALA M 169 5.27 5.92 -28.35
CA ALA M 169 3.96 6.26 -28.87
C ALA M 169 3.54 5.41 -30.07
N HIS M 170 4.27 5.50 -31.17
CA HIS M 170 3.76 5.07 -32.47
C HIS M 170 4.60 3.95 -33.06
N SER M 171 4.01 3.29 -34.06
CA SER M 171 4.71 2.37 -34.95
C SER M 171 4.90 2.96 -36.34
N ASP M 172 4.75 4.26 -36.48
CA ASP M 172 4.92 4.99 -37.72
C ASP M 172 5.78 6.22 -37.44
N PRO M 173 6.41 6.79 -38.47
CA PRO M 173 7.03 8.11 -38.31
C PRO M 173 6.01 9.18 -37.95
N VAL M 174 6.34 9.93 -36.89
CA VAL M 174 5.44 10.94 -36.34
C VAL M 174 5.44 12.17 -37.26
N SER M 175 4.25 12.58 -37.68
CA SER M 175 4.14 13.69 -38.63
C SER M 175 3.99 15.03 -37.93
N ALA M 176 3.16 15.12 -36.89
CA ALA M 176 2.90 16.39 -36.24
C ALA M 176 2.81 16.22 -34.73
N VAL M 177 3.44 17.16 -34.01
CA VAL M 177 3.32 17.30 -32.57
C VAL M 177 3.01 18.77 -32.26
N HIS M 178 2.23 18.99 -31.21
CA HIS M 178 1.78 20.35 -30.90
C HIS M 178 1.38 20.44 -29.43
N PHE M 179 1.67 21.57 -28.81
CA PHE M 179 1.22 21.92 -27.47
C PHE M 179 -0.05 22.77 -27.54
N ASN M 180 -0.79 22.79 -26.43
CA ASN M 180 -1.95 23.67 -26.34
C ASN M 180 -1.53 25.04 -25.81
N ARG M 181 -2.51 25.84 -25.39
CA ARG M 181 -2.24 27.22 -24.98
C ARG M 181 -1.46 27.28 -23.67
N ASP M 182 -1.96 26.60 -22.62
CA ASP M 182 -1.27 26.66 -21.33
C ASP M 182 -0.01 25.80 -21.33
N GLY M 183 -0.07 24.60 -21.88
CA GLY M 183 1.12 23.78 -22.00
C GLY M 183 1.05 22.47 -21.25
N SER M 184 -0.16 21.97 -21.02
CA SER M 184 -0.35 20.73 -20.29
C SER M 184 -0.66 19.55 -21.20
N LEU M 185 -0.75 19.76 -22.50
CA LEU M 185 -1.16 18.70 -23.43
C LEU M 185 -0.22 18.64 -24.63
N ILE M 186 -0.07 17.42 -25.16
CA ILE M 186 0.74 17.14 -26.35
C ILE M 186 -0.11 16.29 -27.28
N VAL M 187 -0.25 16.72 -28.53
CA VAL M 187 -1.01 15.96 -29.51
C VAL M 187 -0.01 15.29 -30.46
N SER M 188 -0.47 14.26 -31.16
CA SER M 188 0.41 13.44 -31.98
C SER M 188 -0.38 12.82 -33.12
N SER M 189 0.13 12.98 -34.35
CA SER M 189 -0.47 12.38 -35.53
C SER M 189 0.49 11.37 -36.14
N SER M 190 -0.08 10.41 -36.87
CA SER M 190 0.66 9.24 -37.33
C SER M 190 0.23 8.92 -38.75
N TYR M 191 0.61 7.72 -39.21
CA TYR M 191 0.29 7.26 -40.55
C TYR M 191 -0.85 6.27 -40.60
N ASP M 192 -1.15 5.60 -39.49
CA ASP M 192 -2.15 4.55 -39.44
C ASP M 192 -3.51 5.05 -38.97
N GLY M 193 -3.76 6.36 -39.04
CA GLY M 193 -5.05 6.90 -38.67
C GLY M 193 -5.31 6.94 -37.19
N LEU M 194 -4.35 7.45 -36.42
CA LEU M 194 -4.46 7.55 -34.97
C LEU M 194 -4.03 8.93 -34.52
N CYS M 195 -4.73 9.45 -33.51
CA CYS M 195 -4.35 10.69 -32.84
C CYS M 195 -4.49 10.48 -31.35
N ARG M 196 -3.41 10.75 -30.61
CA ARG M 196 -3.37 10.52 -29.18
C ARG M 196 -2.94 11.80 -28.47
N ILE M 197 -3.66 12.16 -27.41
CA ILE M 197 -3.38 13.36 -26.63
C ILE M 197 -2.54 12.94 -25.43
N TRP M 198 -1.37 13.54 -25.28
CA TRP M 198 -0.41 13.13 -24.28
C TRP M 198 -0.32 14.16 -23.16
N ASP M 199 0.14 13.71 -22.00
CA ASP M 199 0.25 14.55 -20.82
C ASP M 199 1.65 15.12 -20.71
N THR M 200 1.72 16.40 -20.31
CA THR M 200 3.02 17.03 -20.14
C THR M 200 3.70 16.58 -18.86
N ALA M 201 2.97 16.58 -17.75
CA ALA M 201 3.57 16.32 -16.45
C ALA M 201 3.86 14.83 -16.24
N SER M 202 2.81 14.01 -16.26
CA SER M 202 2.99 12.60 -16.00
C SER M 202 3.53 11.87 -17.23
N GLY M 203 2.91 12.08 -18.39
CA GLY M 203 3.42 11.53 -19.62
C GLY M 203 2.86 10.18 -20.00
N GLN M 204 1.53 10.06 -20.01
CA GLN M 204 0.86 8.86 -20.49
C GLN M 204 -0.32 9.27 -21.34
N CYS M 205 -0.84 8.30 -22.10
CA CYS M 205 -1.90 8.58 -23.06
C CYS M 205 -3.21 8.81 -22.35
N LEU M 206 -3.99 9.76 -22.88
CA LEU M 206 -5.22 10.20 -22.25
C LEU M 206 -6.44 10.01 -23.12
N LYS M 207 -6.34 10.31 -24.41
CA LYS M 207 -7.48 10.21 -25.31
C LYS M 207 -6.98 9.76 -26.67
N THR M 208 -7.62 8.73 -27.23
CA THR M 208 -7.30 8.21 -28.55
C THR M 208 -8.56 8.26 -29.40
N LEU M 209 -8.53 9.08 -30.45
CA LEU M 209 -9.65 9.17 -31.37
C LEU M 209 -9.40 8.20 -32.53
N ILE M 210 -10.43 7.45 -32.90
CA ILE M 210 -10.27 6.31 -33.80
C ILE M 210 -10.94 6.63 -35.13
N ASP M 211 -10.36 6.09 -36.21
CA ASP M 211 -10.87 6.28 -37.56
C ASP M 211 -10.87 4.92 -38.26
N ASP M 212 -11.98 4.62 -38.95
CA ASP M 212 -12.07 3.36 -39.69
C ASP M 212 -11.13 3.34 -40.88
N ASP M 213 -11.05 4.43 -41.63
CA ASP M 213 -10.01 4.59 -42.62
C ASP M 213 -8.68 4.85 -41.92
N ASN M 214 -7.59 4.44 -42.56
CA ASN M 214 -6.25 4.78 -42.11
C ASN M 214 -5.43 5.45 -43.22
N PRO M 215 -5.66 6.73 -43.48
CA PRO M 215 -4.72 7.47 -44.30
C PRO M 215 -3.58 7.97 -43.45
N PRO M 216 -2.46 8.38 -44.03
CA PRO M 216 -1.45 9.08 -43.25
C PRO M 216 -1.94 10.44 -42.82
N VAL M 217 -2.23 10.60 -41.53
CA VAL M 217 -2.66 11.87 -41.00
C VAL M 217 -1.47 12.82 -41.01
N SER M 218 -1.61 13.92 -41.73
CA SER M 218 -0.47 14.74 -42.12
C SER M 218 -0.14 15.81 -41.09
N PHE M 219 -1.12 16.65 -40.74
CA PHE M 219 -0.82 17.82 -39.92
C PHE M 219 -2.03 18.14 -39.05
N VAL M 220 -1.96 17.77 -37.78
CA VAL M 220 -2.95 18.18 -36.79
C VAL M 220 -2.39 19.35 -36.00
N LYS M 221 -3.29 20.18 -35.49
CA LYS M 221 -2.95 21.29 -34.62
C LYS M 221 -4.17 21.65 -33.81
N PHE M 222 -3.94 22.28 -32.67
CA PHE M 222 -5.01 22.70 -31.78
C PHE M 222 -5.75 23.91 -32.35
N SER M 223 -6.88 24.21 -31.73
CA SER M 223 -7.56 25.47 -31.97
C SER M 223 -6.76 26.59 -31.29
N PRO M 224 -6.92 27.85 -31.75
CA PRO M 224 -6.16 28.96 -31.14
C PRO M 224 -6.56 29.29 -29.70
N ASN M 225 -7.63 28.71 -29.17
CA ASN M 225 -7.92 28.80 -27.74
C ASN M 225 -7.44 27.59 -26.96
N GLY M 226 -7.55 26.40 -27.56
CA GLY M 226 -7.12 25.17 -26.92
C GLY M 226 -8.27 24.26 -26.56
N LYS M 227 -9.34 24.29 -27.35
CA LYS M 227 -10.51 23.46 -27.10
C LYS M 227 -10.97 22.69 -28.33
N TYR M 228 -10.26 22.76 -29.45
CA TYR M 228 -10.59 21.98 -30.64
C TYR M 228 -9.29 21.57 -31.34
N ILE M 229 -9.38 20.50 -32.12
CA ILE M 229 -8.25 19.99 -32.90
C ILE M 229 -8.70 19.85 -34.34
N LEU M 230 -7.95 20.47 -35.26
CA LEU M 230 -8.19 20.35 -36.69
C LEU M 230 -7.27 19.29 -37.26
N ALA M 231 -7.86 18.24 -37.83
CA ALA M 231 -7.10 17.11 -38.34
C ALA M 231 -7.06 17.15 -39.86
N ALA M 232 -5.91 16.77 -40.42
CA ALA M 232 -5.69 16.73 -41.86
C ALA M 232 -5.37 15.29 -42.25
N THR M 233 -6.23 14.69 -43.06
CA THR M 233 -6.09 13.31 -43.47
C THR M 233 -5.95 13.22 -44.98
N LEU M 234 -5.39 12.10 -45.44
CA LEU M 234 -5.16 11.90 -46.87
C LEU M 234 -6.31 11.09 -47.48
N ASP M 235 -7.46 11.77 -47.58
CA ASP M 235 -8.55 11.34 -48.45
C ASP M 235 -9.17 12.55 -49.15
N ASN M 236 -8.38 13.62 -49.29
CA ASN M 236 -8.81 14.93 -49.80
C ASN M 236 -10.02 15.46 -49.02
N THR M 237 -9.92 15.39 -47.70
CA THR M 237 -10.96 15.88 -46.81
C THR M 237 -10.33 16.25 -45.47
N LEU M 238 -10.55 17.47 -45.02
CA LEU M 238 -10.16 17.89 -43.68
C LEU M 238 -11.30 17.64 -42.71
N LYS M 239 -10.97 17.42 -41.44
CA LYS M 239 -11.98 17.16 -40.43
C LYS M 239 -11.67 17.96 -39.16
N LEU M 240 -12.72 18.46 -38.51
CA LEU M 240 -12.61 19.26 -37.29
C LEU M 240 -13.25 18.48 -36.15
N TRP M 241 -12.45 17.69 -35.46
CA TRP M 241 -12.95 16.86 -34.36
C TRP M 241 -13.13 17.70 -33.11
N ASP M 242 -14.30 17.62 -32.50
CA ASP M 242 -14.49 18.23 -31.19
C ASP M 242 -13.69 17.44 -30.16
N TYR M 243 -13.07 18.17 -29.24
CA TYR M 243 -12.03 17.60 -28.40
C TYR M 243 -12.63 16.71 -27.31
N SER M 244 -13.43 17.30 -26.41
CA SER M 244 -13.88 16.59 -25.23
C SER M 244 -14.96 15.56 -25.55
N LYS M 245 -15.87 15.90 -26.47
CA LYS M 245 -16.93 14.98 -26.85
C LYS M 245 -16.36 13.79 -27.62
N GLY M 246 -15.75 14.06 -28.76
CA GLY M 246 -15.12 13.04 -29.57
C GLY M 246 -15.73 12.78 -30.94
N LYS M 247 -16.49 13.71 -31.48
CA LYS M 247 -16.99 13.60 -32.84
C LYS M 247 -16.58 14.83 -33.63
N CYS M 248 -16.75 14.74 -34.95
CA CYS M 248 -16.39 15.83 -35.84
C CYS M 248 -17.61 16.72 -36.08
N LEU M 249 -17.35 17.91 -36.63
CA LEU M 249 -18.42 18.87 -36.85
C LEU M 249 -18.66 19.18 -38.33
N LYS M 250 -17.65 19.69 -39.04
CA LYS M 250 -17.78 20.06 -40.44
C LYS M 250 -16.46 19.75 -41.15
N THR M 251 -16.56 19.56 -42.46
CA THR M 251 -15.43 19.14 -43.27
C THR M 251 -15.12 20.17 -44.36
N TYR M 252 -14.18 19.82 -45.24
CA TYR M 252 -13.81 20.63 -46.38
C TYR M 252 -13.68 19.73 -47.60
N THR M 253 -14.02 20.27 -48.77
CA THR M 253 -13.97 19.52 -50.01
C THR M 253 -13.26 20.35 -51.09
N GLY M 254 -12.82 19.66 -52.13
CA GLY M 254 -12.33 20.33 -53.32
C GLY M 254 -10.84 20.59 -53.37
N HIS M 255 -10.04 19.97 -52.50
CA HIS M 255 -8.61 20.16 -52.51
C HIS M 255 -7.90 18.87 -52.89
N LYS M 256 -6.64 19.00 -53.28
CA LYS M 256 -5.83 17.89 -53.77
C LYS M 256 -4.66 17.68 -52.80
N ASN M 257 -4.74 16.61 -52.02
CA ASN M 257 -3.68 16.26 -51.06
C ASN M 257 -3.71 14.74 -50.93
N GLU M 258 -2.83 14.06 -51.65
CA GLU M 258 -2.81 12.60 -51.61
C GLU M 258 -1.44 12.02 -51.33
N LYS M 259 -0.38 12.62 -51.87
CA LYS M 259 0.97 12.05 -51.71
C LYS M 259 1.67 12.61 -50.47
N TYR M 260 1.80 13.93 -50.40
CA TYR M 260 2.66 14.57 -49.42
C TYR M 260 1.90 14.87 -48.12
N CYS M 261 2.53 15.64 -47.24
CA CYS M 261 1.97 16.06 -45.96
C CYS M 261 1.93 17.58 -45.95
N ILE M 262 0.78 18.14 -46.32
CA ILE M 262 0.63 19.58 -46.52
C ILE M 262 0.08 20.21 -45.24
N PHE M 263 0.68 21.33 -44.84
CA PHE M 263 0.34 22.02 -43.61
C PHE M 263 -0.98 22.77 -43.75
N ALA M 264 -1.48 23.28 -42.62
CA ALA M 264 -2.66 24.13 -42.60
C ALA M 264 -2.52 25.14 -41.48
N ASN M 265 -3.39 26.15 -41.49
CA ASN M 265 -3.32 27.24 -40.51
C ASN M 265 -4.73 27.68 -40.17
N PHE M 266 -4.82 28.79 -39.44
CA PHE M 266 -6.06 29.47 -39.10
C PHE M 266 -5.90 30.95 -39.41
N SER M 267 -7.02 31.67 -39.46
CA SER M 267 -7.03 33.10 -39.69
C SER M 267 -7.96 33.76 -38.68
N VAL M 268 -7.42 34.71 -37.92
CA VAL M 268 -8.19 35.43 -36.92
C VAL M 268 -8.21 36.94 -37.16
N THR M 269 -7.45 37.45 -38.13
CA THR M 269 -7.41 38.88 -38.38
C THR M 269 -8.66 39.34 -39.13
N GLY M 270 -8.88 38.79 -40.32
CA GLY M 270 -10.06 39.12 -41.09
C GLY M 270 -11.17 38.10 -40.91
N GLY M 271 -11.46 37.33 -41.96
CA GLY M 271 -12.46 36.29 -41.90
C GLY M 271 -11.92 35.01 -41.30
N LYS M 272 -12.76 33.98 -41.34
CA LYS M 272 -12.38 32.66 -40.81
C LYS M 272 -11.80 31.77 -41.90
N TRP M 273 -10.82 32.29 -42.63
CA TRP M 273 -10.23 31.54 -43.73
C TRP M 273 -9.26 30.48 -43.18
N ILE M 274 -9.05 29.44 -43.98
CA ILE M 274 -8.16 28.33 -43.62
C ILE M 274 -7.13 28.19 -44.73
N VAL M 275 -5.90 28.62 -44.46
CA VAL M 275 -4.86 28.69 -45.48
C VAL M 275 -4.07 27.40 -45.47
N SER M 276 -3.87 26.81 -46.65
CA SER M 276 -3.08 25.60 -46.80
C SER M 276 -2.38 25.62 -48.15
N GLY M 277 -1.31 24.85 -48.25
CA GLY M 277 -0.61 24.70 -49.50
C GLY M 277 -1.34 23.78 -50.46
N SER M 278 -0.84 23.73 -51.70
CA SER M 278 -1.51 23.03 -52.79
C SER M 278 -0.52 22.23 -53.61
N GLU M 279 -1.06 21.19 -54.26
CA GLU M 279 -0.29 20.35 -55.19
C GLU M 279 -0.47 20.76 -56.64
N ASP M 280 -1.61 21.35 -56.99
CA ASP M 280 -1.93 21.71 -58.37
C ASP M 280 -1.62 23.18 -58.66
N ASN M 281 -0.53 23.68 -58.06
CA ASN M 281 0.04 25.01 -58.32
C ASN M 281 -0.93 26.12 -57.94
N LEU M 282 -1.60 25.96 -56.79
CA LEU M 282 -2.56 26.94 -56.31
C LEU M 282 -2.24 27.35 -54.89
N VAL M 283 -3.14 28.09 -54.25
CA VAL M 283 -3.11 28.30 -52.80
C VAL M 283 -4.50 27.93 -52.28
N TYR M 284 -4.54 26.97 -51.35
CA TYR M 284 -5.80 26.45 -50.82
C TYR M 284 -6.22 27.31 -49.63
N ILE M 285 -7.19 28.20 -49.86
CA ILE M 285 -7.73 29.07 -48.81
C ILE M 285 -9.26 29.01 -48.92
N TRP M 286 -9.93 28.49 -47.90
CA TRP M 286 -11.39 28.49 -47.85
C TRP M 286 -11.86 28.70 -46.41
N ASN M 287 -13.18 28.67 -46.23
CA ASN M 287 -13.84 29.00 -44.97
C ASN M 287 -14.84 27.91 -44.61
N LEU M 288 -14.94 27.63 -43.31
CA LEU M 288 -15.95 26.71 -42.79
C LEU M 288 -17.33 27.36 -42.76
N GLN M 289 -17.41 28.69 -42.84
CA GLN M 289 -18.68 29.33 -43.08
C GLN M 289 -19.13 29.13 -44.52
N THR M 290 -18.19 28.93 -45.44
CA THR M 290 -18.52 28.69 -46.83
C THR M 290 -18.70 27.21 -47.13
N LYS M 291 -17.71 26.39 -46.76
CA LYS M 291 -17.63 24.94 -47.04
C LYS M 291 -17.66 24.61 -48.53
N GLU M 292 -17.36 25.58 -49.39
CA GLU M 292 -17.43 25.43 -50.84
C GLU M 292 -16.27 26.18 -51.46
N ILE M 293 -16.15 26.09 -52.78
CA ILE M 293 -15.10 26.79 -53.51
C ILE M 293 -15.48 28.26 -53.60
N VAL M 294 -14.79 29.11 -52.84
CA VAL M 294 -15.07 30.54 -52.84
C VAL M 294 -13.87 31.39 -53.21
N GLN M 295 -12.64 30.93 -53.00
CA GLN M 295 -11.47 31.71 -53.37
C GLN M 295 -10.28 30.78 -53.61
N LYS M 296 -9.58 30.99 -54.71
CA LYS M 296 -8.34 30.30 -55.01
C LYS M 296 -7.33 31.29 -55.54
N LEU M 297 -6.09 31.16 -55.07
CA LEU M 297 -4.98 31.94 -55.58
C LEU M 297 -4.11 31.06 -56.47
N GLN M 298 -3.31 31.69 -57.31
CA GLN M 298 -2.66 30.98 -58.41
C GLN M 298 -1.38 31.69 -58.80
N GLY M 299 -0.42 30.92 -59.30
CA GLY M 299 0.83 31.47 -59.80
C GLY M 299 2.05 30.61 -59.57
N HIS M 300 1.91 29.59 -58.73
CA HIS M 300 3.04 28.73 -58.40
C HIS M 300 3.39 27.78 -59.55
N THR M 301 4.60 27.22 -59.46
CA THR M 301 5.06 26.26 -60.45
C THR M 301 5.45 24.91 -59.86
N ASP M 302 5.31 24.72 -58.54
CA ASP M 302 5.52 23.42 -57.94
C ASP M 302 4.59 23.29 -56.74
N VAL M 303 4.69 22.16 -56.05
CA VAL M 303 3.77 21.84 -54.96
C VAL M 303 4.10 22.67 -53.73
N VAL M 304 3.17 23.52 -53.32
CA VAL M 304 3.33 24.32 -52.11
C VAL M 304 3.07 23.42 -50.91
N ILE M 305 4.11 23.17 -50.12
CA ILE M 305 4.02 22.23 -49.01
C ILE M 305 3.78 22.93 -47.67
N SER M 306 4.10 24.22 -47.56
CA SER M 306 4.03 24.92 -46.28
C SER M 306 3.52 26.34 -46.50
N THR M 307 2.47 26.71 -45.78
CA THR M 307 2.01 28.08 -45.69
C THR M 307 2.16 28.57 -44.25
N ALA M 308 1.95 29.86 -44.06
CA ALA M 308 2.03 30.46 -42.74
C ALA M 308 1.17 31.71 -42.69
N CYS M 309 0.50 31.91 -41.55
CA CYS M 309 -0.33 33.08 -41.34
C CYS M 309 0.30 33.97 -40.28
N HIS M 310 0.05 35.27 -40.41
CA HIS M 310 0.55 36.36 -39.58
C HIS M 310 -0.45 36.63 -38.46
N PRO M 311 0.01 36.87 -37.22
CA PRO M 311 -0.94 36.94 -36.10
C PRO M 311 -1.78 38.21 -36.08
N THR M 312 -1.20 39.36 -36.42
CA THR M 312 -1.94 40.61 -36.36
C THR M 312 -2.34 41.18 -37.71
N GLU M 313 -1.69 40.77 -38.79
CA GLU M 313 -1.93 41.32 -40.11
C GLU M 313 -2.38 40.23 -41.09
N ASN M 314 -2.74 40.68 -42.29
CA ASN M 314 -3.18 39.78 -43.36
C ASN M 314 -2.00 39.50 -44.30
N ILE M 315 -1.05 38.73 -43.79
CA ILE M 315 0.15 38.35 -44.54
C ILE M 315 0.16 36.83 -44.65
N ILE M 316 0.21 36.34 -45.89
CA ILE M 316 0.14 34.91 -46.17
C ILE M 316 1.41 34.52 -46.94
N ALA M 317 2.15 33.58 -46.38
CA ALA M 317 3.31 33.02 -47.06
C ALA M 317 2.91 31.78 -47.85
N SER M 318 3.69 31.48 -48.88
CA SER M 318 3.45 30.31 -49.72
C SER M 318 4.76 29.92 -50.39
N ALA M 319 5.30 28.77 -50.00
CA ALA M 319 6.59 28.29 -50.51
C ALA M 319 6.41 26.91 -51.12
N ALA M 320 6.96 26.71 -52.30
CA ALA M 320 6.77 25.49 -53.06
C ALA M 320 8.01 24.59 -53.01
N LEU M 321 7.99 23.52 -53.80
CA LEU M 321 9.07 22.55 -53.88
C LEU M 321 10.07 22.97 -54.96
N GLU M 322 10.88 22.02 -55.43
CA GLU M 322 12.13 22.27 -56.16
C GLU M 322 11.92 22.97 -57.51
N ASN M 323 10.78 22.76 -58.16
CA ASN M 323 10.58 23.39 -59.47
C ASN M 323 10.25 24.88 -59.39
N ASP M 324 10.06 25.44 -58.19
CA ASP M 324 9.77 26.86 -58.05
C ASP M 324 10.90 27.59 -57.32
N LYS M 325 11.25 27.14 -56.10
CA LYS M 325 12.29 27.69 -55.23
C LYS M 325 12.07 29.17 -54.88
N THR M 326 10.83 29.65 -54.96
CA THR M 326 10.50 31.02 -54.62
C THR M 326 9.32 31.03 -53.65
N ILE M 327 9.08 32.19 -53.05
CA ILE M 327 8.07 32.39 -52.02
C ILE M 327 7.19 33.56 -52.45
N LYS M 328 5.88 33.37 -52.41
CA LYS M 328 4.93 34.37 -52.90
C LYS M 328 4.19 35.01 -51.73
N LEU M 329 4.54 36.26 -51.43
CA LEU M 329 3.92 37.01 -50.34
C LEU M 329 2.57 37.55 -50.81
N TRP M 330 1.50 37.04 -50.21
CA TRP M 330 0.15 37.55 -50.46
C TRP M 330 -0.22 38.54 -49.37
N LYS M 331 -1.05 39.52 -49.72
CA LYS M 331 -1.30 40.65 -48.82
C LYS M 331 -2.64 41.29 -49.17
N SER M 332 -3.44 41.54 -48.14
CA SER M 332 -4.72 42.21 -48.31
C SER M 332 -4.56 43.71 -48.08
N VAL N 287 -49.33 -32.34 -23.54
CA VAL N 287 -48.20 -33.05 -24.12
C VAL N 287 -46.93 -32.73 -23.33
N LEU N 288 -46.17 -33.75 -22.98
CA LEU N 288 -44.95 -33.59 -22.23
C LEU N 288 -43.82 -33.08 -23.12
N LEU N 289 -42.91 -32.30 -22.53
CA LEU N 289 -41.82 -31.68 -23.26
C LEU N 289 -40.68 -32.68 -23.45
N ALA N 290 -39.56 -32.20 -23.98
CA ALA N 290 -38.35 -33.00 -24.13
C ALA N 290 -37.45 -32.82 -22.92
N LEU N 291 -36.41 -33.64 -22.84
CA LEU N 291 -35.53 -33.62 -21.68
C LEU N 291 -34.07 -33.41 -22.04
N HIS N 292 -33.60 -33.96 -23.16
CA HIS N 292 -32.17 -33.92 -23.49
C HIS N 292 -31.85 -33.20 -24.79
N ASP N 293 -32.82 -32.96 -25.65
CA ASP N 293 -32.60 -32.13 -26.85
C ASP N 293 -33.04 -30.69 -26.58
N ARG N 294 -32.52 -30.10 -25.51
CA ARG N 294 -32.98 -28.79 -25.07
C ARG N 294 -31.85 -28.13 -24.29
N ALA N 295 -32.12 -26.90 -23.82
CA ALA N 295 -31.18 -26.16 -23.01
C ALA N 295 -31.65 -26.19 -21.56
N PRO N 296 -30.99 -26.93 -20.67
CA PRO N 296 -31.54 -27.15 -19.32
C PRO N 296 -31.44 -25.95 -18.38
N GLN N 297 -30.74 -24.88 -18.76
CA GLN N 297 -30.58 -23.73 -17.87
C GLN N 297 -31.84 -22.88 -17.78
N LEU N 298 -32.81 -23.09 -18.66
CA LEU N 298 -34.08 -22.37 -18.57
C LEU N 298 -34.93 -22.92 -17.44
N LYS N 299 -35.98 -22.17 -17.12
CA LYS N 299 -36.95 -22.56 -16.10
C LYS N 299 -38.09 -23.30 -16.78
N ILE N 300 -37.84 -24.56 -17.09
CA ILE N 300 -38.91 -25.48 -17.43
C ILE N 300 -39.62 -25.76 -16.11
N SER N 301 -40.74 -25.07 -15.88
CA SER N 301 -41.32 -24.99 -14.55
C SER N 301 -41.95 -26.33 -14.14
N ASP N 302 -42.25 -26.43 -12.85
CA ASP N 302 -42.46 -27.71 -12.18
C ASP N 302 -43.90 -28.18 -12.23
N ASP N 303 -44.67 -27.76 -13.24
CA ASP N 303 -45.97 -28.36 -13.53
C ASP N 303 -45.96 -29.14 -14.85
N ARG N 304 -44.81 -29.16 -15.55
CA ARG N 304 -44.58 -29.86 -16.82
C ARG N 304 -45.49 -29.38 -17.95
N LEU N 305 -46.07 -28.18 -17.80
CA LEU N 305 -46.95 -27.61 -18.83
C LEU N 305 -46.75 -26.11 -18.98
N THR N 306 -45.74 -25.53 -18.34
CA THR N 306 -45.52 -24.09 -18.34
C THR N 306 -44.03 -23.81 -18.39
N VAL N 307 -43.63 -22.87 -19.26
CA VAL N 307 -42.23 -22.56 -19.50
C VAL N 307 -41.95 -21.12 -19.07
N VAL N 308 -40.80 -20.90 -18.44
CA VAL N 308 -40.32 -19.58 -18.04
C VAL N 308 -38.91 -19.41 -18.60
N GLY N 309 -38.65 -18.25 -19.22
CA GLY N 309 -37.36 -18.00 -19.84
C GLY N 309 -36.32 -17.45 -18.88
N GLU N 310 -35.14 -17.19 -19.44
CA GLU N 310 -34.01 -16.63 -18.69
C GLU N 310 -33.30 -15.62 -19.57
N LYS N 311 -32.09 -15.23 -19.16
CA LYS N 311 -31.31 -14.23 -19.86
C LYS N 311 -30.68 -14.85 -21.11
N GLY N 312 -30.98 -14.28 -22.26
CA GLY N 312 -30.42 -14.75 -23.52
C GLY N 312 -31.44 -15.54 -24.32
N TYR N 313 -31.26 -15.55 -25.64
CA TYR N 313 -32.13 -16.27 -26.55
C TYR N 313 -31.65 -17.72 -26.69
N SER N 314 -31.81 -18.47 -25.60
CA SER N 314 -31.57 -19.91 -25.60
C SER N 314 -32.87 -20.57 -26.03
N MET N 315 -32.98 -20.81 -27.33
CA MET N 315 -34.22 -21.28 -27.95
C MET N 315 -34.42 -22.75 -27.62
N VAL N 316 -35.22 -23.02 -26.59
CA VAL N 316 -35.62 -24.39 -26.28
C VAL N 316 -36.63 -24.84 -27.33
N ARG N 317 -36.54 -26.11 -27.74
CA ARG N 317 -37.37 -26.63 -28.81
C ARG N 317 -37.92 -27.99 -28.39
N ALA N 318 -39.21 -28.19 -28.65
CA ALA N 318 -39.90 -29.41 -28.25
C ALA N 318 -39.52 -30.58 -29.17
N SER N 319 -39.95 -31.77 -28.77
CA SER N 319 -39.62 -33.01 -29.48
C SER N 319 -40.74 -33.47 -30.40
N HIS N 320 -41.60 -32.55 -30.85
CA HIS N 320 -42.70 -32.87 -31.76
C HIS N 320 -42.66 -31.87 -32.92
N GLY N 321 -41.82 -32.19 -33.91
CA GLY N 321 -41.68 -31.35 -35.09
C GLY N 321 -42.53 -31.85 -36.24
N VAL N 322 -43.05 -30.91 -37.03
CA VAL N 322 -44.03 -31.23 -38.06
C VAL N 322 -43.32 -31.85 -39.27
N ARG N 323 -43.97 -32.83 -39.88
CA ARG N 323 -43.50 -33.47 -41.11
C ARG N 323 -44.50 -33.33 -42.25
N LYS N 324 -45.75 -33.74 -42.04
CA LYS N 324 -46.79 -33.62 -43.05
C LYS N 324 -48.15 -33.64 -42.35
N GLY N 325 -49.16 -33.19 -43.07
CA GLY N 325 -50.52 -33.21 -42.57
C GLY N 325 -50.98 -31.84 -42.08
N ALA N 326 -51.52 -31.80 -40.86
CA ALA N 326 -52.10 -30.57 -40.34
C ALA N 326 -52.12 -30.66 -38.82
N TRP N 327 -51.33 -29.81 -38.16
CA TRP N 327 -51.20 -29.82 -36.71
C TRP N 327 -51.07 -28.40 -36.19
N TYR N 328 -51.77 -28.09 -35.09
CA TYR N 328 -51.76 -26.74 -34.53
C TYR N 328 -51.90 -26.82 -33.01
N PHE N 329 -51.24 -25.88 -32.33
CA PHE N 329 -51.43 -25.65 -30.91
C PHE N 329 -51.30 -24.16 -30.63
N GLU N 330 -51.48 -23.78 -29.36
CA GLU N 330 -51.46 -22.37 -28.95
C GLU N 330 -50.23 -22.08 -28.11
N ILE N 331 -49.97 -20.79 -27.90
CA ILE N 331 -48.97 -20.30 -26.96
C ILE N 331 -49.72 -19.34 -26.04
N THR N 332 -50.03 -19.79 -24.82
CA THR N 332 -50.90 -19.05 -23.91
C THR N 332 -50.04 -18.22 -22.97
N VAL N 333 -50.12 -16.89 -23.09
CA VAL N 333 -49.37 -15.98 -22.24
C VAL N 333 -50.17 -15.74 -20.96
N ASP N 334 -49.57 -16.09 -19.82
CA ASP N 334 -50.15 -15.78 -18.51
C ASP N 334 -49.40 -14.68 -17.79
N GLU N 335 -48.23 -14.28 -18.29
CA GLU N 335 -47.45 -13.19 -17.71
C GLU N 335 -46.57 -12.60 -18.80
N MET N 336 -46.56 -11.26 -18.90
CA MET N 336 -45.68 -10.57 -19.83
C MET N 336 -45.27 -9.24 -19.22
N PRO N 337 -44.10 -9.18 -18.59
CA PRO N 337 -43.58 -7.90 -18.08
C PRO N 337 -43.09 -7.02 -19.21
N PRO N 338 -42.77 -5.75 -18.93
CA PRO N 338 -42.09 -4.93 -19.94
C PRO N 338 -40.66 -5.41 -20.20
N ASP N 339 -40.10 -4.90 -21.31
CA ASP N 339 -38.75 -5.22 -21.81
C ASP N 339 -38.62 -6.72 -22.09
N THR N 340 -39.72 -7.33 -22.53
CA THR N 340 -39.78 -8.77 -22.79
C THR N 340 -40.13 -9.01 -24.26
N ALA N 341 -39.10 -9.11 -25.09
CA ALA N 341 -39.30 -9.55 -26.47
C ALA N 341 -39.40 -11.06 -26.51
N ALA N 342 -40.40 -11.57 -27.23
CA ALA N 342 -40.63 -13.00 -27.34
C ALA N 342 -40.65 -13.36 -28.82
N ARG N 343 -39.54 -13.88 -29.32
CA ARG N 343 -39.47 -14.36 -30.70
C ARG N 343 -40.20 -15.70 -30.79
N LEU N 344 -41.22 -15.76 -31.63
CA LEU N 344 -42.00 -16.97 -31.82
C LEU N 344 -41.99 -17.36 -33.30
N GLY N 345 -41.89 -18.66 -33.57
CA GLY N 345 -41.76 -19.13 -34.94
C GLY N 345 -41.56 -20.62 -35.01
N TRP N 346 -40.88 -21.05 -36.08
CA TRP N 346 -40.66 -22.46 -36.35
C TRP N 346 -39.25 -22.66 -36.86
N SER N 347 -38.47 -23.47 -36.14
CA SER N 347 -37.06 -23.67 -36.45
C SER N 347 -36.77 -25.16 -36.61
N GLN N 348 -35.81 -25.46 -37.47
CA GLN N 348 -35.49 -26.83 -37.85
C GLN N 348 -34.64 -27.52 -36.78
N PRO N 349 -34.46 -28.84 -36.87
CA PRO N 349 -33.40 -29.49 -36.06
C PRO N 349 -32.00 -29.03 -36.43
N LEU N 350 -31.79 -28.52 -37.65
CA LEU N 350 -30.47 -28.04 -38.04
C LEU N 350 -30.06 -26.77 -37.31
N GLY N 351 -31.01 -26.03 -36.74
CA GLY N 351 -30.67 -24.88 -35.94
C GLY N 351 -30.02 -25.25 -34.62
N ASN N 352 -29.27 -24.31 -34.07
CA ASN N 352 -28.59 -24.51 -32.80
C ASN N 352 -29.60 -24.52 -31.66
N LEU N 353 -29.25 -25.20 -30.56
CA LEU N 353 -30.06 -25.13 -29.35
C LEU N 353 -30.01 -23.74 -28.72
N GLN N 354 -28.92 -23.00 -28.96
CA GLN N 354 -28.74 -21.65 -28.47
C GLN N 354 -28.98 -20.60 -29.55
N ALA N 355 -29.68 -20.97 -30.62
CA ALA N 355 -29.78 -20.12 -31.80
C ALA N 355 -30.73 -18.95 -31.57
N PRO N 356 -30.48 -17.81 -32.23
CA PRO N 356 -31.51 -16.77 -32.30
C PRO N 356 -32.56 -17.17 -33.32
N LEU N 357 -33.82 -17.03 -32.92
CA LEU N 357 -34.91 -17.37 -33.82
C LEU N 357 -35.01 -16.27 -34.87
N GLY N 358 -34.44 -16.53 -36.04
CA GLY N 358 -34.33 -15.53 -37.09
C GLY N 358 -32.90 -15.40 -37.59
N TYR N 359 -32.09 -16.42 -37.30
CA TYR N 359 -30.69 -16.41 -37.69
C TYR N 359 -30.51 -16.67 -39.17
N ASP N 360 -31.14 -17.72 -39.68
CA ASP N 360 -30.84 -18.26 -40.99
C ASP N 360 -32.09 -18.37 -41.85
N LYS N 361 -31.97 -19.09 -42.98
CA LYS N 361 -33.13 -19.41 -43.80
C LYS N 361 -34.05 -20.44 -43.14
N PHE N 362 -33.57 -21.12 -42.11
CA PHE N 362 -34.29 -22.22 -41.47
C PHE N 362 -35.08 -21.77 -40.25
N SER N 363 -35.20 -20.46 -40.02
CA SER N 363 -35.86 -19.95 -38.82
C SER N 363 -36.36 -18.53 -39.08
N TYR N 364 -37.63 -18.29 -38.77
CA TYR N 364 -38.27 -17.00 -38.98
C TYR N 364 -38.09 -16.10 -37.77
N SER N 365 -38.65 -14.90 -37.83
CA SER N 365 -38.56 -13.95 -36.73
C SER N 365 -39.73 -12.98 -36.80
N TRP N 366 -40.01 -12.34 -35.66
CA TRP N 366 -41.05 -11.31 -35.59
C TRP N 366 -40.73 -10.43 -34.38
N ARG N 367 -40.13 -9.26 -34.63
CA ARG N 367 -39.65 -8.41 -33.56
C ARG N 367 -40.80 -7.62 -32.95
N SER N 368 -40.75 -7.44 -31.62
CA SER N 368 -41.76 -6.62 -30.94
C SER N 368 -41.67 -5.15 -31.30
N LYS N 369 -40.48 -4.68 -31.72
CA LYS N 369 -40.28 -3.27 -32.05
C LYS N 369 -40.52 -3.09 -33.55
N LYS N 370 -41.70 -2.56 -33.89
CA LYS N 370 -42.14 -2.22 -35.24
C LYS N 370 -42.20 -3.41 -36.20
N GLY N 371 -42.29 -4.63 -35.67
CA GLY N 371 -42.45 -5.82 -36.50
C GLY N 371 -41.30 -6.12 -37.43
N THR N 372 -40.11 -5.61 -37.12
CA THR N 372 -38.97 -5.64 -38.04
C THR N 372 -38.34 -7.03 -37.99
N LYS N 373 -38.79 -7.91 -38.87
CA LYS N 373 -38.31 -9.28 -38.87
C LYS N 373 -36.93 -9.38 -39.50
N PHE N 374 -36.17 -10.37 -39.07
CA PHE N 374 -34.82 -10.59 -39.55
C PHE N 374 -34.65 -12.05 -39.95
N HIS N 375 -34.15 -12.27 -41.17
CA HIS N 375 -34.13 -13.59 -41.77
C HIS N 375 -33.12 -13.57 -42.91
N GLN N 376 -32.14 -14.47 -42.86
CA GLN N 376 -30.93 -14.46 -43.72
C GLN N 376 -30.17 -13.14 -43.61
N SER N 377 -30.19 -12.53 -42.42
CA SER N 377 -29.60 -11.21 -42.13
C SER N 377 -30.15 -10.13 -43.07
N ILE N 378 -31.47 -9.95 -43.01
CA ILE N 378 -32.18 -8.97 -43.82
C ILE N 378 -33.02 -8.10 -42.89
N GLY N 379 -32.87 -6.79 -43.00
CA GLY N 379 -33.64 -5.85 -42.21
C GLY N 379 -34.82 -5.29 -42.98
N LYS N 380 -36.01 -5.57 -42.48
CA LYS N 380 -37.26 -5.13 -43.12
C LYS N 380 -38.25 -4.73 -42.05
N HIS N 381 -38.54 -3.43 -41.95
CA HIS N 381 -39.62 -2.93 -41.10
C HIS N 381 -40.93 -3.39 -41.72
N TYR N 382 -41.59 -4.37 -41.09
CA TYR N 382 -42.64 -5.10 -41.78
C TYR N 382 -44.02 -4.97 -41.15
N SER N 383 -44.18 -5.25 -39.86
CA SER N 383 -45.50 -5.55 -39.30
C SER N 383 -45.68 -4.82 -37.97
N SER N 384 -46.68 -5.25 -37.20
CA SER N 384 -47.04 -4.64 -35.93
C SER N 384 -46.51 -5.47 -34.76
N GLY N 385 -46.89 -5.10 -33.55
CA GLY N 385 -46.46 -5.76 -32.33
C GLY N 385 -47.51 -6.70 -31.77
N TYR N 386 -47.50 -6.86 -30.44
CA TYR N 386 -48.41 -7.77 -29.77
C TYR N 386 -48.58 -7.33 -28.31
N GLY N 387 -49.80 -7.48 -27.80
CA GLY N 387 -50.16 -7.03 -26.48
C GLY N 387 -49.72 -7.96 -25.37
N GLN N 388 -50.29 -7.73 -24.19
CA GLN N 388 -49.93 -8.44 -22.97
C GLN N 388 -51.04 -9.39 -22.57
N GLY N 389 -50.69 -10.67 -22.37
CA GLY N 389 -51.65 -11.65 -21.92
C GLY N 389 -52.53 -12.21 -23.01
N ASP N 390 -52.16 -12.05 -24.27
CA ASP N 390 -52.94 -12.60 -25.37
C ASP N 390 -52.64 -14.09 -25.54
N VAL N 391 -53.34 -14.71 -26.48
CA VAL N 391 -53.12 -16.11 -26.83
C VAL N 391 -52.42 -16.14 -28.18
N LEU N 392 -51.18 -16.64 -28.19
CA LEU N 392 -50.41 -16.73 -29.42
C LEU N 392 -50.54 -18.14 -30.01
N GLY N 393 -49.86 -18.35 -31.14
CA GLY N 393 -49.91 -19.62 -31.85
C GLY N 393 -49.81 -19.44 -33.35
N PHE N 394 -48.90 -20.17 -33.97
CA PHE N 394 -48.64 -20.08 -35.40
C PHE N 394 -48.97 -21.42 -36.07
N TYR N 395 -49.25 -21.35 -37.37
CA TYR N 395 -49.60 -22.54 -38.13
C TYR N 395 -48.94 -22.48 -39.50
N ILE N 396 -48.55 -23.66 -39.99
CA ILE N 396 -48.06 -23.85 -41.34
C ILE N 396 -48.76 -25.08 -41.93
N ASN N 397 -49.01 -25.05 -43.24
CA ASN N 397 -49.73 -26.13 -43.92
C ASN N 397 -48.83 -26.68 -45.02
N LEU N 398 -48.37 -27.92 -44.86
CA LEU N 398 -47.40 -28.54 -45.76
C LEU N 398 -47.94 -29.86 -46.26
N PRO N 399 -48.61 -29.88 -47.41
CA PRO N 399 -49.14 -31.14 -47.93
C PRO N 399 -48.05 -32.03 -48.50
N GLU N 400 -48.38 -33.31 -48.64
CA GLU N 400 -47.43 -34.31 -49.16
C GLU N 400 -47.26 -34.17 -50.67
N PRO N 443 -43.98 -28.25 -51.28
CA PRO N 443 -45.42 -28.09 -51.47
C PRO N 443 -45.84 -26.63 -51.58
N HIS N 444 -47.10 -26.35 -51.27
CA HIS N 444 -47.59 -24.98 -51.16
C HIS N 444 -47.81 -24.66 -49.69
N SER N 445 -47.34 -23.50 -49.27
CA SER N 445 -47.35 -23.14 -47.86
C SER N 445 -48.38 -22.06 -47.58
N GLU N 446 -48.76 -21.97 -46.30
CA GLU N 446 -49.64 -20.93 -45.79
C GLU N 446 -48.90 -20.32 -44.60
N ILE N 447 -48.04 -19.34 -44.89
CA ILE N 447 -47.17 -18.75 -43.88
C ILE N 447 -47.61 -17.29 -43.71
N ILE N 448 -48.45 -17.06 -42.71
CA ILE N 448 -48.95 -15.74 -42.35
C ILE N 448 -48.83 -15.63 -40.83
N PHE N 449 -48.41 -14.46 -40.33
CA PHE N 449 -48.28 -14.24 -38.89
C PHE N 449 -49.65 -14.34 -38.22
N TYR N 450 -49.89 -15.45 -37.53
CA TYR N 450 -51.21 -15.77 -36.99
C TYR N 450 -51.33 -15.29 -35.55
N LYS N 451 -52.20 -14.31 -35.33
CA LYS N 451 -52.52 -13.84 -33.97
C LYS N 451 -54.03 -13.70 -33.88
N ASN N 452 -54.65 -14.54 -33.04
CA ASN N 452 -56.07 -14.49 -32.68
C ASN N 452 -56.99 -14.66 -33.89
N GLY N 453 -56.53 -15.42 -34.89
CA GLY N 453 -57.28 -15.56 -36.12
C GLY N 453 -57.31 -14.33 -36.99
N VAL N 454 -56.39 -13.39 -36.78
CA VAL N 454 -56.33 -12.12 -37.49
C VAL N 454 -54.98 -12.03 -38.20
N ASN N 455 -55.00 -11.55 -39.44
CA ASN N 455 -53.79 -11.32 -40.22
C ASN N 455 -52.87 -10.32 -39.53
N GLN N 456 -51.59 -10.67 -39.43
CA GLN N 456 -50.56 -9.76 -38.93
C GLN N 456 -49.38 -9.64 -39.90
N GLY N 457 -49.48 -10.22 -41.10
CA GLY N 457 -48.44 -10.12 -42.09
C GLY N 457 -48.15 -11.42 -42.82
N VAL N 458 -48.13 -11.38 -44.14
CA VAL N 458 -47.71 -12.54 -44.93
C VAL N 458 -46.20 -12.66 -44.80
N ALA N 459 -45.73 -13.70 -44.13
CA ALA N 459 -44.33 -13.73 -43.73
C ALA N 459 -43.40 -14.06 -44.89
N TYR N 460 -43.46 -15.30 -45.38
CA TYR N 460 -42.48 -15.77 -46.37
C TYR N 460 -43.15 -16.78 -47.29
N LYS N 461 -42.35 -17.49 -48.08
CA LYS N 461 -42.86 -18.32 -49.17
C LYS N 461 -41.82 -19.34 -49.58
N ASP N 462 -42.30 -20.53 -49.97
CA ASP N 462 -41.55 -21.57 -50.68
C ASP N 462 -40.36 -22.09 -49.86
N ILE N 463 -40.71 -22.76 -48.77
CA ILE N 463 -39.73 -23.50 -47.97
C ILE N 463 -39.49 -24.87 -48.58
N PHE N 464 -38.48 -25.57 -48.10
CA PHE N 464 -38.26 -26.96 -48.46
C PHE N 464 -38.95 -27.88 -47.46
N GLU N 465 -39.08 -29.15 -47.84
CA GLU N 465 -39.70 -30.14 -46.97
C GLU N 465 -38.76 -30.49 -45.83
N GLY N 466 -39.28 -30.50 -44.61
CA GLY N 466 -38.46 -30.82 -43.46
C GLY N 466 -39.22 -30.70 -42.16
N VAL N 467 -38.47 -30.68 -41.06
CA VAL N 467 -39.00 -30.70 -39.71
C VAL N 467 -38.85 -29.30 -39.12
N TYR N 468 -39.89 -28.82 -38.43
CA TYR N 468 -39.85 -27.53 -37.78
C TYR N 468 -40.33 -27.67 -36.34
N PHE N 469 -39.45 -27.33 -35.39
CA PHE N 469 -39.68 -27.48 -33.96
C PHE N 469 -40.45 -26.28 -33.39
N PRO N 470 -41.23 -26.51 -32.32
CA PRO N 470 -41.83 -25.38 -31.60
C PRO N 470 -40.76 -24.55 -30.90
N ALA N 471 -40.61 -23.31 -31.32
CA ALA N 471 -39.51 -22.46 -30.90
C ALA N 471 -39.95 -21.55 -29.77
N ILE N 472 -39.33 -21.70 -28.60
CA ILE N 472 -39.55 -20.82 -27.46
C ILE N 472 -38.21 -20.17 -27.15
N SER N 473 -38.07 -18.90 -27.53
CA SER N 473 -36.86 -18.13 -27.27
C SER N 473 -37.26 -16.81 -26.65
N LEU N 474 -37.01 -16.67 -25.35
CA LEU N 474 -37.49 -15.54 -24.57
C LEU N 474 -36.33 -14.65 -24.15
N TYR N 475 -36.63 -13.40 -23.81
CA TYR N 475 -35.60 -12.47 -23.36
C TYR N 475 -35.53 -12.34 -21.84
N LYS N 476 -36.67 -12.38 -21.15
CA LYS N 476 -36.69 -12.36 -19.70
C LYS N 476 -37.53 -13.51 -19.15
N SER N 477 -37.79 -13.50 -17.85
CA SER N 477 -38.48 -14.61 -17.19
C SER N 477 -40.00 -14.44 -17.23
N CYS N 478 -40.53 -14.22 -18.42
CA CYS N 478 -41.97 -14.10 -18.61
C CYS N 478 -42.61 -15.48 -18.58
N THR N 479 -43.51 -15.69 -17.61
CA THR N 479 -44.13 -16.99 -17.41
C THR N 479 -45.28 -17.14 -18.40
N VAL N 480 -45.11 -18.03 -19.36
CA VAL N 480 -46.13 -18.30 -20.37
C VAL N 480 -46.47 -19.79 -20.32
N SER N 481 -47.75 -20.10 -20.53
CA SER N 481 -48.23 -21.46 -20.55
C SER N 481 -48.39 -21.92 -22.00
N ILE N 482 -48.96 -23.10 -22.20
CA ILE N 482 -49.14 -23.66 -23.53
C ILE N 482 -50.35 -24.60 -23.49
N ASN N 483 -51.18 -24.51 -24.53
CA ASN N 483 -52.42 -25.28 -24.60
C ASN N 483 -52.22 -26.44 -25.55
N PHE N 484 -52.41 -27.66 -25.06
CA PHE N 484 -52.35 -28.86 -25.89
C PHE N 484 -53.71 -29.51 -26.07
N GLY N 485 -54.77 -28.87 -25.60
CA GLY N 485 -56.11 -29.42 -25.74
C GLY N 485 -56.69 -29.12 -27.10
N PRO N 486 -57.59 -29.99 -27.57
CA PRO N 486 -58.25 -29.74 -28.87
C PRO N 486 -59.21 -28.56 -28.83
N CYS N 487 -59.72 -28.21 -27.65
CA CYS N 487 -60.59 -27.04 -27.48
C CYS N 487 -59.75 -25.78 -27.31
N PHE N 488 -59.37 -25.22 -28.46
CA PHE N 488 -58.50 -24.05 -28.48
C PHE N 488 -59.30 -22.78 -28.17
N LYS N 489 -58.60 -21.78 -27.65
CA LYS N 489 -59.28 -20.57 -27.18
C LYS N 489 -59.23 -19.48 -28.24
N TYR N 490 -58.09 -19.33 -28.92
CA TYR N 490 -58.02 -18.54 -30.14
C TYR N 490 -57.31 -19.34 -31.23
N PRO N 491 -58.04 -20.13 -32.00
CA PRO N 491 -57.46 -20.75 -33.20
C PRO N 491 -57.61 -19.84 -34.40
N PRO N 492 -56.94 -20.13 -35.51
CA PRO N 492 -57.28 -19.46 -36.78
C PRO N 492 -58.69 -19.82 -37.22
N LYS N 493 -59.35 -18.86 -37.86
CA LYS N 493 -60.72 -19.07 -38.31
C LYS N 493 -60.74 -20.03 -39.50
N ASP N 494 -61.59 -21.05 -39.41
CA ASP N 494 -61.78 -22.10 -40.44
C ASP N 494 -60.47 -22.81 -40.78
N LEU N 495 -59.91 -23.45 -39.76
CA LEU N 495 -58.63 -24.14 -39.88
C LEU N 495 -58.87 -25.64 -39.99
N THR N 496 -58.20 -26.27 -40.96
CA THR N 496 -58.23 -27.72 -41.12
C THR N 496 -57.04 -28.30 -40.37
N TYR N 497 -57.31 -28.97 -39.25
CA TYR N 497 -56.25 -29.46 -38.39
C TYR N 497 -56.70 -30.77 -37.74
N ARG N 498 -55.85 -31.28 -36.85
CA ARG N 498 -56.05 -32.55 -36.17
C ARG N 498 -55.92 -32.33 -34.67
N PRO N 499 -56.62 -33.15 -33.85
CA PRO N 499 -56.53 -32.96 -32.40
C PRO N 499 -55.19 -33.43 -31.85
N MET N 500 -54.70 -32.69 -30.86
CA MET N 500 -53.35 -32.86 -30.33
C MET N 500 -53.22 -34.01 -29.33
N SER N 501 -54.21 -34.87 -29.20
CA SER N 501 -54.13 -36.02 -28.32
C SER N 501 -53.58 -37.26 -29.01
N ASP N 502 -52.83 -37.09 -30.10
CA ASP N 502 -52.27 -38.20 -30.86
C ASP N 502 -50.77 -38.14 -31.03
N MET N 503 -50.13 -37.01 -30.70
CA MET N 503 -48.68 -36.90 -30.75
C MET N 503 -48.02 -37.13 -29.41
N GLY N 504 -48.75 -36.96 -28.30
CA GLY N 504 -48.20 -37.15 -26.97
C GLY N 504 -49.14 -36.74 -25.86
N MET O 1 -45.56 37.55 24.54
CA MET O 1 -44.27 38.05 24.08
C MET O 1 -43.72 37.21 22.93
N GLN O 2 -43.80 37.76 21.72
CA GLN O 2 -43.33 37.05 20.53
C GLN O 2 -41.98 37.66 20.12
N ILE O 3 -40.92 37.13 20.72
CA ILE O 3 -39.56 37.49 20.33
C ILE O 3 -39.18 36.67 19.11
N PHE O 4 -38.09 37.05 18.44
CA PHE O 4 -37.68 36.38 17.21
C PHE O 4 -36.26 35.81 17.37
N VAL O 5 -35.96 34.82 16.53
CA VAL O 5 -34.63 34.23 16.43
C VAL O 5 -34.29 34.14 14.94
N LYS O 6 -33.30 34.92 14.50
CA LYS O 6 -32.81 34.87 13.14
C LYS O 6 -31.44 34.20 13.12
N THR O 7 -31.26 33.23 12.23
CA THR O 7 -30.00 32.53 12.11
C THR O 7 -29.08 33.27 11.14
N LEU O 8 -27.91 32.67 10.88
CA LEU O 8 -26.92 33.26 9.99
C LEU O 8 -27.29 33.10 8.51
N THR O 9 -28.16 32.14 8.19
CA THR O 9 -28.57 31.95 6.81
C THR O 9 -29.54 33.02 6.34
N GLY O 10 -30.44 33.46 7.22
CA GLY O 10 -31.41 34.48 6.87
C GLY O 10 -32.85 34.06 7.10
N LYS O 11 -33.05 33.11 8.01
CA LYS O 11 -34.37 32.60 8.34
C LYS O 11 -34.73 33.00 9.77
N THR O 12 -35.95 33.48 9.97
CA THR O 12 -36.43 33.94 11.26
C THR O 12 -37.59 33.06 11.71
N ILE O 13 -37.54 32.58 12.94
CA ILE O 13 -38.60 31.77 13.50
C ILE O 13 -39.61 32.68 14.20
N THR O 14 -40.86 32.24 14.25
CA THR O 14 -41.95 33.00 14.86
C THR O 14 -42.48 32.20 16.05
N LEU O 15 -41.97 32.49 17.24
CA LEU O 15 -42.33 31.76 18.45
C LEU O 15 -43.24 32.63 19.30
N GLU O 16 -44.47 32.17 19.50
CA GLU O 16 -45.49 32.92 20.23
C GLU O 16 -45.52 32.48 21.70
N VAL O 17 -44.36 32.61 22.34
CA VAL O 17 -44.15 32.12 23.70
C VAL O 17 -44.69 33.12 24.72
N GLU O 18 -44.74 32.69 25.98
CA GLU O 18 -45.11 33.53 27.10
C GLU O 18 -43.86 34.18 27.69
N PRO O 19 -43.99 35.27 28.48
CA PRO O 19 -42.81 35.87 29.11
C PRO O 19 -42.25 35.10 30.30
N SER O 20 -42.78 33.91 30.59
CA SER O 20 -42.33 33.09 31.70
C SER O 20 -42.23 31.62 31.29
N ASP O 21 -41.68 31.38 30.11
CA ASP O 21 -41.51 30.02 29.59
C ASP O 21 -40.07 29.56 29.75
N THR O 22 -39.86 28.26 29.52
CA THR O 22 -38.58 27.61 29.69
C THR O 22 -37.88 27.41 28.34
N ILE O 23 -36.79 26.66 28.35
CA ILE O 23 -35.97 26.44 27.15
C ILE O 23 -36.31 25.11 26.47
N GLU O 24 -36.43 24.04 27.26
CA GLU O 24 -36.74 22.73 26.70
C GLU O 24 -38.16 22.67 26.11
N ASN O 25 -39.06 23.52 26.60
CA ASN O 25 -40.37 23.66 25.97
C ASN O 25 -40.24 24.25 24.57
N VAL O 26 -39.35 25.24 24.41
CA VAL O 26 -39.06 25.79 23.09
C VAL O 26 -38.39 24.74 22.20
N LYS O 27 -37.54 23.91 22.79
CA LYS O 27 -36.90 22.82 22.06
C LYS O 27 -37.91 21.81 21.54
N ALA O 28 -38.89 21.45 22.37
CA ALA O 28 -39.94 20.52 21.95
C ALA O 28 -40.87 21.14 20.92
N LYS O 29 -41.14 22.44 21.03
CA LYS O 29 -41.96 23.11 20.02
C LYS O 29 -41.24 23.19 18.68
N ILE O 30 -39.92 23.42 18.69
CA ILE O 30 -39.15 23.44 17.45
C ILE O 30 -39.03 22.04 16.87
N GLN O 31 -38.93 21.01 17.72
CA GLN O 31 -38.99 19.63 17.24
C GLN O 31 -40.33 19.30 16.61
N ASP O 32 -41.41 19.88 17.12
CA ASP O 32 -42.73 19.66 16.53
C ASP O 32 -42.88 20.40 15.20
N LYS O 33 -42.40 21.65 15.12
CA LYS O 33 -42.72 22.47 13.96
C LYS O 33 -41.70 22.33 12.82
N GLU O 34 -40.45 21.99 13.10
CA GLU O 34 -39.41 22.01 12.07
C GLU O 34 -38.77 20.66 11.81
N GLY O 35 -38.59 19.82 12.83
CA GLY O 35 -37.83 18.60 12.70
C GLY O 35 -36.35 18.75 12.97
N ILE O 36 -35.88 19.97 13.18
CA ILE O 36 -34.48 20.21 13.53
C ILE O 36 -34.23 19.72 14.95
N PRO O 37 -33.15 18.98 15.20
CA PRO O 37 -32.90 18.49 16.56
C PRO O 37 -32.48 19.63 17.48
N PRO O 38 -32.76 19.52 18.79
CA PRO O 38 -32.43 20.62 19.71
C PRO O 38 -31.01 20.61 20.23
N ASP O 39 -30.12 19.86 19.59
CA ASP O 39 -28.74 19.72 20.03
C ASP O 39 -27.82 20.84 19.57
N GLN O 40 -28.37 21.95 19.06
CA GLN O 40 -27.54 23.04 18.57
C GLN O 40 -28.10 24.42 18.92
N GLN O 41 -29.12 24.50 19.77
CA GLN O 41 -29.84 25.76 19.98
C GLN O 41 -29.11 26.61 21.03
N ARG O 42 -28.00 27.20 20.58
CA ARG O 42 -27.23 28.14 21.39
C ARG O 42 -27.63 29.56 21.00
N LEU O 43 -28.47 30.18 21.83
CA LEU O 43 -28.98 31.50 21.53
C LEU O 43 -28.08 32.58 22.11
N ILE O 44 -27.95 33.68 21.39
CA ILE O 44 -27.00 34.74 21.71
C ILE O 44 -27.77 36.00 22.07
N PHE O 45 -27.55 36.50 23.29
CA PHE O 45 -28.17 37.73 23.78
C PHE O 45 -27.05 38.69 24.15
N ALA O 46 -26.81 39.68 23.28
CA ALA O 46 -25.77 40.71 23.41
C ALA O 46 -24.37 40.09 23.56
N GLY O 47 -24.13 39.01 22.81
CA GLY O 47 -22.85 38.35 22.84
C GLY O 47 -22.69 37.29 23.91
N LYS O 48 -23.59 37.24 24.89
CA LYS O 48 -23.47 36.32 26.00
C LYS O 48 -24.14 34.99 25.68
N GLN O 49 -23.48 33.90 26.06
CA GLN O 49 -24.02 32.56 25.90
C GLN O 49 -25.18 32.34 26.84
N LEU O 50 -26.39 32.19 26.29
CA LEU O 50 -27.55 31.89 27.10
C LEU O 50 -27.48 30.45 27.58
N GLU O 51 -27.61 30.25 28.89
CA GLU O 51 -27.53 28.92 29.47
C GLU O 51 -28.81 28.15 29.17
N ASP O 52 -28.68 26.84 29.01
CA ASP O 52 -29.82 26.01 28.59
C ASP O 52 -30.81 25.78 29.72
N GLY O 53 -30.38 25.87 30.97
CA GLY O 53 -31.30 25.74 32.09
C GLY O 53 -31.81 27.06 32.61
N ARG O 54 -32.53 27.82 31.79
CA ARG O 54 -33.00 29.16 32.14
C ARG O 54 -34.47 29.31 31.78
N THR O 55 -35.01 30.49 32.08
CA THR O 55 -36.31 30.96 31.62
C THR O 55 -36.14 32.32 30.96
N LEU O 56 -37.26 32.90 30.49
CA LEU O 56 -37.22 34.16 29.77
C LEU O 56 -37.30 35.38 30.69
N SER O 57 -37.63 35.19 31.96
CA SER O 57 -37.73 36.27 32.93
C SER O 57 -36.48 36.38 33.80
N ASP O 58 -35.32 36.08 33.22
CA ASP O 58 -34.06 36.01 33.94
C ASP O 58 -33.01 36.99 33.44
N TYR O 59 -32.90 37.15 32.12
CA TYR O 59 -31.87 37.98 31.51
C TYR O 59 -32.34 39.40 31.23
N ASN O 60 -33.51 39.78 31.79
CA ASN O 60 -34.21 41.03 31.49
C ASN O 60 -34.42 41.19 29.99
N ILE O 61 -35.14 40.22 29.43
CA ILE O 61 -35.29 40.11 27.99
C ILE O 61 -36.42 41.04 27.55
N GLN O 62 -36.11 41.98 26.66
CA GLN O 62 -37.10 42.88 26.10
C GLN O 62 -38.04 42.11 25.17
N LYS O 63 -39.30 42.53 25.13
CA LYS O 63 -40.28 41.88 24.28
C LYS O 63 -40.02 42.18 22.81
N GLU O 64 -40.35 41.19 21.96
CA GLU O 64 -40.16 41.22 20.50
C GLU O 64 -38.72 41.53 20.11
N SER O 65 -37.77 40.95 20.84
CA SER O 65 -36.36 41.16 20.58
C SER O 65 -35.90 40.21 19.48
N THR O 66 -34.58 40.09 19.31
CA THR O 66 -34.01 39.17 18.32
C THR O 66 -32.85 38.42 18.94
N LEU O 67 -32.97 37.10 18.99
CA LEU O 67 -31.89 36.20 19.37
C LEU O 67 -31.35 35.54 18.10
N HIS O 68 -30.37 34.66 18.26
CA HIS O 68 -29.67 34.10 17.10
C HIS O 68 -29.31 32.65 17.38
N LEU O 69 -29.74 31.75 16.50
CA LEU O 69 -29.47 30.32 16.64
C LEU O 69 -28.29 29.96 15.72
N VAL O 70 -27.24 29.39 16.32
CA VAL O 70 -26.01 29.07 15.60
C VAL O 70 -25.89 27.55 15.54
N LEU O 71 -25.79 27.01 14.33
CA LEU O 71 -25.69 25.56 14.15
C LEU O 71 -24.31 25.07 14.60
N ARG O 72 -24.28 23.85 15.12
CA ARG O 72 -23.05 23.16 15.46
C ARG O 72 -23.06 21.78 14.84
N LEU O 73 -21.87 21.21 14.68
CA LEU O 73 -21.69 19.93 14.00
C LEU O 73 -20.87 18.99 14.86
N ARG O 74 -21.38 17.77 15.06
CA ARG O 74 -20.61 16.69 15.65
C ARG O 74 -21.24 15.37 15.19
N GLY O 75 -20.39 14.38 14.91
CA GLY O 75 -20.85 13.04 14.65
C GLY O 75 -19.98 12.30 13.66
N CYS O 76 -19.51 11.12 14.06
CA CYS O 76 -18.53 10.37 13.29
C CYS O 76 -18.98 8.93 13.06
#